data_6NJO
#
_entry.id   6NJO
#
_cell.length_a   1
_cell.length_b   1
_cell.length_c   1
_cell.angle_alpha   90
_cell.angle_beta   90
_cell.angle_gamma   90
#
_symmetry.space_group_name_H-M   'P 1'
#
loop_
_entity.id
_entity.type
_entity.pdbx_description
1 polymer 'Translocator EscN'
2 non-polymer "ADENOSINE-5'-DIPHOSPHATE"
3 non-polymer 'MAGNESIUM ION'
4 non-polymer 'ALUMINUM FLUORIDE'
5 water water
#
_entity_poly.entity_id   1
_entity_poly.type   'polypeptide(L)'
_entity_poly.pdbx_seq_one_letter_code
;GSHMISEHDSVLEKYPRIQKVLNSTVPALSLNSSTRYEGKIINIGGTIIKARLPKARIGAFYKIEPSQRLAEVIAIDEDE
VFLLPFEHVSGMYCGQWLSYQGDEFKIRVGDALLGRLIDGIGRPMESNIVAPYLPFERSLYAEPPDPLLRQVIDQPFILG
VRAIDGLLTCGIGQRIGIFAGSGVGKSTLLGMICNGASADIIVLALIGERGREVNEFLALLPQSTLSKCVLVVTTSDRPA
LERMKAAFTATTIAEYFRDQGKNVLLMMDSVTRYARAARDVGLASGEPDVRGGFPPSVFSSLPKLLERAGPAPKGSITAI
YTVLLESDNVNDPIGDEVRSILDGHIVLTRELAEENHFPAIDIGLSASRVMHNVVTSEHLRAAAECKKLIATYKNVELLI
RIGEYTMGQDPEADKAIKNRKLIQNFIQQSTKDISSYEKTIESLFKVVA
;
_entity_poly.pdbx_strand_id   A,B,C,D,E,F
#
# COMPACT_ATOMS: atom_id res chain seq x y z
N GLU A 38 -23.70 20.71 -35.88
CA GLU A 38 -22.93 20.61 -34.66
C GLU A 38 -23.56 19.58 -33.75
N GLY A 39 -23.53 19.85 -32.44
CA GLY A 39 -24.08 18.89 -31.50
C GLY A 39 -24.36 19.54 -30.17
N LYS A 40 -24.99 18.75 -29.30
CA LYS A 40 -25.39 19.22 -27.98
C LYS A 40 -24.93 18.19 -26.95
N ILE A 41 -24.91 18.60 -25.69
CA ILE A 41 -24.39 17.76 -24.62
C ILE A 41 -25.43 16.68 -24.29
N ILE A 42 -24.99 15.43 -24.27
CA ILE A 42 -25.87 14.34 -23.87
C ILE A 42 -25.92 14.20 -22.36
N ASN A 43 -24.77 14.03 -21.73
CA ASN A 43 -24.76 13.95 -20.28
C ASN A 43 -23.47 14.53 -19.72
N ILE A 44 -23.52 14.88 -18.45
CA ILE A 44 -22.36 15.33 -17.69
C ILE A 44 -22.17 14.34 -16.55
N GLY A 45 -21.07 13.61 -16.57
CA GLY A 45 -20.78 12.68 -15.51
C GLY A 45 -19.91 13.29 -14.44
N GLY A 46 -20.13 14.56 -14.15
CA GLY A 46 -19.35 15.27 -13.16
C GLY A 46 -18.17 16.00 -13.76
N THR A 47 -17.23 15.27 -14.34
CA THR A 47 -16.01 15.85 -14.86
C THR A 47 -15.91 15.77 -16.38
N ILE A 48 -16.11 14.59 -16.94
CA ILE A 48 -16.07 14.36 -18.38
C ILE A 48 -17.51 14.42 -18.91
N ILE A 49 -17.68 15.01 -20.08
CA ILE A 49 -19.01 15.17 -20.67
C ILE A 49 -19.04 14.45 -22.01
N LYS A 50 -20.25 14.19 -22.50
CA LYS A 50 -20.45 13.48 -23.75
C LYS A 50 -21.40 14.26 -24.63
N ALA A 51 -21.11 14.31 -25.93
CA ALA A 51 -21.91 15.11 -26.84
C ALA A 51 -21.96 14.44 -28.20
N ARG A 52 -23.11 14.53 -28.86
CA ARG A 52 -23.27 13.91 -30.17
C ARG A 52 -22.77 14.85 -31.25
N LEU A 53 -21.50 14.71 -31.63
CA LEU A 53 -20.99 15.39 -32.82
C LEU A 53 -20.52 14.33 -33.79
N PRO A 54 -21.25 14.08 -34.88
CA PRO A 54 -20.84 13.03 -35.82
C PRO A 54 -19.71 13.49 -36.72
N LYS A 55 -18.76 12.56 -36.96
CA LYS A 55 -17.52 12.80 -37.71
C LYS A 55 -16.74 13.97 -37.13
N ALA A 56 -16.69 14.04 -35.80
CA ALA A 56 -15.87 15.00 -35.10
C ALA A 56 -14.48 14.42 -34.89
N ARG A 57 -13.45 15.20 -35.20
CA ARG A 57 -12.10 14.70 -35.08
C ARG A 57 -11.65 14.73 -33.62
N ILE A 58 -10.41 14.33 -33.40
CA ILE A 58 -9.84 14.31 -32.06
C ILE A 58 -8.72 15.34 -32.02
N GLY A 59 -8.54 15.94 -30.85
CA GLY A 59 -7.71 17.10 -30.70
C GLY A 59 -8.41 18.42 -30.95
N ALA A 60 -9.59 18.40 -31.59
CA ALA A 60 -10.30 19.63 -31.94
C ALA A 60 -10.88 20.30 -30.70
N PHE A 61 -11.09 21.61 -30.80
CA PHE A 61 -11.58 22.38 -29.67
C PHE A 61 -12.91 23.04 -30.03
N TYR A 62 -13.88 22.89 -29.13
CA TYR A 62 -15.27 23.24 -29.36
C TYR A 62 -15.72 24.33 -28.40
N LYS A 63 -16.58 25.20 -28.89
CA LYS A 63 -16.99 26.39 -28.18
C LYS A 63 -18.39 26.20 -27.63
N ILE A 64 -18.52 26.30 -26.31
CA ILE A 64 -19.83 26.30 -25.67
C ILE A 64 -20.56 27.59 -26.05
N GLU A 65 -21.85 27.48 -26.36
CA GLU A 65 -22.58 28.64 -26.87
C GLU A 65 -23.13 29.67 -25.87
N PRO A 66 -23.55 29.33 -24.64
CA PRO A 66 -23.91 30.42 -23.71
C PRO A 66 -22.72 31.22 -23.22
N SER A 67 -21.57 30.60 -23.01
CA SER A 67 -20.48 31.28 -22.35
C SER A 67 -19.21 31.29 -23.18
N GLN A 68 -18.13 31.83 -22.62
CA GLN A 68 -16.83 31.85 -23.27
C GLN A 68 -15.95 30.79 -22.59
N ARG A 69 -16.16 29.54 -22.99
CA ARG A 69 -15.48 28.40 -22.38
C ARG A 69 -15.23 27.36 -23.45
N LEU A 70 -13.96 27.09 -23.76
CA LEU A 70 -13.58 26.07 -24.72
C LEU A 70 -13.43 24.73 -24.02
N ALA A 71 -13.42 23.66 -24.82
CA ALA A 71 -13.34 22.31 -24.27
C ALA A 71 -12.78 21.35 -25.32
N GLU A 72 -12.17 20.27 -24.86
CA GLU A 72 -11.27 19.45 -25.67
C GLU A 72 -11.81 18.03 -25.83
N VAL A 73 -11.82 17.52 -27.06
CA VAL A 73 -12.17 16.11 -27.27
C VAL A 73 -10.99 15.23 -26.88
N ILE A 74 -11.28 14.09 -26.26
CA ILE A 74 -10.22 13.17 -25.83
C ILE A 74 -10.47 11.73 -26.27
N ALA A 75 -11.69 11.32 -26.58
CA ALA A 75 -11.98 9.98 -27.04
C ALA A 75 -13.25 10.02 -27.88
N ILE A 76 -13.31 9.20 -28.92
CA ILE A 76 -14.40 9.24 -29.88
C ILE A 76 -15.10 7.89 -29.85
N ASP A 77 -16.43 7.91 -29.77
CA ASP A 77 -17.25 6.74 -29.99
C ASP A 77 -17.96 6.85 -31.34
N GLU A 78 -18.98 6.03 -31.55
CA GLU A 78 -19.61 5.87 -32.86
C GLU A 78 -20.23 7.17 -33.37
N ASP A 79 -21.13 7.76 -32.59
CA ASP A 79 -21.61 9.09 -32.93
C ASP A 79 -21.73 9.97 -31.69
N GLU A 80 -21.03 9.63 -30.61
CA GLU A 80 -21.20 10.30 -29.32
C GLU A 80 -19.82 10.46 -28.70
N VAL A 81 -19.21 11.61 -28.94
CA VAL A 81 -17.82 11.80 -28.55
C VAL A 81 -17.75 12.15 -27.08
N PHE A 82 -16.67 11.72 -26.44
CA PHE A 82 -16.30 12.24 -25.14
C PHE A 82 -15.62 13.58 -25.32
N LEU A 83 -15.69 14.40 -24.29
CA LEU A 83 -15.25 15.77 -24.38
C LEU A 83 -15.00 16.26 -22.97
N LEU A 84 -14.01 17.11 -22.82
CA LEU A 84 -13.44 17.42 -21.51
C LEU A 84 -13.54 18.91 -21.29
N PRO A 85 -14.36 19.36 -20.34
CA PRO A 85 -14.35 20.75 -19.94
C PRO A 85 -13.30 20.99 -18.86
N PHE A 86 -12.89 22.25 -18.74
CA PHE A 86 -11.95 22.56 -17.67
C PHE A 86 -12.36 23.76 -16.82
N GLU A 87 -13.05 24.73 -17.42
CA GLU A 87 -13.27 25.99 -16.71
C GLU A 87 -14.36 25.85 -15.65
N HIS A 88 -15.56 25.46 -16.07
CA HIS A 88 -16.71 25.46 -15.17
C HIS A 88 -17.71 24.44 -15.68
N VAL A 89 -18.35 23.72 -14.75
CA VAL A 89 -19.21 22.59 -15.08
C VAL A 89 -20.67 22.82 -14.68
N SER A 90 -20.94 23.71 -13.72
CA SER A 90 -22.25 23.73 -13.05
C SER A 90 -23.35 24.31 -13.93
N GLY A 91 -23.06 25.34 -14.71
CA GLY A 91 -24.14 25.91 -15.50
C GLY A 91 -24.43 25.20 -16.81
N MET A 92 -24.74 23.90 -16.77
CA MET A 92 -24.85 23.09 -17.97
C MET A 92 -26.19 22.38 -18.06
N TYR A 93 -26.60 22.13 -19.30
CA TYR A 93 -27.92 21.63 -19.67
C TYR A 93 -27.81 20.15 -20.05
N CYS A 94 -28.90 19.63 -20.61
CA CYS A 94 -28.88 18.52 -21.56
C CYS A 94 -29.36 19.13 -22.88
N GLY A 95 -28.42 19.63 -23.68
CA GLY A 95 -28.80 20.31 -24.89
C GLY A 95 -28.03 21.59 -25.13
N GLN A 96 -26.97 21.79 -24.37
CA GLN A 96 -26.13 22.96 -24.55
C GLN A 96 -25.24 22.75 -25.78
N TRP A 97 -25.14 23.75 -26.63
CA TRP A 97 -24.58 23.51 -27.94
C TRP A 97 -23.06 23.61 -27.93
N LEU A 98 -22.46 23.18 -29.04
CA LEU A 98 -21.03 23.30 -29.30
C LEU A 98 -20.84 24.16 -30.54
N SER A 99 -19.59 24.32 -30.96
CA SER A 99 -19.28 24.99 -32.23
C SER A 99 -17.89 24.57 -32.69
N TYR A 100 -17.78 24.18 -33.96
CA TYR A 100 -16.51 23.73 -34.52
C TYR A 100 -15.59 24.92 -34.78
N GLN A 101 -14.32 24.76 -34.46
CA GLN A 101 -13.33 25.81 -34.73
C GLN A 101 -12.20 25.36 -35.62
N GLY A 102 -11.49 24.29 -35.26
CA GLY A 102 -10.31 23.90 -36.00
C GLY A 102 -10.05 22.42 -35.91
N ASP A 103 -9.05 21.98 -36.65
CA ASP A 103 -8.63 20.58 -36.61
C ASP A 103 -8.05 20.22 -35.24
N GLU A 104 -7.19 21.07 -34.71
CA GLU A 104 -6.82 21.04 -33.30
C GLU A 104 -6.45 22.47 -32.90
N PHE A 105 -5.95 22.63 -31.69
CA PHE A 105 -5.76 23.95 -31.12
C PHE A 105 -4.43 24.54 -31.57
N LYS A 106 -4.44 25.84 -31.84
CA LYS A 106 -3.31 26.58 -32.38
C LYS A 106 -3.13 27.84 -31.54
N ILE A 107 -1.92 28.37 -31.50
CA ILE A 107 -1.66 29.65 -30.85
C ILE A 107 -1.08 30.61 -31.87
N ARG A 108 -0.99 31.87 -31.46
CA ARG A 108 -0.49 32.95 -32.30
C ARG A 108 0.92 33.31 -31.84
N VAL A 109 1.92 32.99 -32.65
CA VAL A 109 3.29 33.31 -32.31
C VAL A 109 3.75 34.39 -33.28
N GLY A 110 4.74 35.16 -32.84
CA GLY A 110 5.28 36.21 -33.67
C GLY A 110 6.50 36.79 -33.02
N ASP A 111 7.21 37.62 -33.77
CA ASP A 111 8.42 38.26 -33.27
C ASP A 111 8.15 39.36 -32.25
N ALA A 112 6.90 39.79 -32.11
CA ALA A 112 6.52 40.88 -31.22
C ALA A 112 6.03 40.38 -29.88
N LEU A 113 6.57 39.27 -29.38
CA LEU A 113 6.18 38.74 -28.08
C LEU A 113 7.10 39.19 -26.95
N LEU A 114 8.12 39.99 -27.23
CA LEU A 114 9.11 40.30 -26.21
C LEU A 114 8.55 41.28 -25.19
N GLY A 115 8.64 40.92 -23.92
CA GLY A 115 8.12 41.75 -22.86
C GLY A 115 6.64 41.62 -22.63
N ARG A 116 6.10 40.40 -22.69
CA ARG A 116 4.68 40.17 -22.57
C ARG A 116 4.40 39.22 -21.42
N LEU A 117 3.12 39.05 -21.12
CA LEU A 117 2.62 38.02 -20.24
C LEU A 117 1.54 37.26 -21.00
N ILE A 118 1.75 35.97 -21.20
CA ILE A 118 0.89 35.15 -22.04
C ILE A 118 0.24 34.08 -21.18
N ASP A 119 -1.04 33.83 -21.39
CA ASP A 119 -1.73 32.74 -20.72
C ASP A 119 -1.26 31.41 -21.30
N GLY A 120 -1.51 30.34 -20.54
CA GLY A 120 -1.19 29.00 -21.00
C GLY A 120 -1.99 28.55 -22.20
N ILE A 121 -3.17 29.13 -22.40
CA ILE A 121 -3.90 28.97 -23.65
C ILE A 121 -3.12 29.60 -24.80
N GLY A 122 -2.52 30.76 -24.56
CA GLY A 122 -1.80 31.46 -25.60
C GLY A 122 -2.29 32.89 -25.70
N ARG A 123 -3.32 33.19 -24.92
CA ARG A 123 -3.88 34.53 -24.87
C ARG A 123 -2.92 35.47 -24.15
N PRO A 124 -2.81 36.72 -24.60
CA PRO A 124 -2.02 37.70 -23.84
C PRO A 124 -2.76 38.14 -22.59
N MET A 125 -2.09 38.02 -21.44
CA MET A 125 -2.74 38.27 -20.17
C MET A 125 -2.95 39.75 -19.91
N GLU A 126 -1.99 40.59 -20.28
CA GLU A 126 -2.08 42.02 -20.03
C GLU A 126 -3.07 42.63 -21.00
N SER A 127 -4.25 42.98 -20.50
CA SER A 127 -5.30 43.54 -21.32
C SER A 127 -5.17 45.05 -21.50
N ASN A 128 -4.21 45.68 -20.83
CA ASN A 128 -4.00 47.12 -20.95
C ASN A 128 -3.37 47.52 -22.28
N ILE A 129 -2.73 46.59 -22.98
CA ILE A 129 -2.15 46.86 -24.28
C ILE A 129 -2.91 46.07 -25.33
N VAL A 130 -2.57 46.24 -26.59
CA VAL A 130 -3.19 45.50 -27.69
C VAL A 130 -2.19 44.45 -28.16
N ALA A 131 -2.70 43.26 -28.49
CA ALA A 131 -1.87 42.19 -29.01
C ALA A 131 -1.40 42.58 -30.40
N PRO A 132 -0.10 42.67 -30.66
CA PRO A 132 0.38 43.27 -31.91
C PRO A 132 0.19 42.39 -33.14
N TYR A 133 0.77 42.81 -34.25
CA TYR A 133 0.70 42.01 -35.46
C TYR A 133 1.54 40.76 -35.28
N LEU A 134 0.90 39.67 -34.86
CA LEU A 134 1.48 38.37 -34.62
C LEU A 134 1.06 37.45 -35.76
N PRO A 135 1.88 37.34 -36.82
CA PRO A 135 1.37 36.73 -38.05
C PRO A 135 1.40 35.20 -38.09
N PHE A 136 2.24 34.55 -37.32
CA PHE A 136 2.46 33.12 -37.50
C PHE A 136 1.49 32.29 -36.68
N GLU A 137 1.44 30.99 -37.00
CA GLU A 137 0.35 30.12 -36.57
C GLU A 137 0.94 28.74 -36.31
N ARG A 138 1.27 28.47 -35.06
CA ARG A 138 1.90 27.21 -34.68
C ARG A 138 0.93 26.37 -33.87
N SER A 139 1.12 25.06 -33.92
CA SER A 139 0.40 24.15 -33.05
C SER A 139 1.22 23.91 -31.80
N LEU A 140 0.58 23.29 -30.81
CA LEU A 140 1.25 23.02 -29.55
C LEU A 140 2.11 21.77 -29.57
N TYR A 141 1.98 20.91 -30.57
CA TYR A 141 2.57 19.59 -30.57
C TYR A 141 3.44 19.44 -31.80
N ALA A 142 4.76 19.54 -31.62
CA ALA A 142 5.71 19.37 -32.70
C ALA A 142 6.61 18.19 -32.42
N GLU A 143 7.37 17.81 -33.41
CA GLU A 143 8.31 16.75 -33.13
C GLU A 143 9.68 17.33 -32.82
N PRO A 144 10.49 16.63 -32.03
CA PRO A 144 11.88 17.01 -31.88
C PRO A 144 12.65 16.75 -33.16
N PRO A 145 13.79 17.38 -33.37
CA PRO A 145 14.53 17.23 -34.63
C PRO A 145 15.08 15.83 -34.82
N ASP A 146 15.49 15.57 -36.06
CA ASP A 146 16.15 14.33 -36.43
C ASP A 146 17.44 14.20 -35.61
N PRO A 147 17.66 13.08 -34.91
CA PRO A 147 18.87 12.97 -34.08
C PRO A 147 20.17 12.97 -34.86
N LEU A 148 20.14 12.65 -36.15
CA LEU A 148 21.33 12.81 -36.96
C LEU A 148 21.65 14.28 -37.21
N LEU A 149 20.61 15.11 -37.30
CA LEU A 149 20.82 16.54 -37.52
C LEU A 149 21.14 17.25 -36.22
N ARG A 150 20.53 16.83 -35.12
CA ARG A 150 20.87 17.32 -33.79
C ARG A 150 22.25 16.83 -33.43
N GLN A 151 23.24 17.71 -33.53
CA GLN A 151 24.64 17.31 -33.41
C GLN A 151 25.16 17.60 -32.02
N VAL A 152 26.44 17.27 -31.81
CA VAL A 152 27.05 17.25 -30.48
C VAL A 152 27.18 18.67 -29.96
N ILE A 153 26.90 18.86 -28.67
CA ILE A 153 27.04 20.16 -28.04
C ILE A 153 28.46 20.33 -27.50
N ASP A 154 29.07 21.46 -27.85
CA ASP A 154 30.52 21.58 -27.86
C ASP A 154 31.02 22.83 -27.15
N GLN A 155 30.21 23.89 -27.13
CA GLN A 155 30.71 25.13 -26.55
C GLN A 155 29.99 25.46 -25.26
N PRO A 156 30.67 26.06 -24.27
CA PRO A 156 30.03 26.29 -22.98
C PRO A 156 28.99 27.40 -23.03
N PHE A 157 28.02 27.28 -22.14
CA PHE A 157 26.99 28.30 -21.95
C PHE A 157 27.37 29.10 -20.72
N ILE A 158 27.53 30.40 -20.89
CA ILE A 158 27.92 31.26 -19.78
C ILE A 158 26.69 31.56 -18.94
N LEU A 159 26.80 31.37 -17.64
CA LEU A 159 25.61 31.37 -16.81
C LEU A 159 25.62 32.43 -15.72
N GLY A 160 26.76 32.72 -15.13
CA GLY A 160 26.88 33.78 -14.17
C GLY A 160 27.21 33.31 -12.77
N VAL A 161 26.54 32.24 -12.33
CA VAL A 161 26.79 31.70 -11.00
C VAL A 161 28.10 30.93 -11.03
N ARG A 162 29.02 31.29 -10.13
CA ARG A 162 30.37 30.71 -10.14
C ARG A 162 30.37 29.22 -9.81
N ALA A 163 29.36 28.71 -9.12
CA ALA A 163 29.33 27.28 -8.85
C ALA A 163 28.96 26.49 -10.10
N ILE A 164 27.99 26.98 -10.87
CA ILE A 164 27.51 26.23 -12.02
C ILE A 164 28.39 26.52 -13.23
N ASP A 165 29.33 27.44 -13.10
CA ASP A 165 30.11 27.83 -14.27
C ASP A 165 31.55 27.31 -14.18
N GLY A 166 32.08 27.24 -12.97
CA GLY A 166 33.46 26.78 -12.81
C GLY A 166 33.58 25.33 -12.39
N LEU A 167 32.84 24.92 -11.36
CA LEU A 167 32.93 23.54 -10.88
C LEU A 167 32.13 22.60 -11.76
N LEU A 168 30.83 22.81 -11.86
CA LEU A 168 30.02 22.21 -12.89
C LEU A 168 30.06 23.19 -14.05
N THR A 169 29.60 22.78 -15.22
CA THR A 169 29.55 23.68 -16.36
C THR A 169 28.35 23.32 -17.23
N CYS A 170 27.59 24.34 -17.61
CA CYS A 170 26.46 24.16 -18.51
C CYS A 170 26.98 24.08 -19.93
N GLY A 171 26.10 23.78 -20.88
CA GLY A 171 26.46 23.75 -22.28
C GLY A 171 25.37 24.39 -23.10
N ILE A 172 25.70 24.73 -24.34
CA ILE A 172 24.73 25.41 -25.19
C ILE A 172 23.85 24.34 -25.82
N GLY A 173 22.75 24.02 -25.15
CA GLY A 173 21.86 22.96 -25.59
C GLY A 173 21.65 21.92 -24.51
N GLN A 174 22.03 22.24 -23.30
CA GLN A 174 21.93 21.32 -22.18
C GLN A 174 20.64 21.56 -21.44
N ARG A 175 20.04 20.49 -20.95
CA ARG A 175 18.78 20.55 -20.20
C ARG A 175 19.11 20.33 -18.73
N ILE A 176 19.50 21.39 -18.04
CA ILE A 176 19.77 21.30 -16.61
C ILE A 176 18.45 21.22 -15.88
N GLY A 177 18.38 20.38 -14.85
CA GLY A 177 17.22 20.40 -13.98
C GLY A 177 17.58 20.66 -12.55
N ILE A 178 17.14 21.78 -11.99
CA ILE A 178 17.49 22.15 -10.62
C ILE A 178 16.54 21.47 -9.66
N PHE A 179 17.07 20.68 -8.73
CA PHE A 179 16.27 20.02 -7.72
C PHE A 179 16.36 20.86 -6.45
N ALA A 180 15.26 21.49 -6.07
CA ALA A 180 15.24 22.36 -4.92
C ALA A 180 14.29 21.84 -3.86
N GLY A 181 14.40 22.41 -2.67
CA GLY A 181 13.46 22.10 -1.62
C GLY A 181 12.37 23.14 -1.51
N SER A 182 12.30 23.82 -0.36
CA SER A 182 11.41 24.96 -0.19
C SER A 182 12.01 25.82 0.92
N GLY A 183 12.65 26.91 0.54
CA GLY A 183 13.39 27.72 1.47
C GLY A 183 14.89 27.61 1.35
N VAL A 184 15.40 27.07 0.25
CA VAL A 184 16.83 26.95 0.02
C VAL A 184 17.37 28.11 -0.81
N GLY A 185 16.51 28.93 -1.39
CA GLY A 185 16.94 30.01 -2.25
C GLY A 185 16.78 29.67 -3.71
N LYS A 186 15.66 29.05 -4.06
CA LYS A 186 15.41 28.69 -5.45
C LYS A 186 15.18 29.92 -6.32
N SER A 187 14.32 30.83 -5.86
CA SER A 187 13.90 31.95 -6.71
C SER A 187 15.01 32.98 -6.87
N THR A 188 15.84 33.16 -5.83
CA THR A 188 16.93 34.12 -5.92
C THR A 188 18.00 33.64 -6.88
N LEU A 189 18.40 32.36 -6.75
CA LEU A 189 19.30 31.73 -7.72
C LEU A 189 18.71 31.73 -9.12
N LEU A 190 17.41 31.51 -9.24
CA LEU A 190 16.75 31.44 -10.54
C LEU A 190 16.72 32.82 -11.19
N GLY A 191 16.59 33.87 -10.39
CA GLY A 191 16.72 35.22 -10.92
C GLY A 191 18.14 35.59 -11.28
N MET A 192 19.13 35.04 -10.57
CA MET A 192 20.52 35.18 -11.01
C MET A 192 20.75 34.52 -12.35
N ILE A 193 20.15 33.34 -12.56
CA ILE A 193 20.22 32.67 -13.87
C ILE A 193 19.52 33.48 -14.95
N CYS A 194 18.38 34.09 -14.64
CA CYS A 194 17.70 34.98 -15.60
C CYS A 194 18.58 36.17 -15.96
N ASN A 195 19.19 36.82 -14.97
CA ASN A 195 19.92 38.05 -15.25
C ASN A 195 21.33 37.79 -15.75
N GLY A 196 22.01 36.79 -15.20
CA GLY A 196 23.38 36.54 -15.57
C GLY A 196 23.60 35.69 -16.80
N ALA A 197 22.54 35.28 -17.48
CA ALA A 197 22.67 34.41 -18.65
C ALA A 197 23.28 35.15 -19.82
N SER A 198 23.85 34.39 -20.75
CA SER A 198 24.46 34.93 -21.95
C SER A 198 23.66 34.55 -23.18
N ALA A 199 22.34 34.54 -23.05
CA ALA A 199 21.46 34.13 -24.13
C ALA A 199 20.73 35.33 -24.71
N ASP A 200 20.36 35.18 -25.99
CA ASP A 200 19.73 36.27 -26.72
C ASP A 200 18.29 36.49 -26.26
N ILE A 201 17.55 35.40 -26.06
CA ILE A 201 16.17 35.44 -25.60
C ILE A 201 16.05 34.46 -24.44
N ILE A 202 15.44 34.90 -23.34
CA ILE A 202 15.03 33.99 -22.28
C ILE A 202 13.51 33.84 -22.35
N VAL A 203 13.02 32.63 -22.10
CA VAL A 203 11.60 32.33 -22.12
C VAL A 203 11.25 31.70 -20.78
N LEU A 204 10.31 32.30 -20.06
CA LEU A 204 9.98 31.85 -18.71
C LEU A 204 8.56 31.35 -18.65
N ALA A 205 8.39 30.16 -18.09
CA ALA A 205 7.09 29.61 -17.77
C ALA A 205 6.97 29.43 -16.27
N LEU A 206 5.81 29.74 -15.73
CA LEU A 206 5.54 29.53 -14.31
C LEU A 206 4.21 28.79 -14.24
N ILE A 207 4.24 27.49 -13.90
CA ILE A 207 3.13 26.61 -14.24
C ILE A 207 2.12 26.53 -13.10
N GLY A 208 2.57 26.17 -11.91
CA GLY A 208 1.71 26.25 -10.76
C GLY A 208 2.33 27.18 -9.75
N GLU A 209 1.72 28.34 -9.53
CA GLU A 209 2.33 29.37 -8.70
C GLU A 209 1.21 30.31 -8.29
N ARG A 210 1.51 31.23 -7.39
CA ARG A 210 0.51 32.17 -6.93
C ARG A 210 0.92 33.59 -7.28
N GLY A 211 -0.04 34.52 -7.10
CA GLY A 211 0.14 35.87 -7.61
C GLY A 211 1.20 36.65 -6.87
N ARG A 212 1.23 36.53 -5.54
CA ARG A 212 2.33 37.11 -4.77
C ARG A 212 3.65 36.48 -5.15
N GLU A 213 3.65 35.17 -5.41
CA GLU A 213 4.87 34.47 -5.76
C GLU A 213 5.41 34.91 -7.12
N VAL A 214 4.54 35.05 -8.13
CA VAL A 214 5.02 35.48 -9.43
C VAL A 214 5.40 36.96 -9.42
N ASN A 215 4.73 37.80 -8.61
CA ASN A 215 5.09 39.21 -8.57
C ASN A 215 6.41 39.43 -7.83
N GLU A 216 6.62 38.71 -6.72
CA GLU A 216 7.88 38.79 -6.02
C GLU A 216 9.01 38.12 -6.79
N PHE A 217 8.70 37.25 -7.75
CA PHE A 217 9.75 36.78 -8.64
C PHE A 217 10.09 37.83 -9.70
N LEU A 218 9.10 38.33 -10.43
CA LEU A 218 9.42 39.23 -11.53
C LEU A 218 9.80 40.63 -11.07
N ALA A 219 9.62 40.96 -9.80
CA ALA A 219 10.17 42.19 -9.24
C ALA A 219 11.63 42.06 -8.83
N LEU A 220 12.27 40.94 -9.15
CA LEU A 220 13.68 40.72 -8.82
C LEU A 220 14.59 40.89 -10.02
N LEU A 221 14.04 40.85 -11.24
CA LEU A 221 14.84 41.00 -12.44
C LEU A 221 14.41 42.24 -13.22
N PRO A 222 15.36 43.03 -13.73
CA PRO A 222 15.04 44.39 -14.20
C PRO A 222 14.32 44.47 -15.53
N GLN A 223 14.14 45.70 -16.00
CA GLN A 223 13.57 45.97 -17.31
C GLN A 223 14.53 45.58 -18.43
N SER A 224 15.84 45.65 -18.14
CA SER A 224 16.85 45.26 -19.14
C SER A 224 16.81 43.77 -19.45
N THR A 225 16.30 42.96 -18.53
CA THR A 225 16.10 41.54 -18.74
C THR A 225 14.68 41.24 -19.20
N LEU A 226 13.71 42.07 -18.82
CA LEU A 226 12.35 41.95 -19.34
C LEU A 226 12.21 42.45 -20.77
N SER A 227 13.23 43.10 -21.33
CA SER A 227 13.17 43.45 -22.74
C SER A 227 13.25 42.21 -23.62
N LYS A 228 14.06 41.23 -23.22
CA LYS A 228 14.27 40.01 -23.97
C LYS A 228 13.39 38.86 -23.51
N CYS A 229 12.70 39.00 -22.39
CA CYS A 229 11.97 37.89 -21.80
C CYS A 229 10.53 37.86 -22.28
N VAL A 230 10.00 36.65 -22.40
CA VAL A 230 8.61 36.41 -22.81
C VAL A 230 7.98 35.56 -21.72
N LEU A 231 7.23 36.18 -20.83
CA LEU A 231 6.68 35.46 -19.69
C LEU A 231 5.41 34.71 -20.11
N VAL A 232 5.35 33.44 -19.75
CA VAL A 232 4.15 32.62 -19.93
C VAL A 232 3.72 32.20 -18.54
N VAL A 233 2.72 32.87 -17.98
CA VAL A 233 2.35 32.68 -16.59
C VAL A 233 0.96 32.08 -16.54
N THR A 234 0.79 31.02 -15.75
CA THR A 234 -0.54 30.56 -15.36
C THR A 234 -0.47 30.23 -13.88
N THR A 235 -1.51 30.57 -13.14
CA THR A 235 -1.42 30.51 -11.69
C THR A 235 -2.25 29.36 -11.15
N SER A 236 -2.21 29.19 -9.83
CA SER A 236 -2.81 28.03 -9.18
C SER A 236 -4.31 28.18 -8.95
N ASP A 237 -4.97 29.11 -9.63
CA ASP A 237 -6.42 29.12 -9.69
C ASP A 237 -6.93 28.70 -11.07
N ARG A 238 -6.06 28.71 -12.08
CA ARG A 238 -6.47 28.35 -13.43
C ARG A 238 -6.73 26.84 -13.48
N PRO A 239 -7.60 26.39 -14.39
CA PRO A 239 -7.89 24.96 -14.49
C PRO A 239 -6.70 24.16 -14.99
N ALA A 240 -6.80 22.85 -14.84
CA ALA A 240 -5.64 21.99 -15.01
C ALA A 240 -5.28 21.83 -16.49
N LEU A 241 -6.23 22.07 -17.38
CA LEU A 241 -5.91 22.01 -18.80
C LEU A 241 -5.01 23.17 -19.22
N GLU A 242 -5.24 24.36 -18.66
CA GLU A 242 -4.38 25.47 -19.04
C GLU A 242 -3.00 25.35 -18.41
N ARG A 243 -2.91 24.79 -17.20
CA ARG A 243 -1.61 24.51 -16.62
C ARG A 243 -0.89 23.38 -17.34
N MET A 244 -1.62 22.46 -17.95
CA MET A 244 -0.95 21.45 -18.76
C MET A 244 -0.50 22.02 -20.10
N LYS A 245 -1.27 22.94 -20.68
CA LYS A 245 -0.90 23.51 -21.97
C LYS A 245 0.10 24.65 -21.89
N ALA A 246 0.38 25.17 -20.69
CA ALA A 246 1.37 26.24 -20.61
C ALA A 246 2.79 25.76 -20.90
N ALA A 247 3.09 24.51 -20.54
CA ALA A 247 4.40 23.93 -20.86
C ALA A 247 4.60 23.83 -22.37
N PHE A 248 3.58 23.34 -23.07
CA PHE A 248 3.62 23.23 -24.52
C PHE A 248 3.66 24.60 -25.19
N THR A 249 2.96 25.58 -24.61
CA THR A 249 2.94 26.92 -25.17
C THR A 249 4.31 27.59 -25.05
N ALA A 250 4.95 27.48 -23.89
CA ALA A 250 6.28 28.04 -23.72
C ALA A 250 7.31 27.34 -24.59
N THR A 251 7.17 26.01 -24.72
CA THR A 251 8.06 25.24 -25.59
C THR A 251 7.92 25.68 -27.04
N THR A 252 6.69 25.93 -27.49
CA THR A 252 6.47 26.27 -28.90
C THR A 252 6.94 27.67 -29.22
N ILE A 253 6.72 28.64 -28.32
CA ILE A 253 7.20 29.97 -28.65
C ILE A 253 8.72 30.05 -28.52
N ALA A 254 9.32 29.21 -27.68
CA ALA A 254 10.77 29.15 -27.66
C ALA A 254 11.33 28.44 -28.90
N GLU A 255 10.60 27.47 -29.45
CA GLU A 255 11.02 26.86 -30.72
C GLU A 255 10.92 27.86 -31.86
N TYR A 256 9.90 28.73 -31.83
CA TYR A 256 9.80 29.79 -32.82
C TYR A 256 10.97 30.75 -32.73
N PHE A 257 11.35 31.12 -31.51
CA PHE A 257 12.54 31.96 -31.37
C PHE A 257 13.84 31.20 -31.62
N ARG A 258 13.80 29.87 -31.68
CA ARG A 258 14.97 29.10 -32.08
C ARG A 258 15.11 29.05 -33.60
N ASP A 259 14.00 28.85 -34.32
CA ASP A 259 14.04 28.61 -35.76
C ASP A 259 14.56 29.78 -36.58
N GLN A 260 14.60 30.98 -36.01
CA GLN A 260 15.19 32.13 -36.67
C GLN A 260 16.62 32.38 -36.20
N GLY A 261 17.23 31.42 -35.52
CA GLY A 261 18.67 31.43 -35.32
C GLY A 261 19.19 32.19 -34.12
N LYS A 262 18.74 31.85 -32.92
CA LYS A 262 19.22 32.47 -31.69
C LYS A 262 19.42 31.41 -30.62
N ASN A 263 20.04 31.83 -29.52
CA ASN A 263 20.28 30.98 -28.35
C ASN A 263 19.18 31.25 -27.35
N VAL A 264 18.23 30.35 -27.24
CA VAL A 264 17.10 30.52 -26.33
C VAL A 264 17.47 29.89 -25.00
N LEU A 265 17.06 30.53 -23.91
CA LEU A 265 17.26 30.02 -22.55
C LEU A 265 15.87 29.83 -21.93
N LEU A 266 15.32 28.63 -22.06
CA LEU A 266 14.00 28.32 -21.55
C LEU A 266 14.08 27.96 -20.07
N MET A 267 13.15 28.47 -19.28
CA MET A 267 13.10 28.18 -17.84
C MET A 267 11.69 27.81 -17.43
N MET A 268 11.39 26.52 -17.45
CA MET A 268 10.17 25.99 -16.86
C MET A 268 10.30 26.03 -15.34
N ASP A 269 9.39 26.73 -14.69
CA ASP A 269 9.32 26.69 -13.24
C ASP A 269 8.36 25.60 -12.85
N SER A 270 8.87 24.65 -12.06
CA SER A 270 8.10 23.59 -11.44
C SER A 270 7.44 22.67 -12.46
N VAL A 271 8.25 21.81 -13.07
CA VAL A 271 7.70 20.69 -13.86
C VAL A 271 7.02 19.67 -12.94
N THR A 272 7.25 19.76 -11.62
CA THR A 272 6.49 19.04 -10.60
C THR A 272 5.00 19.38 -10.72
N ARG A 273 4.69 20.64 -10.94
CA ARG A 273 3.30 21.05 -11.00
C ARG A 273 2.70 20.91 -12.39
N TYR A 274 3.53 20.91 -13.43
CA TYR A 274 3.10 20.33 -14.70
C TYR A 274 2.68 18.88 -14.53
N ALA A 275 3.45 18.11 -13.77
CA ALA A 275 3.13 16.70 -13.56
C ALA A 275 1.88 16.53 -12.69
N ARG A 276 1.68 17.39 -11.69
CA ARG A 276 0.43 17.37 -10.93
C ARG A 276 -0.78 17.72 -11.81
N ALA A 277 -0.64 18.71 -12.69
CA ALA A 277 -1.75 19.07 -13.57
C ALA A 277 -2.05 17.95 -14.57
N ALA A 278 -1.03 17.35 -15.15
CA ALA A 278 -1.24 16.26 -16.10
C ALA A 278 -1.76 15.01 -15.42
N ARG A 279 -1.36 14.77 -14.16
CA ARG A 279 -1.94 13.69 -13.38
C ARG A 279 -3.42 13.89 -13.14
N ASP A 280 -3.81 15.11 -12.77
CA ASP A 280 -5.21 15.36 -12.48
C ASP A 280 -6.07 15.28 -13.74
N VAL A 281 -5.55 15.77 -14.87
CA VAL A 281 -6.25 15.62 -16.15
C VAL A 281 -6.37 14.15 -16.55
N GLY A 282 -5.28 13.38 -16.41
CA GLY A 282 -5.29 12.01 -16.84
C GLY A 282 -6.12 11.09 -15.96
N LEU A 283 -6.12 11.34 -14.65
CA LEU A 283 -6.99 10.57 -13.78
C LEU A 283 -8.45 10.94 -13.96
N ALA A 284 -8.73 12.23 -14.24
CA ALA A 284 -10.11 12.63 -14.47
C ALA A 284 -10.63 12.10 -15.80
N SER A 285 -9.74 11.88 -16.77
CA SER A 285 -10.16 11.26 -18.02
C SER A 285 -10.47 9.78 -17.83
N GLY A 286 -9.87 9.15 -16.83
CA GLY A 286 -10.05 7.73 -16.59
C GLY A 286 -8.88 6.93 -17.15
N GLU A 287 -7.93 6.62 -16.30
CA GLU A 287 -6.66 6.06 -16.75
C GLU A 287 -5.97 5.43 -15.54
N PRO A 288 -5.44 4.22 -15.66
CA PRO A 288 -5.02 3.49 -14.45
C PRO A 288 -3.76 4.03 -13.83
N ASP A 289 -3.69 3.91 -12.51
CA ASP A 289 -2.50 4.32 -11.78
C ASP A 289 -1.39 3.29 -11.98
N VAL A 290 -0.20 3.76 -12.35
CA VAL A 290 0.88 2.81 -12.61
C VAL A 290 2.03 3.00 -11.64
N ARG A 291 2.23 4.21 -11.14
CA ARG A 291 3.40 4.46 -10.29
C ARG A 291 3.15 5.71 -9.46
N GLY A 292 2.92 5.54 -8.16
CA GLY A 292 2.92 6.67 -7.25
C GLY A 292 1.77 7.64 -7.39
N GLY A 293 0.67 7.25 -8.02
CA GLY A 293 -0.48 8.11 -8.19
C GLY A 293 -0.66 8.64 -9.60
N PHE A 294 0.28 8.38 -10.51
CA PHE A 294 0.38 9.00 -11.82
C PHE A 294 -0.07 8.03 -12.91
N PRO A 295 -0.82 8.51 -13.89
CA PRO A 295 -1.27 7.64 -14.99
C PRO A 295 -0.12 7.36 -15.96
N PRO A 296 -0.32 6.52 -16.98
CA PRO A 296 0.75 6.36 -17.99
C PRO A 296 0.98 7.59 -18.83
N SER A 297 -0.02 8.46 -18.95
CA SER A 297 0.09 9.59 -19.86
C SER A 297 1.06 10.64 -19.37
N VAL A 298 1.24 10.78 -18.06
CA VAL A 298 2.24 11.72 -17.54
C VAL A 298 3.65 11.25 -17.88
N PHE A 299 3.91 9.96 -17.63
CA PHE A 299 5.22 9.37 -17.88
C PHE A 299 5.52 9.25 -19.36
N SER A 300 4.51 9.19 -20.22
CA SER A 300 4.74 9.17 -21.65
C SER A 300 4.64 10.55 -22.28
N SER A 301 4.23 11.56 -21.53
CA SER A 301 4.15 12.92 -22.03
C SER A 301 5.33 13.78 -21.62
N LEU A 302 6.03 13.44 -20.54
CA LEU A 302 7.27 14.15 -20.25
C LEU A 302 8.39 14.04 -21.28
N PRO A 303 8.68 12.88 -21.91
CA PRO A 303 9.75 12.89 -22.93
C PRO A 303 9.42 13.69 -24.17
N LYS A 304 8.19 13.62 -24.66
CA LYS A 304 7.83 14.42 -25.82
C LYS A 304 7.63 15.89 -25.49
N LEU A 305 7.59 16.25 -24.21
CA LEU A 305 7.73 17.66 -23.85
C LEU A 305 9.18 18.08 -23.84
N LEU A 306 10.00 17.47 -22.98
CA LEU A 306 11.34 17.99 -22.75
C LEU A 306 12.41 17.23 -23.51
N GLU A 307 12.08 16.73 -24.69
CA GLU A 307 13.08 16.42 -25.69
C GLU A 307 13.15 17.50 -26.77
N ARG A 308 12.11 18.31 -26.89
CA ARG A 308 12.06 19.38 -27.87
C ARG A 308 13.02 20.52 -27.56
N ALA A 309 13.49 20.61 -26.33
CA ALA A 309 14.34 21.72 -25.90
C ALA A 309 15.80 21.29 -25.87
N GLY A 310 16.41 21.20 -27.04
CA GLY A 310 17.83 20.91 -27.10
C GLY A 310 18.53 21.56 -28.26
N PRO A 311 19.69 21.03 -28.64
CA PRO A 311 20.37 21.51 -29.85
C PRO A 311 19.56 21.18 -31.10
N ALA A 312 19.92 21.88 -32.18
CA ALA A 312 19.09 21.90 -33.37
C ALA A 312 20.00 22.19 -34.56
N PRO A 313 19.53 21.92 -35.80
CA PRO A 313 20.34 22.34 -36.95
C PRO A 313 20.43 23.84 -37.13
N LYS A 314 19.40 24.60 -36.74
CA LYS A 314 19.46 26.05 -36.78
C LYS A 314 19.10 26.60 -35.41
N GLY A 315 20.06 27.25 -34.77
CA GLY A 315 19.86 27.74 -33.42
C GLY A 315 19.97 26.63 -32.40
N SER A 316 19.72 26.98 -31.14
CA SER A 316 19.71 26.02 -30.05
C SER A 316 18.90 26.60 -28.90
N ILE A 317 18.29 25.74 -28.12
CA ILE A 317 17.52 26.14 -26.95
C ILE A 317 18.08 25.45 -25.72
N THR A 318 18.61 26.24 -24.80
CA THR A 318 19.25 25.76 -23.58
C THR A 318 18.24 25.78 -22.46
N ALA A 319 17.79 24.62 -22.00
CA ALA A 319 16.68 24.58 -21.08
C ALA A 319 17.15 24.33 -19.66
N ILE A 320 16.41 24.86 -18.71
CA ILE A 320 16.67 24.62 -17.30
C ILE A 320 15.36 24.57 -16.52
N TYR A 321 15.05 23.37 -16.04
CA TYR A 321 13.80 23.02 -15.40
C TYR A 321 13.98 23.07 -13.89
N THR A 322 12.89 23.00 -13.15
CA THR A 322 12.97 22.91 -11.70
C THR A 322 12.04 21.82 -11.20
N VAL A 323 12.54 21.00 -10.28
CA VAL A 323 11.74 20.01 -9.56
C VAL A 323 11.83 20.33 -8.07
N LEU A 324 10.67 20.36 -7.41
CA LEU A 324 10.61 20.61 -5.97
C LEU A 324 10.65 19.27 -5.26
N LEU A 325 11.79 18.96 -4.64
CA LEU A 325 11.87 17.77 -3.81
C LEU A 325 11.40 18.09 -2.40
N GLU A 326 10.85 17.08 -1.73
CA GLU A 326 10.17 17.25 -0.46
C GLU A 326 10.88 16.44 0.62
N SER A 327 10.27 16.41 1.80
CA SER A 327 10.75 15.62 2.94
C SER A 327 9.68 14.69 3.47
N ASP A 328 8.56 14.54 2.77
CA ASP A 328 7.55 13.56 3.16
C ASP A 328 7.54 12.38 2.19
N ASN A 329 8.13 12.55 1.02
CA ASN A 329 8.44 11.45 0.11
C ASN A 329 9.95 11.26 0.04
N VAL A 330 10.37 10.13 -0.50
CA VAL A 330 11.79 9.89 -0.75
C VAL A 330 11.96 9.40 -2.18
N ASN A 331 10.92 8.78 -2.74
CA ASN A 331 11.02 8.25 -4.09
C ASN A 331 10.75 9.33 -5.12
N ASP A 332 9.52 9.90 -5.11
CA ASP A 332 9.08 11.00 -5.97
C ASP A 332 9.27 10.65 -7.44
N PRO A 333 8.38 9.85 -8.03
CA PRO A 333 8.64 9.26 -9.36
C PRO A 333 8.88 10.26 -10.47
N ILE A 334 8.30 11.45 -10.35
CA ILE A 334 8.54 12.52 -11.31
C ILE A 334 9.99 12.97 -11.26
N GLY A 335 10.57 13.04 -10.05
CA GLY A 335 11.98 13.38 -9.94
C GLY A 335 12.89 12.36 -10.58
N ASP A 336 12.55 11.07 -10.45
CA ASP A 336 13.34 10.02 -11.07
C ASP A 336 13.21 10.02 -12.59
N GLU A 337 12.00 10.19 -13.11
CA GLU A 337 11.83 10.21 -14.56
C GLU A 337 12.47 11.43 -15.18
N VAL A 338 12.34 12.59 -14.54
CA VAL A 338 12.97 13.81 -15.03
C VAL A 338 14.48 13.69 -14.97
N ARG A 339 15.02 13.04 -13.94
CA ARG A 339 16.46 12.80 -13.89
C ARG A 339 16.91 11.80 -14.95
N SER A 340 16.03 10.91 -15.37
CA SER A 340 16.35 9.98 -16.43
C SER A 340 16.30 10.61 -17.82
N ILE A 341 15.50 11.66 -18.03
CA ILE A 341 15.34 12.19 -19.38
C ILE A 341 16.26 13.38 -19.60
N LEU A 342 16.58 14.13 -18.56
CA LEU A 342 17.43 15.31 -18.72
C LEU A 342 18.89 14.89 -18.82
N ASP A 343 19.79 15.88 -18.74
CA ASP A 343 21.23 15.61 -18.77
C ASP A 343 21.96 16.67 -17.95
N GLY A 344 22.16 16.37 -16.67
CA GLY A 344 22.82 17.27 -15.76
C GLY A 344 21.84 17.89 -14.79
N HIS A 345 22.07 17.76 -13.49
CA HIS A 345 21.11 18.26 -12.53
C HIS A 345 21.82 18.94 -11.37
N ILE A 346 21.13 19.90 -10.77
CA ILE A 346 21.63 20.69 -9.66
C ILE A 346 20.76 20.39 -8.44
N VAL A 347 21.38 20.03 -7.33
CA VAL A 347 20.65 19.71 -6.11
C VAL A 347 20.88 20.83 -5.11
N LEU A 348 19.81 21.53 -4.74
CA LEU A 348 19.87 22.60 -3.75
C LEU A 348 19.47 22.02 -2.40
N THR A 349 20.44 21.84 -1.51
CA THR A 349 20.15 21.17 -0.24
C THR A 349 19.69 22.18 0.80
N ARG A 350 19.17 21.65 1.91
CA ARG A 350 18.52 22.44 2.94
C ARG A 350 19.51 23.00 3.97
N GLU A 351 20.43 22.18 4.46
CA GLU A 351 21.35 22.63 5.49
C GLU A 351 22.37 23.63 4.99
N LEU A 352 22.65 23.60 3.68
CA LEU A 352 23.38 24.68 3.02
C LEU A 352 22.61 26.01 3.04
N ALA A 353 21.33 25.99 3.39
CA ALA A 353 20.60 27.21 3.68
C ALA A 353 20.40 27.47 5.17
N GLU A 354 20.38 26.43 6.02
CA GLU A 354 20.26 26.73 7.45
C GLU A 354 21.56 27.28 8.04
N GLU A 355 22.70 27.03 7.42
CA GLU A 355 23.80 27.99 7.56
C GLU A 355 23.89 28.73 6.24
N ASN A 356 23.90 30.06 6.31
CA ASN A 356 23.57 30.91 5.15
C ASN A 356 24.72 30.88 4.14
N HIS A 357 24.73 29.81 3.35
CA HIS A 357 25.69 29.56 2.28
C HIS A 357 24.91 29.72 0.97
N PHE A 358 24.78 30.97 0.50
CA PHE A 358 24.05 31.07 -0.75
C PHE A 358 25.00 31.37 -1.89
N PRO A 359 24.86 30.73 -3.07
CA PRO A 359 23.89 29.73 -3.52
C PRO A 359 24.08 28.34 -2.90
N ALA A 360 22.98 27.67 -2.59
CA ALA A 360 23.00 26.47 -1.77
C ALA A 360 23.17 25.22 -2.62
N ILE A 361 24.23 25.21 -3.41
CA ILE A 361 24.53 24.09 -4.32
C ILE A 361 25.53 23.18 -3.64
N ASP A 362 25.20 21.90 -3.52
CA ASP A 362 26.10 20.91 -2.96
C ASP A 362 26.82 20.21 -4.10
N ILE A 363 28.09 20.55 -4.30
CA ILE A 363 28.92 19.91 -5.30
C ILE A 363 29.20 18.47 -4.85
N GLY A 364 29.26 17.54 -5.80
CA GLY A 364 29.47 16.15 -5.51
C GLY A 364 28.19 15.35 -5.36
N LEU A 365 27.12 16.01 -4.95
CA LEU A 365 25.78 15.46 -5.04
C LEU A 365 25.09 15.84 -6.34
N SER A 366 25.60 16.86 -7.02
CA SER A 366 25.10 17.32 -8.31
C SER A 366 26.20 17.23 -9.35
N ALA A 367 25.79 17.12 -10.61
CA ALA A 367 26.75 16.88 -11.69
C ALA A 367 26.13 17.28 -13.02
N SER A 368 27.00 17.54 -14.00
CA SER A 368 26.58 17.77 -15.37
C SER A 368 27.27 16.76 -16.27
N ARG A 369 26.56 16.30 -17.30
CA ARG A 369 27.10 15.23 -18.13
C ARG A 369 27.99 15.80 -19.24
N VAL A 370 27.51 16.81 -19.93
CA VAL A 370 28.27 17.44 -21.00
C VAL A 370 29.11 18.56 -20.36
N MET A 371 30.23 18.16 -19.86
CA MET A 371 31.26 19.03 -19.32
C MET A 371 32.62 18.70 -19.90
N HIS A 372 32.91 17.43 -20.11
CA HIS A 372 34.23 16.97 -20.52
C HIS A 372 34.56 17.35 -21.96
N ASN A 373 33.60 17.79 -22.75
CA ASN A 373 33.87 18.21 -24.12
C ASN A 373 33.55 19.68 -24.35
N VAL A 374 33.09 20.40 -23.32
CA VAL A 374 32.90 21.84 -23.45
C VAL A 374 33.88 22.65 -22.63
N VAL A 375 34.68 22.05 -21.76
CA VAL A 375 35.73 22.77 -21.05
C VAL A 375 37.07 22.31 -21.60
N THR A 376 38.11 23.10 -21.30
CA THR A 376 39.45 22.71 -21.67
C THR A 376 39.99 21.70 -20.65
N SER A 377 41.17 21.15 -20.95
CA SER A 377 41.70 20.07 -20.11
C SER A 377 42.20 20.60 -18.77
N GLU A 378 42.87 21.75 -18.78
CA GLU A 378 43.35 22.34 -17.53
C GLU A 378 42.20 22.88 -16.68
N HIS A 379 41.14 23.37 -17.33
CA HIS A 379 39.94 23.76 -16.60
C HIS A 379 39.19 22.55 -16.08
N LEU A 380 39.32 21.40 -16.76
CA LEU A 380 38.70 20.19 -16.24
C LEU A 380 39.44 19.70 -15.02
N ARG A 381 40.77 19.73 -15.04
CA ARG A 381 41.53 19.23 -13.91
C ARG A 381 41.51 20.20 -12.74
N ALA A 382 41.34 21.48 -12.99
CA ALA A 382 41.21 22.43 -11.90
C ALA A 382 39.82 22.44 -11.28
N ALA A 383 38.81 21.93 -12.00
CA ALA A 383 37.47 21.87 -11.46
C ALA A 383 37.26 20.63 -10.61
N ALA A 384 37.85 19.50 -11.00
CA ALA A 384 37.73 18.28 -10.22
C ALA A 384 38.51 18.35 -8.92
N GLU A 385 39.59 19.15 -8.90
CA GLU A 385 40.41 19.26 -7.70
C GLU A 385 39.67 19.96 -6.58
N CYS A 386 38.87 20.97 -6.91
CA CYS A 386 38.16 21.72 -5.88
C CYS A 386 37.05 20.88 -5.26
N LYS A 387 36.36 20.05 -6.06
CA LYS A 387 35.34 19.19 -5.48
C LYS A 387 35.96 18.03 -4.70
N LYS A 388 37.15 17.59 -5.10
CA LYS A 388 37.91 16.65 -4.28
C LYS A 388 38.29 17.27 -2.94
N LEU A 389 38.66 18.55 -2.95
CA LEU A 389 39.00 19.25 -1.70
C LEU A 389 37.78 19.46 -0.83
N ILE A 390 36.61 19.68 -1.44
CA ILE A 390 35.37 19.81 -0.68
C ILE A 390 35.03 18.51 0.05
N ALA A 391 35.04 17.39 -0.69
CA ALA A 391 34.79 16.09 -0.05
C ALA A 391 35.86 15.73 0.97
N THR A 392 37.11 16.12 0.70
CA THR A 392 38.22 15.80 1.59
C THR A 392 38.09 16.55 2.90
N TYR A 393 37.68 17.82 2.86
CA TYR A 393 37.51 18.53 4.12
C TYR A 393 36.26 18.06 4.86
N LYS A 394 35.24 17.58 4.13
CA LYS A 394 34.11 16.94 4.81
C LYS A 394 34.57 15.74 5.63
N ASN A 395 35.39 14.89 5.01
CA ASN A 395 35.91 13.69 5.68
C ASN A 395 36.81 14.06 6.87
N VAL A 396 37.77 14.96 6.65
CA VAL A 396 38.73 15.32 7.70
C VAL A 396 38.03 16.12 8.80
N GLU A 397 36.97 16.85 8.47
CA GLU A 397 36.27 17.62 9.48
C GLU A 397 35.44 16.74 10.40
N LEU A 398 34.74 15.74 9.85
CA LEU A 398 34.05 14.87 10.80
C LEU A 398 35.00 13.86 11.44
N LEU A 399 36.22 13.74 10.94
CA LEU A 399 37.26 13.05 11.70
C LEU A 399 37.71 13.89 12.90
N ILE A 400 37.90 15.20 12.70
CA ILE A 400 38.56 16.02 13.70
C ILE A 400 37.59 16.57 14.76
N ARG A 401 36.30 16.72 14.44
CA ARG A 401 35.44 17.39 15.41
C ARG A 401 35.05 16.48 16.56
N ILE A 402 35.14 15.17 16.38
CA ILE A 402 35.13 14.27 17.53
C ILE A 402 36.50 14.26 18.21
N GLY A 403 37.58 14.46 17.45
CA GLY A 403 38.92 14.53 18.02
C GLY A 403 39.87 13.38 17.71
N GLU A 404 39.87 12.89 16.47
CA GLU A 404 40.78 11.84 16.07
C GLU A 404 41.70 12.22 14.92
N TYR A 405 42.11 13.49 14.82
CA TYR A 405 43.00 13.94 13.76
C TYR A 405 44.05 14.90 14.31
N THR A 406 45.29 14.71 13.88
CA THR A 406 46.40 15.61 14.16
C THR A 406 46.89 16.23 12.85
N MET A 407 47.22 17.52 12.92
CA MET A 407 47.64 18.29 11.75
C MET A 407 49.02 17.84 11.29
N GLY A 408 49.07 17.21 10.13
CA GLY A 408 50.35 16.74 9.59
C GLY A 408 50.28 15.38 8.94
N GLN A 409 49.09 14.80 8.89
CA GLN A 409 48.88 13.48 8.30
C GLN A 409 49.09 13.47 6.79
N ASP A 410 48.45 14.39 6.07
CA ASP A 410 48.30 14.22 4.63
C ASP A 410 48.34 15.57 3.91
N PRO A 411 49.14 15.70 2.85
CA PRO A 411 49.22 16.99 2.15
C PRO A 411 47.97 17.36 1.37
N GLU A 412 47.18 16.37 0.93
CA GLU A 412 45.87 16.69 0.36
C GLU A 412 44.94 17.25 1.43
N ALA A 413 45.08 16.78 2.68
CA ALA A 413 44.32 17.35 3.77
C ALA A 413 44.82 18.74 4.13
N ASP A 414 46.14 18.95 4.13
CA ASP A 414 46.68 20.25 4.55
C ASP A 414 46.50 21.30 3.46
N LYS A 415 46.52 20.91 2.19
CA LYS A 415 46.17 21.85 1.14
C LYS A 415 44.68 22.19 1.17
N ALA A 416 43.84 21.24 1.56
CA ALA A 416 42.44 21.53 1.86
C ALA A 416 42.27 22.51 3.02
N ILE A 417 43.06 22.36 4.08
CA ILE A 417 43.08 23.29 5.20
C ILE A 417 43.48 24.70 4.75
N LYS A 418 44.55 24.81 3.96
CA LYS A 418 45.03 26.14 3.59
C LYS A 418 44.18 26.77 2.50
N ASN A 419 43.32 26.00 1.82
CA ASN A 419 42.49 26.58 0.78
C ASN A 419 41.00 26.65 1.08
N ARG A 420 40.57 26.39 2.32
CA ARG A 420 39.13 26.41 2.62
C ARG A 420 38.50 27.78 2.48
N LYS A 421 39.17 28.83 2.94
CA LYS A 421 38.57 30.15 2.88
C LYS A 421 38.47 30.64 1.45
N LEU A 422 39.43 30.24 0.61
CA LEU A 422 39.38 30.67 -0.78
C LEU A 422 38.35 29.84 -1.56
N ILE A 423 38.16 28.56 -1.19
CA ILE A 423 37.09 27.76 -1.80
C ILE A 423 35.73 28.32 -1.44
N GLN A 424 35.50 28.57 -0.15
CA GLN A 424 34.22 29.12 0.29
C GLN A 424 34.04 30.58 -0.11
N ASN A 425 35.11 31.26 -0.52
CA ASN A 425 34.96 32.60 -1.09
C ASN A 425 34.63 32.53 -2.58
N PHE A 426 35.15 31.53 -3.27
CA PHE A 426 34.81 31.34 -4.68
C PHE A 426 33.38 30.84 -4.88
N ILE A 427 32.92 29.90 -4.04
CA ILE A 427 31.59 29.36 -4.24
C ILE A 427 30.51 30.37 -3.85
N GLN A 428 30.70 31.09 -2.76
CA GLN A 428 29.72 32.08 -2.31
C GLN A 428 29.64 33.26 -3.26
N GLN A 429 28.42 33.58 -3.68
CA GLN A 429 28.17 34.69 -4.59
C GLN A 429 26.89 35.37 -4.18
N SER A 430 26.91 36.70 -4.20
CA SER A 430 25.77 37.50 -3.78
C SER A 430 24.77 37.66 -4.92
N THR A 431 23.68 38.38 -4.62
CA THR A 431 22.58 38.52 -5.56
C THR A 431 22.91 39.47 -6.70
N LYS A 432 23.83 40.41 -6.47
CA LYS A 432 24.18 41.42 -7.45
C LYS A 432 25.48 41.11 -8.17
N ASP A 433 26.29 40.21 -7.61
CA ASP A 433 27.61 39.92 -8.16
C ASP A 433 27.47 39.04 -9.40
N ILE A 434 27.96 39.55 -10.53
CA ILE A 434 28.05 38.81 -11.77
C ILE A 434 29.52 38.76 -12.17
N SER A 435 29.99 37.58 -12.57
CA SER A 435 31.35 37.40 -13.03
C SER A 435 31.35 37.01 -14.50
N SER A 436 32.48 37.21 -15.15
CA SER A 436 32.66 36.77 -16.52
C SER A 436 33.18 35.34 -16.52
N TYR A 437 33.64 34.85 -17.67
CA TYR A 437 34.11 33.48 -17.74
C TYR A 437 35.62 33.37 -17.65
N GLU A 438 36.36 34.35 -18.17
CA GLU A 438 37.80 34.36 -17.94
C GLU A 438 38.13 34.67 -16.48
N LYS A 439 37.31 35.48 -15.82
CA LYS A 439 37.47 35.69 -14.39
C LYS A 439 37.15 34.43 -13.62
N THR A 440 36.14 33.68 -14.08
CA THR A 440 35.79 32.41 -13.44
C THR A 440 36.91 31.40 -13.57
N ILE A 441 37.53 31.31 -14.75
CA ILE A 441 38.64 30.39 -14.95
C ILE A 441 39.86 30.79 -14.13
N GLU A 442 40.19 32.09 -14.07
CA GLU A 442 41.37 32.48 -13.31
C GLU A 442 41.13 32.40 -11.81
N SER A 443 39.89 32.59 -11.36
CA SER A 443 39.57 32.36 -9.95
C SER A 443 39.62 30.89 -9.60
N LEU A 444 39.23 30.02 -10.54
CA LEU A 444 39.40 28.59 -10.36
C LEU A 444 40.88 28.21 -10.33
N PHE A 445 41.70 28.88 -11.15
CA PHE A 445 43.12 28.57 -11.15
C PHE A 445 43.83 29.09 -9.91
N LYS A 446 43.28 30.11 -9.26
CA LYS A 446 43.86 30.55 -7.99
C LYS A 446 43.18 29.92 -6.79
N VAL A 447 42.12 29.12 -6.99
CA VAL A 447 41.59 28.31 -5.90
C VAL A 447 42.11 26.87 -5.98
N VAL A 448 42.62 26.43 -7.13
CA VAL A 448 43.18 25.09 -7.23
C VAL A 448 44.58 25.02 -6.61
N ALA A 449 45.25 26.16 -6.45
CA ALA A 449 46.63 26.21 -5.99
C ALA A 449 46.76 25.87 -4.51
N GLU B 38 -11.62 -4.68 -45.15
CA GLU B 38 -11.77 -3.24 -45.12
C GLU B 38 -12.92 -2.85 -44.21
N GLY B 39 -12.71 -1.85 -43.37
CA GLY B 39 -13.74 -1.44 -42.43
C GLY B 39 -13.48 -0.04 -41.91
N LYS B 40 -14.53 0.52 -41.30
CA LYS B 40 -14.48 1.86 -40.76
C LYS B 40 -13.86 1.82 -39.37
N ILE B 41 -13.91 2.94 -38.66
CA ILE B 41 -13.51 2.99 -37.25
C ILE B 41 -14.73 3.38 -36.45
N ILE B 42 -14.92 2.75 -35.29
CA ILE B 42 -16.06 3.05 -34.43
C ILE B 42 -15.65 3.58 -33.07
N ASN B 43 -14.40 3.44 -32.66
CA ASN B 43 -13.92 4.00 -31.41
C ASN B 43 -12.49 4.48 -31.58
N ILE B 44 -12.14 5.55 -30.89
CA ILE B 44 -10.77 6.04 -30.80
C ILE B 44 -10.55 6.41 -29.34
N GLY B 45 -9.58 5.75 -28.71
CA GLY B 45 -9.50 5.85 -27.26
C GLY B 45 -8.23 6.43 -26.68
N GLY B 46 -7.37 6.98 -27.53
CA GLY B 46 -6.12 7.50 -27.04
C GLY B 46 -4.95 6.58 -27.32
N THR B 47 -5.16 5.27 -27.16
CA THR B 47 -4.14 4.33 -27.60
C THR B 47 -4.70 3.20 -28.45
N ILE B 48 -5.87 2.67 -28.11
CA ILE B 48 -6.45 1.53 -28.81
C ILE B 48 -7.64 2.01 -29.61
N ILE B 49 -7.62 1.80 -30.92
CA ILE B 49 -8.73 2.17 -31.77
C ILE B 49 -9.44 0.91 -32.23
N LYS B 50 -10.75 0.97 -32.31
CA LYS B 50 -11.58 -0.21 -32.57
C LYS B 50 -12.18 -0.06 -33.95
N ALA B 51 -11.79 -0.92 -34.86
CA ALA B 51 -12.34 -0.91 -36.19
C ALA B 51 -13.44 -1.94 -36.30
N ARG B 52 -14.35 -1.72 -37.23
CA ARG B 52 -15.44 -2.64 -37.51
C ARG B 52 -15.14 -3.30 -38.84
N LEU B 53 -14.36 -4.38 -38.82
CA LEU B 53 -14.01 -5.00 -40.05
C LEU B 53 -13.97 -6.51 -39.84
N PRO B 54 -14.69 -7.27 -40.65
CA PRO B 54 -14.87 -8.70 -40.38
C PRO B 54 -13.80 -9.56 -41.03
N LYS B 55 -13.62 -10.76 -40.44
CA LYS B 55 -12.70 -11.79 -40.89
C LYS B 55 -11.26 -11.27 -40.93
N ALA B 56 -10.84 -10.65 -39.84
CA ALA B 56 -9.51 -10.08 -39.72
C ALA B 56 -8.61 -11.04 -38.98
N ARG B 57 -7.42 -11.24 -39.50
CA ARG B 57 -6.44 -12.11 -38.87
C ARG B 57 -5.65 -11.31 -37.84
N ILE B 58 -5.40 -11.91 -36.68
CA ILE B 58 -4.61 -11.24 -35.65
C ILE B 58 -3.15 -11.19 -36.09
N GLY B 59 -2.53 -10.04 -35.92
CA GLY B 59 -1.20 -9.79 -36.41
C GLY B 59 -1.15 -8.98 -37.68
N ALA B 60 -2.27 -8.90 -38.41
CA ALA B 60 -2.30 -8.16 -39.66
C ALA B 60 -2.28 -6.67 -39.40
N PHE B 61 -1.67 -5.93 -40.32
CA PHE B 61 -1.67 -4.49 -40.21
C PHE B 61 -2.39 -3.88 -41.43
N TYR B 62 -2.93 -2.70 -41.21
CA TYR B 62 -3.83 -2.03 -42.13
C TYR B 62 -3.35 -0.60 -42.31
N LYS B 63 -3.78 0.01 -43.40
CA LYS B 63 -3.50 1.41 -43.68
C LYS B 63 -4.77 2.22 -43.44
N ILE B 64 -4.63 3.42 -42.87
CA ILE B 64 -5.73 4.36 -42.85
C ILE B 64 -5.68 5.11 -44.19
N GLU B 65 -6.58 4.73 -45.11
CA GLU B 65 -6.44 5.06 -46.53
C GLU B 65 -6.48 6.53 -46.96
N PRO B 66 -7.02 7.51 -46.21
CA PRO B 66 -6.68 8.89 -46.57
C PRO B 66 -5.25 9.29 -46.24
N SER B 67 -4.54 8.50 -45.43
CA SER B 67 -3.16 8.82 -45.06
C SER B 67 -2.21 7.68 -45.42
N GLN B 68 -0.98 7.76 -44.94
CA GLN B 68 0.02 6.71 -45.11
C GLN B 68 0.57 6.33 -43.73
N ARG B 69 -0.34 5.99 -42.84
CA ARG B 69 0.01 5.50 -41.50
C ARG B 69 -0.73 4.20 -41.24
N LEU B 70 -0.02 3.27 -40.59
CA LEU B 70 -0.42 1.88 -40.47
C LEU B 70 -0.85 1.57 -39.04
N ALA B 71 -1.52 0.43 -38.89
CA ALA B 71 -2.04 0.04 -37.59
C ALA B 71 -2.15 -1.48 -37.49
N GLU B 72 -1.77 -2.03 -36.34
CA GLU B 72 -1.60 -3.46 -36.15
C GLU B 72 -2.69 -4.02 -35.24
N VAL B 73 -3.28 -5.16 -35.64
CA VAL B 73 -4.38 -5.78 -34.90
C VAL B 73 -3.86 -6.48 -33.66
N ILE B 74 -4.43 -6.14 -32.50
CA ILE B 74 -4.08 -6.75 -31.23
C ILE B 74 -5.07 -7.82 -30.82
N ALA B 75 -6.36 -7.51 -30.78
CA ALA B 75 -7.34 -8.48 -30.35
C ALA B 75 -8.53 -8.39 -31.30
N ILE B 76 -9.38 -9.42 -31.31
CA ILE B 76 -10.59 -9.33 -32.11
C ILE B 76 -11.79 -9.65 -31.22
N ASP B 77 -12.96 -9.32 -31.75
CA ASP B 77 -14.26 -9.68 -31.21
C ASP B 77 -14.94 -10.38 -32.38
N GLU B 78 -16.27 -10.50 -32.32
CA GLU B 78 -17.01 -11.06 -33.45
C GLU B 78 -16.76 -10.25 -34.73
N ASP B 79 -17.19 -9.00 -34.76
CA ASP B 79 -16.94 -8.10 -35.88
C ASP B 79 -16.44 -6.75 -35.40
N GLU B 80 -15.47 -6.77 -34.50
CA GLU B 80 -14.93 -5.53 -33.96
C GLU B 80 -13.50 -5.79 -33.50
N VAL B 81 -12.52 -5.34 -34.27
CA VAL B 81 -11.12 -5.64 -34.01
C VAL B 81 -10.47 -4.48 -33.29
N PHE B 82 -9.70 -4.78 -32.24
CA PHE B 82 -9.08 -3.77 -31.41
C PHE B 82 -7.63 -3.71 -31.86
N LEU B 83 -7.23 -2.56 -32.40
CA LEU B 83 -5.93 -2.46 -33.04
C LEU B 83 -5.22 -1.20 -32.58
N LEU B 84 -3.90 -1.16 -32.80
CA LEU B 84 -3.06 -0.12 -32.24
C LEU B 84 -2.33 0.60 -33.37
N PRO B 85 -2.43 1.92 -33.45
CA PRO B 85 -1.81 2.64 -34.57
C PRO B 85 -0.32 2.83 -34.39
N PHE B 86 0.39 2.94 -35.52
CA PHE B 86 1.84 3.07 -35.45
C PHE B 86 2.26 4.46 -34.97
N GLU B 87 1.58 5.51 -35.41
CA GLU B 87 1.88 6.86 -34.97
C GLU B 87 0.86 7.31 -33.94
N HIS B 88 0.89 8.60 -33.61
CA HIS B 88 -0.02 9.16 -32.62
C HIS B 88 -1.43 9.24 -33.18
N VAL B 89 -2.40 9.37 -32.27
CA VAL B 89 -3.80 9.14 -32.58
C VAL B 89 -4.57 10.45 -32.80
N SER B 90 -3.88 11.59 -32.77
CA SER B 90 -4.49 12.88 -32.52
C SER B 90 -5.05 13.56 -33.76
N GLY B 91 -5.42 12.81 -34.80
CA GLY B 91 -6.01 13.46 -35.96
C GLY B 91 -7.08 12.65 -36.64
N MET B 92 -7.75 11.78 -35.90
CA MET B 92 -8.59 10.75 -36.49
C MET B 92 -10.07 11.01 -36.18
N TYR B 93 -10.94 10.55 -37.09
CA TYR B 93 -12.37 10.70 -36.90
C TYR B 93 -13.07 9.37 -37.08
N CYS B 94 -14.41 9.37 -37.14
CA CYS B 94 -15.14 8.11 -37.01
C CYS B 94 -15.10 7.28 -38.28
N GLY B 95 -15.79 7.71 -39.33
CA GLY B 95 -15.87 6.82 -40.47
C GLY B 95 -14.66 6.98 -41.36
N GLN B 96 -13.64 6.16 -41.13
CA GLN B 96 -12.33 6.38 -41.73
C GLN B 96 -11.79 5.01 -42.08
N TRP B 97 -11.64 4.74 -43.38
CA TRP B 97 -11.52 3.38 -43.85
C TRP B 97 -10.13 2.80 -43.54
N LEU B 98 -10.03 1.48 -43.67
CA LEU B 98 -8.79 0.75 -43.45
C LEU B 98 -8.52 -0.14 -44.66
N SER B 99 -7.54 0.23 -45.46
CA SER B 99 -7.08 -0.65 -46.51
C SER B 99 -6.30 -1.81 -45.91
N TYR B 100 -6.40 -2.96 -46.54
CA TYR B 100 -5.66 -4.13 -46.10
C TYR B 100 -4.21 -4.05 -46.56
N GLN B 101 -3.29 -4.29 -45.64
CA GLN B 101 -1.89 -4.51 -45.93
C GLN B 101 -1.58 -5.93 -45.47
N GLY B 102 -0.30 -6.31 -45.54
CA GLY B 102 0.09 -7.71 -45.39
C GLY B 102 -0.22 -8.28 -44.01
N ASP B 103 -0.34 -9.61 -43.97
CA ASP B 103 -0.88 -10.32 -42.81
C ASP B 103 0.05 -10.35 -41.60
N GLU B 104 1.30 -9.95 -41.76
CA GLU B 104 2.22 -9.84 -40.64
C GLU B 104 3.15 -8.69 -40.95
N PHE B 105 3.70 -8.06 -39.92
CA PHE B 105 4.62 -6.96 -40.12
C PHE B 105 6.04 -7.51 -40.24
N LYS B 106 6.67 -7.28 -41.38
CA LYS B 106 7.96 -7.88 -41.72
C LYS B 106 8.96 -6.79 -42.07
N ILE B 107 10.14 -6.83 -41.45
CA ILE B 107 11.19 -5.91 -41.81
C ILE B 107 11.98 -6.50 -42.97
N ARG B 108 12.68 -5.63 -43.68
CA ARG B 108 13.53 -6.05 -44.78
C ARG B 108 14.98 -6.00 -44.33
N VAL B 109 15.62 -7.15 -44.34
CA VAL B 109 16.99 -7.32 -43.89
C VAL B 109 17.82 -7.82 -45.07
N GLY B 110 19.03 -7.32 -45.17
CA GLY B 110 19.98 -7.76 -46.16
C GLY B 110 21.35 -7.61 -45.57
N ASP B 111 22.39 -7.89 -46.33
CA ASP B 111 23.74 -7.77 -45.81
C ASP B 111 24.23 -6.33 -45.83
N ALA B 112 23.45 -5.42 -46.42
CA ALA B 112 23.84 -4.03 -46.59
C ALA B 112 23.37 -3.13 -45.46
N LEU B 113 22.98 -3.69 -44.32
CA LEU B 113 22.63 -2.89 -43.16
C LEU B 113 23.83 -2.49 -42.33
N LEU B 114 25.01 -2.97 -42.69
CA LEU B 114 26.22 -2.65 -41.93
C LEU B 114 26.60 -1.20 -42.14
N GLY B 115 26.77 -0.47 -41.05
CA GLY B 115 27.07 0.93 -41.12
C GLY B 115 25.88 1.84 -41.30
N ARG B 116 24.66 1.34 -41.17
CA ARG B 116 23.48 2.14 -41.41
C ARG B 116 22.84 2.55 -40.09
N LEU B 117 21.75 3.31 -40.20
CA LEU B 117 20.95 3.75 -39.06
C LEU B 117 19.51 3.37 -39.34
N ILE B 118 18.95 2.53 -38.48
CA ILE B 118 17.61 1.97 -38.65
C ILE B 118 16.76 2.50 -37.51
N ASP B 119 15.45 2.64 -37.74
CA ASP B 119 14.55 2.89 -36.63
C ASP B 119 13.80 1.60 -36.27
N GLY B 120 12.97 1.67 -35.23
CA GLY B 120 12.33 0.50 -34.69
C GLY B 120 11.30 -0.14 -35.60
N ILE B 121 10.79 0.60 -36.56
CA ILE B 121 9.96 0.01 -37.60
C ILE B 121 10.81 -0.75 -38.60
N GLY B 122 11.99 -0.22 -38.93
CA GLY B 122 12.88 -0.90 -39.84
C GLY B 122 13.35 -0.03 -40.98
N ARG B 123 12.87 1.21 -41.03
CA ARG B 123 13.18 2.15 -42.09
C ARG B 123 14.56 2.75 -41.88
N PRO B 124 15.19 3.25 -42.94
CA PRO B 124 16.43 4.01 -42.75
C PRO B 124 16.12 5.40 -42.21
N MET B 125 17.07 5.93 -41.43
CA MET B 125 16.97 7.29 -40.94
C MET B 125 17.89 8.25 -41.68
N GLU B 126 18.95 7.73 -42.31
CA GLU B 126 19.91 8.56 -43.03
C GLU B 126 19.29 9.07 -44.32
N SER B 127 18.96 10.36 -44.36
CA SER B 127 18.45 10.95 -45.60
C SER B 127 19.59 11.37 -46.51
N ASN B 128 20.75 11.67 -45.95
CA ASN B 128 21.91 12.07 -46.73
C ASN B 128 22.54 10.92 -47.50
N ILE B 129 22.21 9.69 -47.17
CA ILE B 129 22.72 8.51 -47.86
C ILE B 129 21.56 7.88 -48.63
N VAL B 130 21.85 7.38 -49.83
CA VAL B 130 20.85 6.64 -50.59
C VAL B 130 20.55 5.32 -49.87
N ALA B 131 19.33 4.82 -50.04
CA ALA B 131 18.87 3.64 -49.32
C ALA B 131 19.54 2.39 -49.87
N PRO B 132 19.89 1.43 -49.02
CA PRO B 132 20.61 0.23 -49.48
C PRO B 132 19.68 -0.75 -50.18
N TYR B 133 20.26 -1.84 -50.65
CA TYR B 133 19.50 -2.95 -51.23
C TYR B 133 19.40 -4.07 -50.21
N LEU B 134 18.17 -4.36 -49.78
CA LEU B 134 17.88 -5.32 -48.71
C LEU B 134 16.97 -6.38 -49.28
N PRO B 135 17.52 -7.49 -49.76
CA PRO B 135 16.71 -8.43 -50.54
C PRO B 135 15.78 -9.30 -49.71
N PHE B 136 16.13 -9.59 -48.46
CA PHE B 136 15.34 -10.52 -47.69
C PHE B 136 14.33 -9.77 -46.85
N GLU B 137 13.24 -10.42 -46.50
CA GLU B 137 12.35 -9.88 -45.50
C GLU B 137 11.98 -10.98 -44.53
N ARG B 138 11.77 -10.59 -43.28
CA ARG B 138 11.43 -11.55 -42.25
C ARG B 138 10.71 -10.86 -41.12
N SER B 139 9.90 -11.63 -40.42
CA SER B 139 9.08 -11.13 -39.35
C SER B 139 9.91 -10.93 -38.10
N LEU B 140 9.33 -10.23 -37.14
CA LEU B 140 10.05 -9.85 -35.95
C LEU B 140 9.94 -10.88 -34.84
N TYR B 141 9.09 -11.88 -35.00
CA TYR B 141 8.80 -12.84 -33.95
C TYR B 141 9.32 -14.20 -34.39
N ALA B 142 10.31 -14.70 -33.66
CA ALA B 142 11.04 -15.90 -34.04
C ALA B 142 11.27 -16.77 -32.83
N GLU B 143 11.20 -18.08 -33.02
CA GLU B 143 11.46 -18.99 -31.92
C GLU B 143 12.97 -19.07 -31.63
N PRO B 144 13.34 -19.39 -30.40
CA PRO B 144 14.76 -19.56 -30.07
C PRO B 144 15.31 -20.84 -30.70
N PRO B 145 16.62 -21.09 -30.60
CA PRO B 145 17.12 -22.41 -30.98
C PRO B 145 16.59 -23.49 -30.06
N ASP B 146 16.71 -24.73 -30.54
CA ASP B 146 16.29 -25.87 -29.75
C ASP B 146 17.18 -25.97 -28.51
N PRO B 147 16.63 -26.33 -27.34
CA PRO B 147 17.43 -26.31 -26.10
C PRO B 147 18.58 -27.30 -26.08
N LEU B 148 18.55 -28.35 -26.89
CA LEU B 148 19.65 -29.29 -26.95
C LEU B 148 20.70 -28.91 -27.98
N LEU B 149 20.33 -28.14 -28.99
CA LEU B 149 21.30 -27.72 -29.99
C LEU B 149 22.16 -26.56 -29.53
N ARG B 150 21.74 -25.86 -28.49
CA ARG B 150 22.63 -24.95 -27.80
C ARG B 150 23.71 -25.74 -27.08
N GLN B 151 24.85 -25.11 -26.84
CA GLN B 151 25.96 -25.83 -26.22
C GLN B 151 26.48 -25.09 -25.01
N VAL B 152 27.18 -25.85 -24.16
CA VAL B 152 27.73 -25.32 -22.92
C VAL B 152 28.85 -24.35 -23.28
N ILE B 153 28.69 -23.08 -22.91
CA ILE B 153 29.65 -22.07 -23.32
C ILE B 153 30.88 -22.17 -22.42
N ASP B 154 32.05 -22.17 -23.07
CA ASP B 154 33.30 -22.38 -22.37
C ASP B 154 34.44 -21.54 -22.94
N GLN B 155 34.13 -20.47 -23.66
CA GLN B 155 35.12 -19.57 -24.23
C GLN B 155 34.92 -18.17 -23.66
N PRO B 156 35.96 -17.50 -23.20
CA PRO B 156 35.77 -16.17 -22.61
C PRO B 156 35.51 -15.12 -23.66
N PHE B 157 34.75 -14.10 -23.26
CA PHE B 157 34.48 -12.94 -24.10
C PHE B 157 35.20 -11.76 -23.47
N ILE B 158 36.24 -11.26 -24.13
CA ILE B 158 37.08 -10.22 -23.57
C ILE B 158 36.37 -8.89 -23.75
N LEU B 159 36.00 -8.25 -22.64
CA LEU B 159 35.27 -6.99 -22.72
C LEU B 159 36.22 -5.82 -22.84
N GLY B 160 37.31 -5.82 -22.09
CA GLY B 160 38.21 -4.70 -22.02
C GLY B 160 38.16 -3.98 -20.68
N VAL B 161 37.00 -3.97 -20.04
CA VAL B 161 36.90 -3.42 -18.70
C VAL B 161 37.58 -4.37 -17.73
N ARG B 162 38.47 -3.83 -16.89
CA ARG B 162 39.42 -4.66 -16.16
C ARG B 162 38.75 -5.38 -14.99
N ALA B 163 37.89 -4.68 -14.28
CA ALA B 163 37.20 -5.28 -13.14
C ALA B 163 36.29 -6.42 -13.57
N ILE B 164 35.53 -6.19 -14.65
CA ILE B 164 34.64 -7.21 -15.16
C ILE B 164 35.40 -8.42 -15.69
N ASP B 165 36.49 -8.14 -16.40
CA ASP B 165 37.33 -9.18 -16.97
C ASP B 165 38.02 -10.05 -15.91
N GLY B 166 38.50 -9.41 -14.84
CA GLY B 166 39.19 -10.12 -13.79
C GLY B 166 38.25 -10.85 -12.87
N LEU B 167 37.38 -10.12 -12.17
CA LEU B 167 36.60 -10.71 -11.09
C LEU B 167 35.35 -11.42 -11.61
N LEU B 168 34.51 -10.69 -12.31
CA LEU B 168 33.45 -11.27 -13.09
C LEU B 168 34.00 -11.50 -14.48
N THR B 169 33.48 -12.48 -15.20
CA THR B 169 33.93 -12.64 -16.57
C THR B 169 32.77 -13.18 -17.39
N CYS B 170 32.92 -13.10 -18.71
CA CYS B 170 31.80 -13.29 -19.61
C CYS B 170 32.15 -14.34 -20.66
N GLY B 171 31.18 -15.14 -21.03
CA GLY B 171 31.37 -16.19 -22.00
C GLY B 171 30.80 -15.82 -23.34
N ILE B 172 31.35 -16.43 -24.39
CA ILE B 172 30.92 -16.11 -25.74
C ILE B 172 29.56 -16.74 -25.96
N GLY B 173 28.53 -15.94 -25.85
CA GLY B 173 27.19 -16.42 -26.06
C GLY B 173 26.31 -16.27 -24.85
N GLN B 174 26.71 -15.48 -23.87
CA GLN B 174 25.84 -15.27 -22.72
C GLN B 174 25.23 -13.88 -22.75
N ARG B 175 24.29 -13.67 -21.83
CA ARG B 175 23.47 -12.48 -21.76
C ARG B 175 23.73 -11.77 -20.45
N ILE B 176 24.74 -10.91 -20.42
CA ILE B 176 25.00 -10.14 -19.22
C ILE B 176 23.98 -9.00 -19.14
N GLY B 177 23.85 -8.40 -17.97
CA GLY B 177 22.86 -7.33 -17.85
C GLY B 177 23.24 -6.27 -16.85
N ILE B 178 23.22 -5.00 -17.26
CA ILE B 178 23.74 -3.92 -16.45
C ILE B 178 22.59 -3.27 -15.69
N PHE B 179 22.60 -3.41 -14.37
CA PHE B 179 21.55 -2.90 -13.50
C PHE B 179 22.09 -1.68 -12.77
N ALA B 180 21.38 -0.56 -12.86
CA ALA B 180 21.80 0.65 -12.17
C ALA B 180 20.59 1.54 -11.99
N GLY B 181 20.80 2.69 -11.35
CA GLY B 181 19.79 3.72 -11.26
C GLY B 181 19.83 4.63 -12.48
N SER B 182 19.26 5.81 -12.35
CA SER B 182 19.37 6.73 -13.49
C SER B 182 20.65 7.53 -13.32
N GLY B 183 21.36 7.73 -14.43
CA GLY B 183 22.55 8.54 -14.36
C GLY B 183 23.67 7.95 -13.55
N VAL B 184 23.65 6.66 -13.27
CA VAL B 184 24.74 6.09 -12.48
C VAL B 184 25.92 5.77 -13.36
N GLY B 185 25.69 5.48 -14.63
CA GLY B 185 26.81 5.16 -15.51
C GLY B 185 26.64 4.00 -16.46
N LYS B 186 25.42 3.51 -16.63
CA LYS B 186 25.17 2.44 -17.61
C LYS B 186 25.77 2.79 -18.96
N SER B 187 25.22 3.81 -19.63
CA SER B 187 25.61 4.17 -21.00
C SER B 187 27.12 4.32 -21.15
N THR B 188 27.80 4.94 -20.19
CA THR B 188 29.25 5.08 -20.28
C THR B 188 29.92 3.73 -20.33
N LEU B 189 29.39 2.76 -19.58
CA LEU B 189 29.97 1.43 -19.55
C LEU B 189 29.70 0.68 -20.85
N LEU B 190 28.58 0.94 -21.51
CA LEU B 190 28.37 0.37 -22.85
C LEU B 190 29.32 0.97 -23.86
N GLY B 191 29.58 2.26 -23.79
CA GLY B 191 30.57 2.86 -24.69
C GLY B 191 31.96 2.29 -24.48
N MET B 192 32.33 2.09 -23.21
CA MET B 192 33.63 1.50 -22.88
C MET B 192 33.71 0.06 -23.39
N ILE B 193 32.65 -0.72 -23.15
CA ILE B 193 32.61 -2.13 -23.49
C ILE B 193 32.44 -2.34 -24.97
N CYS B 194 32.03 -1.30 -25.71
CA CYS B 194 31.90 -1.33 -27.15
C CYS B 194 33.19 -0.97 -27.85
N ASN B 195 33.97 -0.05 -27.28
CA ASN B 195 35.32 0.15 -27.77
C ASN B 195 36.22 -1.04 -27.47
N GLY B 196 35.98 -1.72 -26.35
CA GLY B 196 36.89 -2.79 -25.94
C GLY B 196 36.63 -4.15 -26.55
N ALA B 197 35.37 -4.48 -26.82
CA ALA B 197 35.05 -5.83 -27.28
C ALA B 197 35.47 -6.00 -28.74
N SER B 198 35.47 -7.25 -29.19
CA SER B 198 36.01 -7.58 -30.51
C SER B 198 35.11 -8.57 -31.24
N ALA B 199 33.82 -8.28 -31.31
CA ALA B 199 32.92 -9.14 -32.05
C ALA B 199 33.02 -8.89 -33.55
N ASP B 200 32.43 -9.79 -34.34
CA ASP B 200 32.43 -9.61 -35.78
C ASP B 200 31.45 -8.53 -36.20
N ILE B 201 30.17 -8.69 -35.87
CA ILE B 201 29.12 -7.72 -36.13
C ILE B 201 28.65 -7.20 -34.78
N ILE B 202 28.34 -5.92 -34.69
CA ILE B 202 27.80 -5.34 -33.47
C ILE B 202 26.46 -4.70 -33.81
N VAL B 203 25.41 -5.12 -33.13
CA VAL B 203 24.10 -4.54 -33.39
C VAL B 203 23.66 -3.74 -32.18
N LEU B 204 23.93 -2.44 -32.20
CA LEU B 204 23.65 -1.58 -31.05
C LEU B 204 22.24 -1.02 -31.16
N ALA B 205 21.38 -1.38 -30.22
CA ALA B 205 20.04 -0.84 -30.16
C ALA B 205 20.00 0.29 -29.14
N LEU B 206 19.23 1.33 -29.44
CA LEU B 206 19.07 2.48 -28.57
C LEU B 206 17.57 2.68 -28.41
N ILE B 207 16.98 2.10 -27.38
CA ILE B 207 15.54 2.00 -27.25
C ILE B 207 15.07 2.96 -26.18
N GLY B 208 14.13 3.83 -26.55
CA GLY B 208 13.51 4.75 -25.63
C GLY B 208 14.47 5.73 -25.01
N GLU B 209 15.49 6.16 -25.74
CA GLU B 209 16.57 6.91 -25.14
C GLU B 209 16.68 8.33 -25.66
N ARG B 210 17.51 9.08 -24.93
CA ARG B 210 17.76 10.49 -25.19
C ARG B 210 18.34 10.64 -26.58
N GLY B 211 17.61 11.35 -27.45
CA GLY B 211 18.01 11.52 -28.84
C GLY B 211 19.31 12.26 -29.01
N ARG B 212 19.71 13.05 -28.02
CA ARG B 212 21.01 13.71 -28.09
C ARG B 212 22.16 12.72 -28.22
N GLU B 213 21.96 11.46 -27.80
CA GLU B 213 23.06 10.54 -27.60
C GLU B 213 23.47 9.77 -28.83
N VAL B 214 22.72 9.86 -29.93
CA VAL B 214 23.05 9.11 -31.13
C VAL B 214 24.40 9.55 -31.69
N ASN B 215 24.67 10.85 -31.71
CA ASN B 215 25.96 11.33 -32.18
C ASN B 215 27.06 11.10 -31.16
N GLU B 216 26.71 10.96 -29.89
CA GLU B 216 27.74 10.66 -28.91
C GLU B 216 28.10 9.18 -28.87
N PHE B 217 27.15 8.27 -29.09
CA PHE B 217 27.47 6.88 -29.36
C PHE B 217 28.01 6.64 -30.76
N LEU B 218 27.95 7.63 -31.63
CA LEU B 218 28.50 7.51 -32.96
C LEU B 218 29.88 8.14 -33.06
N ALA B 219 30.24 9.00 -32.11
CA ALA B 219 31.56 9.63 -32.10
C ALA B 219 32.60 8.83 -31.33
N LEU B 220 32.19 8.03 -30.34
CA LEU B 220 33.18 7.20 -29.66
C LEU B 220 33.52 5.94 -30.43
N LEU B 221 32.78 5.63 -31.50
CA LEU B 221 33.11 4.56 -32.43
C LEU B 221 34.02 5.07 -33.54
N PRO B 222 35.16 4.45 -33.79
CA PRO B 222 35.96 4.80 -34.96
C PRO B 222 35.32 4.29 -36.24
N GLN B 223 35.92 4.61 -37.40
CA GLN B 223 35.35 4.12 -38.64
C GLN B 223 35.59 2.62 -38.81
N SER B 224 36.69 2.12 -38.23
CA SER B 224 37.03 0.70 -38.30
C SER B 224 36.05 -0.20 -37.54
N THR B 225 35.27 0.37 -36.62
CA THR B 225 34.20 -0.36 -35.96
C THR B 225 32.83 0.00 -36.51
N LEU B 226 32.66 1.24 -36.98
CA LEU B 226 31.41 1.65 -37.62
C LEU B 226 31.17 0.96 -38.94
N SER B 227 32.22 0.47 -39.61
CA SER B 227 32.01 -0.22 -40.88
C SER B 227 31.39 -1.61 -40.69
N LYS B 228 31.33 -2.14 -39.48
CA LYS B 228 30.80 -3.46 -39.21
C LYS B 228 29.65 -3.43 -38.20
N CYS B 229 29.13 -2.26 -37.87
CA CYS B 229 28.15 -2.09 -36.81
C CYS B 229 26.83 -1.62 -37.37
N VAL B 230 25.74 -2.19 -36.90
CA VAL B 230 24.38 -1.77 -37.26
C VAL B 230 23.78 -1.07 -36.05
N LEU B 231 23.11 0.05 -36.27
CA LEU B 231 22.60 0.86 -35.16
C LEU B 231 21.11 1.08 -35.37
N VAL B 232 20.31 0.68 -34.38
CA VAL B 232 18.86 0.67 -34.46
C VAL B 232 18.34 1.64 -33.40
N VAL B 233 17.77 2.76 -33.82
CA VAL B 233 17.49 3.87 -32.93
C VAL B 233 16.01 4.18 -32.96
N THR B 234 15.32 3.96 -31.85
CA THR B 234 14.08 4.66 -31.57
C THR B 234 14.34 5.64 -30.43
N THR B 235 13.36 6.50 -30.15
CA THR B 235 13.59 7.62 -29.26
C THR B 235 12.44 7.64 -28.25
N SER B 236 12.67 8.30 -27.10
CA SER B 236 11.65 8.42 -26.07
C SER B 236 10.45 9.25 -26.51
N ASP B 237 10.57 10.01 -27.59
CA ASP B 237 9.45 10.76 -28.15
C ASP B 237 8.49 9.84 -28.88
N ARG B 238 9.00 8.74 -29.39
CA ARG B 238 8.25 7.89 -30.30
C ARG B 238 7.16 7.15 -29.53
N PRO B 239 6.08 6.76 -30.19
CA PRO B 239 4.95 6.19 -29.45
C PRO B 239 5.18 4.82 -28.85
N ALA B 240 4.13 4.28 -28.23
CA ALA B 240 4.23 3.05 -27.46
C ALA B 240 4.27 1.80 -28.32
N LEU B 241 4.30 1.93 -29.64
CA LEU B 241 4.60 0.77 -30.47
C LEU B 241 6.02 0.78 -30.99
N GLU B 242 6.45 1.90 -31.58
CA GLU B 242 7.79 1.97 -32.17
C GLU B 242 8.86 1.83 -31.10
N ARG B 243 8.61 2.34 -29.90
CA ARG B 243 9.49 2.10 -28.77
C ARG B 243 9.38 0.67 -28.27
N MET B 244 8.26 0.00 -28.53
CA MET B 244 8.07 -1.38 -28.12
C MET B 244 8.61 -2.37 -29.14
N LYS B 245 8.68 -1.98 -30.40
CA LYS B 245 9.03 -2.90 -31.48
C LYS B 245 10.50 -2.78 -31.88
N ALA B 246 11.27 -1.89 -31.25
CA ALA B 246 12.67 -1.73 -31.64
C ALA B 246 13.54 -2.88 -31.14
N ALA B 247 13.18 -3.46 -30.00
CA ALA B 247 13.97 -4.57 -29.47
C ALA B 247 13.88 -5.79 -30.37
N PHE B 248 12.68 -6.06 -30.90
CA PHE B 248 12.49 -7.22 -31.75
C PHE B 248 13.16 -7.04 -33.10
N THR B 249 13.21 -5.83 -33.64
CA THR B 249 13.89 -5.68 -34.92
C THR B 249 15.40 -5.66 -34.76
N ALA B 250 15.93 -5.15 -33.64
CA ALA B 250 17.36 -5.29 -33.41
C ALA B 250 17.75 -6.75 -33.23
N THR B 251 16.92 -7.52 -32.53
CA THR B 251 17.27 -8.92 -32.35
C THR B 251 17.05 -9.72 -33.63
N THR B 252 16.14 -9.29 -34.50
CA THR B 252 15.97 -9.95 -35.79
C THR B 252 17.16 -9.71 -36.71
N ILE B 253 17.68 -8.48 -36.75
CA ILE B 253 18.87 -8.18 -37.53
C ILE B 253 20.07 -8.94 -36.99
N ALA B 254 20.18 -9.04 -35.66
CA ALA B 254 21.28 -9.78 -35.06
C ALA B 254 21.16 -11.27 -35.30
N GLU B 255 19.94 -11.80 -35.40
CA GLU B 255 19.79 -13.21 -35.75
C GLU B 255 20.07 -13.47 -37.22
N TYR B 256 19.83 -12.49 -38.09
CA TYR B 256 20.25 -12.63 -39.48
C TYR B 256 21.76 -12.76 -39.59
N PHE B 257 22.50 -11.87 -38.94
CA PHE B 257 23.96 -12.00 -38.97
C PHE B 257 24.46 -13.18 -38.14
N ARG B 258 23.67 -13.70 -37.19
CA ARG B 258 24.00 -14.97 -36.56
C ARG B 258 23.87 -16.12 -37.56
N ASP B 259 22.76 -16.15 -38.30
CA ASP B 259 22.53 -17.23 -39.26
C ASP B 259 23.52 -17.21 -40.41
N GLN B 260 24.16 -16.08 -40.68
CA GLN B 260 25.32 -16.13 -41.57
C GLN B 260 26.52 -16.84 -40.95
N GLY B 261 26.56 -16.99 -39.63
CA GLY B 261 27.55 -17.83 -39.00
C GLY B 261 28.71 -17.10 -38.35
N LYS B 262 28.42 -16.01 -37.64
CA LYS B 262 29.49 -15.20 -37.10
C LYS B 262 29.06 -14.61 -35.75
N ASN B 263 30.03 -14.43 -34.88
CA ASN B 263 29.79 -14.08 -33.48
C ASN B 263 29.37 -12.62 -33.40
N VAL B 264 28.10 -12.35 -33.13
CA VAL B 264 27.62 -10.98 -33.09
C VAL B 264 27.44 -10.56 -31.64
N LEU B 265 27.34 -9.25 -31.42
CA LEU B 265 27.23 -8.66 -30.10
C LEU B 265 26.04 -7.70 -30.10
N LEU B 266 24.95 -8.11 -29.48
CA LEU B 266 23.74 -7.31 -29.39
C LEU B 266 23.78 -6.51 -28.11
N MET B 267 23.95 -5.20 -28.22
CA MET B 267 23.90 -4.33 -27.06
C MET B 267 22.64 -3.49 -27.10
N MET B 268 21.87 -3.57 -26.04
CA MET B 268 20.55 -2.97 -25.97
C MET B 268 20.52 -1.98 -24.82
N ASP B 269 20.17 -0.74 -25.13
CA ASP B 269 20.23 0.34 -24.16
C ASP B 269 18.84 0.56 -23.58
N SER B 270 18.69 0.24 -22.30
CA SER B 270 17.44 0.34 -21.54
C SER B 270 16.33 -0.50 -22.16
N VAL B 271 16.44 -1.82 -21.93
CA VAL B 271 15.35 -2.75 -22.22
C VAL B 271 14.13 -2.48 -21.34
N THR B 272 14.32 -1.75 -20.24
CA THR B 272 13.18 -1.41 -19.41
C THR B 272 12.28 -0.38 -20.08
N ARG B 273 12.77 0.34 -21.10
CA ARG B 273 11.87 1.20 -21.87
C ARG B 273 10.95 0.36 -22.74
N TYR B 274 11.44 -0.77 -23.24
CA TYR B 274 10.56 -1.77 -23.82
C TYR B 274 9.54 -2.26 -22.81
N ALA B 275 9.96 -2.45 -21.56
CA ALA B 275 9.01 -2.92 -20.55
C ALA B 275 7.93 -1.88 -20.25
N ARG B 276 8.31 -0.60 -20.20
CA ARG B 276 7.31 0.46 -20.03
C ARG B 276 6.35 0.57 -21.20
N ALA B 277 6.86 0.45 -22.43
CA ALA B 277 5.99 0.53 -23.59
C ALA B 277 5.02 -0.65 -23.65
N ALA B 278 5.50 -1.84 -23.26
CA ALA B 278 4.60 -2.99 -23.21
C ALA B 278 3.60 -2.88 -22.07
N ARG B 279 3.96 -2.22 -20.98
CA ARG B 279 2.99 -1.92 -19.92
C ARG B 279 1.86 -1.04 -20.43
N ASP B 280 2.21 0.01 -21.17
CA ASP B 280 1.18 0.93 -21.67
C ASP B 280 0.28 0.26 -22.69
N VAL B 281 0.86 -0.56 -23.57
CA VAL B 281 0.06 -1.29 -24.56
C VAL B 281 -0.83 -2.33 -23.90
N GLY B 282 -0.34 -2.99 -22.86
CA GLY B 282 -1.15 -3.99 -22.19
C GLY B 282 -2.29 -3.38 -21.40
N LEU B 283 -2.02 -2.28 -20.70
CA LEU B 283 -3.07 -1.66 -19.90
C LEU B 283 -4.08 -0.90 -20.74
N ALA B 284 -3.68 -0.38 -21.90
CA ALA B 284 -4.65 0.22 -22.80
C ALA B 284 -5.57 -0.82 -23.41
N SER B 285 -5.07 -2.05 -23.56
CA SER B 285 -5.82 -3.15 -24.12
C SER B 285 -6.63 -3.91 -23.08
N GLY B 286 -6.61 -3.49 -21.83
CA GLY B 286 -7.46 -4.08 -20.82
C GLY B 286 -6.93 -5.30 -20.13
N GLU B 287 -5.74 -5.19 -19.55
CA GLU B 287 -5.08 -6.19 -18.75
C GLU B 287 -5.01 -5.72 -17.30
N PRO B 288 -5.04 -6.63 -16.34
CA PRO B 288 -4.93 -6.23 -14.94
C PRO B 288 -3.49 -6.07 -14.47
N ASP B 289 -3.32 -5.21 -13.47
CA ASP B 289 -2.07 -5.14 -12.73
C ASP B 289 -1.84 -6.39 -11.90
N VAL B 290 -0.63 -6.94 -11.97
CA VAL B 290 -0.31 -8.12 -11.19
C VAL B 290 0.89 -7.88 -10.29
N ARG B 291 1.76 -6.95 -10.66
CA ARG B 291 2.94 -6.63 -9.84
C ARG B 291 3.49 -5.28 -10.26
N GLY B 292 3.47 -4.30 -9.37
CA GLY B 292 4.16 -3.04 -9.58
C GLY B 292 3.64 -2.16 -10.69
N GLY B 293 2.43 -2.38 -11.17
CA GLY B 293 1.87 -1.61 -12.25
C GLY B 293 1.81 -2.33 -13.57
N PHE B 294 2.59 -3.38 -13.73
CA PHE B 294 2.83 -4.11 -14.96
C PHE B 294 1.80 -5.22 -15.13
N PRO B 295 1.29 -5.41 -16.35
CA PRO B 295 0.33 -6.48 -16.62
C PRO B 295 1.03 -7.81 -16.69
N PRO B 296 0.31 -8.93 -16.86
CA PRO B 296 1.03 -10.19 -17.09
C PRO B 296 1.70 -10.28 -18.44
N SER B 297 1.31 -9.46 -19.41
CA SER B 297 1.85 -9.60 -20.76
C SER B 297 3.28 -9.08 -20.85
N VAL B 298 3.68 -8.15 -19.98
CA VAL B 298 5.08 -7.73 -19.90
C VAL B 298 5.95 -8.87 -19.42
N PHE B 299 5.53 -9.55 -18.35
CA PHE B 299 6.33 -10.63 -17.79
C PHE B 299 6.28 -11.87 -18.66
N SER B 300 5.31 -11.97 -19.56
CA SER B 300 5.32 -13.06 -20.52
C SER B 300 6.03 -12.72 -21.82
N SER B 301 6.18 -11.43 -22.14
CA SER B 301 6.82 -11.00 -23.37
C SER B 301 8.31 -10.70 -23.23
N LEU B 302 8.79 -10.41 -22.03
CA LEU B 302 10.24 -10.34 -21.82
C LEU B 302 10.99 -11.66 -22.08
N PRO B 303 10.57 -12.84 -21.60
CA PRO B 303 11.46 -14.01 -21.72
C PRO B 303 11.67 -14.49 -23.14
N LYS B 304 10.71 -14.34 -24.04
CA LYS B 304 10.97 -14.82 -25.39
C LYS B 304 11.88 -13.88 -26.17
N LEU B 305 11.75 -12.58 -25.92
CA LEU B 305 12.70 -11.59 -26.43
C LEU B 305 14.11 -11.87 -25.93
N LEU B 306 14.28 -12.03 -24.62
CA LEU B 306 15.61 -12.23 -24.08
C LEU B 306 16.13 -13.63 -24.29
N GLU B 307 15.27 -14.57 -24.67
CA GLU B 307 15.65 -15.96 -24.82
C GLU B 307 15.91 -16.33 -26.27
N ARG B 308 15.60 -15.45 -27.22
CA ARG B 308 16.09 -15.78 -28.55
C ARG B 308 17.56 -15.40 -28.77
N ALA B 309 18.24 -14.84 -27.78
CA ALA B 309 19.67 -14.56 -27.87
C ALA B 309 20.45 -15.46 -26.91
N GLY B 310 21.66 -15.82 -27.33
CA GLY B 310 22.48 -16.74 -26.56
C GLY B 310 23.33 -17.63 -27.45
N PRO B 311 23.50 -18.90 -27.06
CA PRO B 311 24.20 -19.85 -27.93
C PRO B 311 23.31 -20.26 -29.09
N ALA B 312 23.89 -21.02 -30.01
CA ALA B 312 23.23 -21.38 -31.25
C ALA B 312 23.98 -22.55 -31.87
N PRO B 313 23.34 -23.30 -32.78
CA PRO B 313 24.13 -24.27 -33.55
C PRO B 313 25.09 -23.64 -34.53
N LYS B 314 24.72 -22.51 -35.14
CA LYS B 314 25.50 -21.88 -36.20
C LYS B 314 25.68 -20.41 -35.82
N GLY B 315 26.77 -20.11 -35.15
CA GLY B 315 27.04 -18.76 -34.70
C GLY B 315 26.74 -18.57 -33.23
N SER B 316 26.83 -17.33 -32.79
CA SER B 316 26.48 -16.97 -31.42
C SER B 316 26.12 -15.50 -31.39
N ILE B 317 25.35 -15.14 -30.38
CA ILE B 317 24.85 -13.78 -30.25
C ILE B 317 24.95 -13.34 -28.79
N THR B 318 26.06 -12.69 -28.46
CA THR B 318 26.33 -12.29 -27.08
C THR B 318 25.66 -10.96 -26.82
N ALA B 319 24.83 -10.91 -25.79
CA ALA B 319 23.96 -9.76 -25.58
C ALA B 319 24.31 -9.07 -24.27
N ILE B 320 24.32 -7.75 -24.31
CA ILE B 320 24.51 -6.92 -23.13
C ILE B 320 23.34 -5.96 -23.04
N TYR B 321 22.48 -6.14 -22.05
CA TYR B 321 21.29 -5.34 -21.87
C TYR B 321 21.50 -4.38 -20.72
N THR B 322 21.04 -3.15 -20.84
CA THR B 322 21.01 -2.28 -19.67
C THR B 322 19.59 -2.21 -19.13
N VAL B 323 19.47 -2.13 -17.81
CA VAL B 323 18.18 -2.06 -17.15
C VAL B 323 18.17 -0.88 -16.21
N LEU B 324 17.25 0.06 -16.43
CA LEU B 324 17.08 1.20 -15.56
C LEU B 324 16.13 0.81 -14.44
N LEU B 325 16.67 0.67 -13.23
CA LEU B 325 15.86 0.39 -12.06
C LEU B 325 15.08 1.65 -11.70
N GLU B 326 13.81 1.47 -11.31
CA GLU B 326 12.90 2.61 -11.19
C GLU B 326 13.22 3.49 -9.99
N SER B 327 13.95 2.98 -9.02
CA SER B 327 14.61 3.81 -8.03
C SER B 327 16.02 3.26 -7.90
N ASP B 328 16.74 3.60 -6.85
CA ASP B 328 18.08 3.03 -6.70
C ASP B 328 18.04 1.70 -5.94
N ASN B 329 17.18 0.78 -6.35
CA ASN B 329 17.05 -0.50 -5.66
C ASN B 329 16.90 -1.62 -6.66
N VAL B 330 17.48 -2.78 -6.33
CA VAL B 330 17.57 -3.87 -7.31
C VAL B 330 16.33 -4.74 -7.29
N ASN B 331 15.43 -4.52 -6.34
CA ASN B 331 14.18 -5.27 -6.20
C ASN B 331 13.02 -4.56 -6.90
N ASP B 332 13.32 -3.85 -7.97
CA ASP B 332 12.32 -3.45 -8.96
C ASP B 332 11.59 -4.69 -9.46
N PRO B 333 10.27 -4.64 -9.69
CA PRO B 333 9.59 -5.73 -10.41
C PRO B 333 10.23 -6.11 -11.72
N ILE B 334 10.53 -5.14 -12.56
CA ILE B 334 11.11 -5.47 -13.85
C ILE B 334 12.60 -5.73 -13.73
N GLY B 335 13.26 -5.18 -12.71
CA GLY B 335 14.66 -5.51 -12.50
C GLY B 335 14.86 -6.92 -11.99
N ASP B 336 13.98 -7.36 -11.08
CA ASP B 336 14.05 -8.73 -10.57
C ASP B 336 13.66 -9.73 -11.65
N GLU B 337 12.64 -9.41 -12.46
CA GLU B 337 12.28 -10.35 -13.51
C GLU B 337 13.27 -10.40 -14.65
N VAL B 338 14.06 -9.34 -14.87
CA VAL B 338 15.09 -9.47 -15.88
C VAL B 338 16.33 -10.17 -15.30
N ARG B 339 16.60 -9.99 -14.00
CA ARG B 339 17.70 -10.73 -13.38
C ARG B 339 17.45 -12.23 -13.32
N SER B 340 16.20 -12.63 -13.16
CA SER B 340 15.91 -14.06 -13.10
C SER B 340 15.82 -14.71 -14.48
N ILE B 341 16.18 -14.02 -15.55
CA ILE B 341 16.22 -14.58 -16.90
C ILE B 341 17.63 -14.56 -17.47
N LEU B 342 18.29 -13.40 -17.40
CA LEU B 342 19.65 -13.27 -17.91
C LEU B 342 20.62 -14.03 -17.04
N ASP B 343 21.74 -14.42 -17.61
CA ASP B 343 22.75 -15.18 -16.89
C ASP B 343 23.96 -14.30 -16.61
N GLY B 344 23.88 -13.57 -15.51
CA GLY B 344 24.95 -12.69 -15.10
C GLY B 344 24.43 -11.28 -15.00
N HIS B 345 24.90 -10.52 -14.01
CA HIS B 345 24.39 -9.18 -13.80
C HIS B 345 25.45 -8.30 -13.17
N ILE B 346 25.65 -7.13 -13.75
CA ILE B 346 26.63 -6.14 -13.30
C ILE B 346 25.84 -5.05 -12.60
N VAL B 347 25.76 -5.09 -11.27
CA VAL B 347 24.94 -4.14 -10.55
C VAL B 347 25.79 -2.93 -10.15
N LEU B 348 25.52 -1.80 -10.77
CA LEU B 348 26.18 -0.55 -10.47
C LEU B 348 25.43 0.16 -9.35
N THR B 349 26.14 0.94 -8.55
CA THR B 349 25.55 1.61 -7.42
C THR B 349 25.84 3.11 -7.46
N ARG B 350 24.93 3.89 -6.88
CA ARG B 350 25.10 5.34 -6.81
C ARG B 350 26.10 5.74 -5.73
N GLU B 351 26.23 4.93 -4.68
CA GLU B 351 27.14 5.25 -3.59
C GLU B 351 28.60 5.18 -4.01
N LEU B 352 28.91 4.46 -5.08
CA LEU B 352 30.24 4.48 -5.64
C LEU B 352 30.41 5.55 -6.71
N ALA B 353 29.33 5.90 -7.42
CA ALA B 353 29.40 6.95 -8.41
C ALA B 353 29.56 8.32 -7.76
N GLU B 354 28.96 8.52 -6.58
CA GLU B 354 29.14 9.80 -5.89
C GLU B 354 30.56 9.94 -5.34
N GLU B 355 31.19 8.83 -4.98
CA GLU B 355 32.50 8.86 -4.34
C GLU B 355 33.62 8.64 -5.35
N ASN B 356 33.32 8.86 -6.64
CA ASN B 356 34.27 8.80 -7.76
C ASN B 356 34.94 7.44 -7.90
N HIS B 357 34.18 6.38 -7.62
CA HIS B 357 34.60 5.01 -7.89
C HIS B 357 34.05 4.63 -9.26
N PHE B 358 34.73 5.09 -10.31
CA PHE B 358 34.20 4.82 -11.64
C PHE B 358 35.03 3.78 -12.37
N PRO B 359 34.41 2.75 -12.97
CA PRO B 359 32.98 2.44 -13.02
C PRO B 359 32.45 1.91 -11.70
N ALA B 360 31.15 2.07 -11.48
CA ALA B 360 30.58 1.94 -10.15
C ALA B 360 30.10 0.54 -9.85
N ILE B 361 30.78 -0.47 -10.37
CA ILE B 361 30.37 -1.86 -10.19
C ILE B 361 30.50 -2.24 -8.73
N ASP B 362 29.42 -2.71 -8.14
CA ASP B 362 29.46 -3.25 -6.79
C ASP B 362 29.76 -4.73 -6.91
N ILE B 363 30.93 -5.15 -6.44
CA ILE B 363 31.42 -6.49 -6.70
C ILE B 363 30.66 -7.53 -5.87
N GLY B 364 30.11 -7.14 -4.73
CA GLY B 364 29.32 -8.05 -3.92
C GLY B 364 27.93 -8.29 -4.46
N LEU B 365 27.29 -7.24 -4.99
CA LEU B 365 25.94 -7.38 -5.52
C LEU B 365 25.89 -8.11 -6.85
N SER B 366 27.01 -8.20 -7.56
CA SER B 366 27.04 -8.65 -8.94
C SER B 366 27.41 -10.12 -9.04
N ALA B 367 27.21 -10.68 -10.23
CA ALA B 367 27.46 -12.10 -10.45
C ALA B 367 27.75 -12.34 -11.92
N SER B 368 28.13 -13.58 -12.22
CA SER B 368 28.25 -14.02 -13.61
C SER B 368 28.11 -15.52 -13.64
N ARG B 369 27.10 -16.03 -14.32
CA ARG B 369 26.79 -17.44 -14.12
C ARG B 369 27.68 -18.37 -14.93
N VAL B 370 28.74 -17.87 -15.57
CA VAL B 370 29.62 -18.72 -16.36
C VAL B 370 31.07 -18.64 -15.92
N MET B 371 31.43 -17.71 -15.03
CA MET B 371 32.76 -17.48 -14.47
C MET B 371 33.48 -18.77 -14.15
N HIS B 372 32.78 -19.74 -13.57
CA HIS B 372 33.38 -21.00 -13.12
C HIS B 372 33.64 -21.96 -14.25
N ASN B 373 33.45 -21.56 -15.50
CA ASN B 373 33.31 -22.52 -16.58
C ASN B 373 34.20 -22.13 -17.75
N VAL B 374 34.51 -20.84 -17.86
CA VAL B 374 35.28 -20.34 -19.00
C VAL B 374 36.71 -19.97 -18.65
N VAL B 375 37.09 -19.99 -17.38
CA VAL B 375 38.40 -19.50 -16.98
C VAL B 375 39.07 -20.56 -16.11
N THR B 376 40.39 -20.42 -15.97
CA THR B 376 41.20 -21.43 -15.29
C THR B 376 40.93 -21.44 -13.80
N SER B 377 41.38 -22.50 -13.14
CA SER B 377 40.93 -22.80 -11.78
C SER B 377 41.58 -21.88 -10.76
N GLU B 378 42.87 -21.57 -10.93
CA GLU B 378 43.50 -20.65 -9.99
C GLU B 378 43.03 -19.22 -10.22
N HIS B 379 42.61 -18.89 -11.44
CA HIS B 379 41.98 -17.60 -11.70
C HIS B 379 40.64 -17.50 -10.98
N LEU B 380 39.87 -18.59 -10.98
CA LEU B 380 38.60 -18.64 -10.26
C LEU B 380 38.83 -18.52 -8.76
N ARG B 381 39.87 -19.20 -8.24
CA ARG B 381 40.19 -19.12 -6.81
C ARG B 381 40.63 -17.72 -6.41
N ALA B 382 41.50 -17.10 -7.22
CA ALA B 382 42.00 -15.76 -6.92
C ALA B 382 40.89 -14.72 -6.99
N ALA B 383 40.02 -14.81 -8.00
CA ALA B 383 38.91 -13.87 -8.10
C ALA B 383 37.92 -14.06 -6.96
N ALA B 384 37.69 -15.31 -6.54
CA ALA B 384 36.76 -15.57 -5.46
C ALA B 384 37.28 -15.02 -4.13
N GLU B 385 38.56 -15.22 -3.83
CA GLU B 385 39.05 -14.65 -2.58
C GLU B 385 39.36 -13.15 -2.68
N CYS B 386 39.48 -12.58 -3.89
CA CYS B 386 39.54 -11.13 -3.98
C CYS B 386 38.18 -10.49 -3.72
N LYS B 387 37.11 -11.12 -4.21
CA LYS B 387 35.76 -10.69 -3.84
C LYS B 387 35.50 -10.83 -2.35
N LYS B 388 35.98 -11.94 -1.76
CA LYS B 388 35.88 -12.12 -0.31
C LYS B 388 36.70 -11.10 0.45
N LEU B 389 37.83 -10.66 -0.13
CA LEU B 389 38.67 -9.64 0.49
C LEU B 389 37.96 -8.28 0.48
N ILE B 390 37.26 -7.96 -0.61
CA ILE B 390 36.50 -6.71 -0.65
C ILE B 390 35.37 -6.73 0.38
N ALA B 391 34.67 -7.87 0.50
CA ALA B 391 33.62 -7.96 1.49
C ALA B 391 34.15 -7.87 2.92
N THR B 392 35.29 -8.51 3.20
CA THR B 392 35.84 -8.44 4.54
C THR B 392 36.55 -7.12 4.83
N TYR B 393 36.81 -6.29 3.82
CA TYR B 393 37.15 -4.92 4.18
C TYR B 393 35.90 -4.11 4.49
N LYS B 394 34.81 -4.35 3.75
CA LYS B 394 33.56 -3.65 4.03
C LYS B 394 32.99 -3.99 5.41
N ASN B 395 33.34 -5.15 5.98
CA ASN B 395 32.98 -5.44 7.36
C ASN B 395 34.11 -5.17 8.34
N VAL B 396 35.10 -4.36 7.96
CA VAL B 396 36.16 -3.93 8.86
C VAL B 396 36.21 -2.41 9.00
N GLU B 397 36.04 -1.68 7.89
CA GLU B 397 36.37 -0.25 7.75
C GLU B 397 35.75 0.68 8.81
N LEU B 398 34.70 0.24 9.50
CA LEU B 398 34.23 0.96 10.68
C LEU B 398 35.28 0.94 11.80
N LEU B 399 36.06 -0.14 11.90
CA LEU B 399 37.13 -0.22 12.89
C LEU B 399 38.31 0.67 12.55
N ILE B 400 38.34 1.25 11.35
CA ILE B 400 39.44 2.07 10.89
C ILE B 400 39.06 3.55 10.86
N ARG B 401 37.81 3.85 10.47
CA ARG B 401 37.40 5.25 10.39
C ARG B 401 37.31 5.93 11.76
N ILE B 402 37.11 5.17 12.83
CA ILE B 402 37.10 5.72 14.18
C ILE B 402 38.04 4.97 15.11
N GLY B 403 39.01 4.25 14.54
CA GLY B 403 40.14 3.72 15.29
C GLY B 403 39.86 2.63 16.28
N GLU B 404 39.53 1.42 15.80
CA GLU B 404 39.32 0.27 16.67
C GLU B 404 40.03 -0.99 16.16
N TYR B 405 40.91 -0.84 15.18
CA TYR B 405 41.58 -1.95 14.53
C TYR B 405 43.07 -1.92 14.83
N THR B 406 43.59 -3.04 15.33
CA THR B 406 45.02 -3.23 15.46
C THR B 406 45.51 -4.13 14.34
N MET B 407 46.82 -4.21 14.17
CA MET B 407 47.37 -4.80 12.95
C MET B 407 47.40 -6.33 13.03
N GLY B 408 48.11 -6.88 14.01
CA GLY B 408 48.36 -8.31 14.04
C GLY B 408 47.39 -9.18 14.81
N GLN B 409 46.13 -9.25 14.38
CA GLN B 409 45.22 -10.29 14.87
C GLN B 409 44.51 -11.04 13.76
N ASP B 410 44.32 -10.45 12.59
CA ASP B 410 43.77 -11.12 11.41
C ASP B 410 44.72 -10.85 10.27
N PRO B 411 45.53 -11.83 9.85
CA PRO B 411 46.51 -11.57 8.79
C PRO B 411 45.86 -11.32 7.44
N GLU B 412 44.69 -11.91 7.20
CA GLU B 412 43.92 -11.59 5.99
C GLU B 412 43.47 -10.14 5.98
N ALA B 413 43.09 -9.59 7.13
CA ALA B 413 42.66 -8.20 7.18
C ALA B 413 43.84 -7.26 7.02
N ASP B 414 44.99 -7.61 7.62
CA ASP B 414 46.20 -6.81 7.45
C ASP B 414 46.65 -6.81 6.00
N LYS B 415 46.53 -7.96 5.33
CA LYS B 415 46.82 -8.05 3.90
C LYS B 415 45.82 -7.26 3.06
N ALA B 416 44.55 -7.21 3.50
CA ALA B 416 43.54 -6.43 2.81
C ALA B 416 43.84 -4.94 2.89
N ILE B 417 44.10 -4.45 4.10
CA ILE B 417 44.41 -3.03 4.30
C ILE B 417 45.72 -2.66 3.62
N LYS B 418 46.67 -3.59 3.55
CA LYS B 418 47.90 -3.33 2.80
C LYS B 418 47.67 -3.31 1.29
N ASN B 419 46.71 -4.09 0.78
CA ASN B 419 46.52 -4.21 -0.67
C ASN B 419 45.37 -3.39 -1.24
N ARG B 420 44.66 -2.59 -0.43
CA ARG B 420 43.53 -1.82 -0.95
C ARG B 420 43.93 -0.78 -1.99
N LYS B 421 45.10 -0.17 -1.86
CA LYS B 421 45.49 0.79 -2.89
C LYS B 421 45.76 0.11 -4.22
N LEU B 422 46.33 -1.10 -4.16
CA LEU B 422 46.47 -1.93 -5.35
C LEU B 422 45.11 -2.27 -5.96
N ILE B 423 44.15 -2.64 -5.12
CA ILE B 423 42.88 -3.14 -5.63
C ILE B 423 41.99 -2.00 -6.13
N GLN B 424 41.94 -0.87 -5.43
CA GLN B 424 41.28 0.29 -6.01
C GLN B 424 42.14 1.05 -7.00
N ASN B 425 43.30 0.52 -7.39
CA ASN B 425 43.86 0.86 -8.68
C ASN B 425 43.66 -0.25 -9.72
N PHE B 426 43.03 -1.36 -9.31
CA PHE B 426 42.59 -2.42 -10.21
C PHE B 426 41.12 -2.32 -10.60
N ILE B 427 40.24 -1.96 -9.64
CA ILE B 427 38.81 -1.89 -9.93
C ILE B 427 38.51 -0.65 -10.76
N GLN B 428 38.96 0.52 -10.30
CA GLN B 428 38.87 1.74 -11.10
C GLN B 428 39.66 1.63 -12.39
N GLN B 429 39.06 2.08 -13.49
CA GLN B 429 39.83 2.48 -14.64
C GLN B 429 39.07 3.60 -15.35
N SER B 430 39.81 4.41 -16.09
CA SER B 430 39.20 5.54 -16.78
C SER B 430 38.54 5.06 -18.07
N THR B 431 37.90 6.00 -18.77
CA THR B 431 37.09 5.63 -19.93
C THR B 431 37.97 5.28 -21.12
N LYS B 432 38.90 6.16 -21.47
CA LYS B 432 39.78 5.91 -22.60
C LYS B 432 40.88 4.90 -22.30
N ASP B 433 41.05 4.52 -21.04
CA ASP B 433 41.90 3.39 -20.70
C ASP B 433 41.30 2.12 -21.28
N ILE B 434 42.17 1.26 -21.81
CA ILE B 434 41.77 -0.07 -22.22
C ILE B 434 42.89 -1.02 -21.81
N SER B 435 42.52 -2.25 -21.47
CA SER B 435 43.49 -3.25 -21.07
C SER B 435 43.13 -4.57 -21.74
N SER B 436 44.13 -5.24 -22.29
CA SER B 436 43.91 -6.54 -22.87
C SER B 436 43.75 -7.59 -21.77
N TYR B 437 43.43 -8.80 -22.19
CA TYR B 437 43.03 -9.83 -21.23
C TYR B 437 44.22 -10.36 -20.46
N GLU B 438 45.39 -10.42 -21.10
CA GLU B 438 46.58 -10.96 -20.48
C GLU B 438 47.10 -10.03 -19.39
N LYS B 439 47.10 -8.73 -19.65
CA LYS B 439 47.57 -7.76 -18.66
C LYS B 439 46.59 -7.70 -17.50
N THR B 440 45.30 -7.91 -17.77
CA THR B 440 44.29 -7.99 -16.71
C THR B 440 44.54 -9.19 -15.79
N ILE B 441 44.83 -10.35 -16.37
CA ILE B 441 45.07 -11.54 -15.56
C ILE B 441 46.36 -11.40 -14.74
N GLU B 442 47.42 -10.88 -15.35
CA GLU B 442 48.67 -10.77 -14.60
C GLU B 442 48.59 -9.64 -13.58
N SER B 443 47.77 -8.62 -13.83
CA SER B 443 47.55 -7.59 -12.83
C SER B 443 46.69 -8.09 -11.69
N LEU B 444 45.79 -9.05 -11.96
CA LEU B 444 45.02 -9.68 -10.89
C LEU B 444 45.90 -10.56 -10.02
N PHE B 445 46.77 -11.35 -10.66
CA PHE B 445 47.75 -12.16 -9.94
C PHE B 445 48.73 -11.29 -9.17
N LYS B 446 49.02 -10.10 -9.66
CA LYS B 446 49.85 -9.16 -8.92
C LYS B 446 49.08 -8.53 -7.78
N VAL B 447 47.78 -8.28 -7.98
CA VAL B 447 47.02 -7.47 -7.05
C VAL B 447 46.57 -8.27 -5.84
N VAL B 448 46.58 -9.59 -5.92
CA VAL B 448 46.27 -10.41 -4.75
C VAL B 448 47.41 -11.35 -4.37
N ALA B 449 48.45 -11.44 -5.19
CA ALA B 449 49.73 -12.12 -4.89
C ALA B 449 49.60 -13.62 -4.58
N GLU C 38 -17.92 -29.51 -33.22
CA GLU C 38 -17.83 -28.60 -34.36
C GLU C 38 -18.44 -27.26 -33.98
N GLY C 39 -17.62 -26.21 -33.98
CA GLY C 39 -18.07 -24.87 -33.68
C GLY C 39 -17.03 -23.85 -34.08
N LYS C 40 -17.33 -22.58 -33.96
CA LYS C 40 -16.49 -21.53 -34.53
C LYS C 40 -16.07 -20.51 -33.48
N ILE C 41 -14.86 -19.99 -33.65
CA ILE C 41 -14.28 -19.06 -32.70
C ILE C 41 -14.90 -17.68 -32.87
N ILE C 42 -15.26 -17.03 -31.76
CA ILE C 42 -15.91 -15.73 -31.85
C ILE C 42 -15.08 -14.58 -31.30
N ASN C 43 -14.11 -14.81 -30.41
CA ASN C 43 -13.11 -13.77 -30.21
C ASN C 43 -11.74 -14.40 -29.93
N ILE C 44 -10.74 -13.55 -29.93
CA ILE C 44 -9.38 -13.88 -29.54
C ILE C 44 -8.93 -12.76 -28.61
N GLY C 45 -8.42 -13.11 -27.44
CA GLY C 45 -8.14 -12.10 -26.45
C GLY C 45 -6.68 -11.79 -26.21
N GLY C 46 -5.79 -12.67 -26.65
CA GLY C 46 -4.39 -12.49 -26.35
C GLY C 46 -3.81 -13.65 -25.55
N THR C 47 -4.54 -14.11 -24.54
CA THR C 47 -4.17 -15.32 -23.82
C THR C 47 -5.14 -16.45 -24.13
N ILE C 48 -6.42 -16.27 -23.85
CA ILE C 48 -7.42 -17.29 -24.10
C ILE C 48 -8.28 -16.84 -25.28
N ILE C 49 -8.98 -17.81 -25.87
CA ILE C 49 -9.97 -17.51 -26.89
C ILE C 49 -11.30 -17.93 -26.32
N LYS C 50 -12.37 -17.58 -27.02
CA LYS C 50 -13.67 -18.15 -26.66
C LYS C 50 -14.40 -18.45 -27.96
N ALA C 51 -15.37 -19.35 -27.87
CA ALA C 51 -15.95 -19.90 -29.08
C ALA C 51 -17.40 -20.25 -28.85
N ARG C 52 -18.09 -20.50 -29.95
CA ARG C 52 -19.51 -20.86 -29.94
C ARG C 52 -19.58 -22.38 -30.12
N LEU C 53 -19.29 -23.10 -29.04
CA LEU C 53 -19.48 -24.55 -29.05
C LEU C 53 -20.72 -24.90 -28.26
N PRO C 54 -21.76 -25.45 -28.88
CA PRO C 54 -22.94 -25.87 -28.12
C PRO C 54 -22.71 -27.22 -27.47
N LYS C 55 -22.90 -27.26 -26.14
CA LYS C 55 -22.87 -28.47 -25.31
C LYS C 55 -21.53 -29.21 -25.43
N ALA C 56 -20.49 -28.54 -24.94
CA ALA C 56 -19.14 -29.08 -24.91
C ALA C 56 -18.76 -29.46 -23.48
N ARG C 57 -17.98 -30.51 -23.35
CA ARG C 57 -17.50 -30.94 -22.05
C ARG C 57 -16.35 -30.04 -21.62
N ILE C 58 -16.24 -29.83 -20.32
CA ILE C 58 -15.14 -29.08 -19.76
C ILE C 58 -13.95 -30.02 -19.56
N GLY C 59 -12.76 -29.53 -19.91
CA GLY C 59 -11.59 -30.37 -19.98
C GLY C 59 -11.32 -31.00 -21.33
N ALA C 60 -12.33 -31.09 -22.19
CA ALA C 60 -12.14 -31.65 -23.53
C ALA C 60 -11.32 -30.71 -24.38
N PHE C 61 -10.55 -31.28 -25.30
CA PHE C 61 -9.72 -30.47 -26.17
C PHE C 61 -10.14 -30.65 -27.62
N TYR C 62 -9.80 -29.66 -28.42
CA TYR C 62 -10.31 -29.46 -29.77
C TYR C 62 -9.17 -29.05 -30.67
N LYS C 63 -9.27 -29.40 -31.94
CA LYS C 63 -8.32 -28.98 -32.95
C LYS C 63 -8.89 -27.78 -33.70
N ILE C 64 -8.09 -26.73 -33.85
CA ILE C 64 -8.51 -25.60 -34.65
C ILE C 64 -8.39 -26.01 -36.12
N GLU C 65 -9.53 -26.14 -36.80
CA GLU C 65 -9.66 -27.08 -37.92
C GLU C 65 -8.79 -26.82 -39.14
N PRO C 66 -8.60 -25.59 -39.65
CA PRO C 66 -7.75 -25.49 -40.85
C PRO C 66 -6.26 -25.61 -40.56
N SER C 67 -5.78 -25.17 -39.40
CA SER C 67 -4.36 -24.87 -39.26
C SER C 67 -3.60 -25.78 -38.29
N GLN C 68 -4.25 -26.81 -37.74
CA GLN C 68 -3.62 -27.88 -36.95
C GLN C 68 -2.92 -27.32 -35.69
N ARG C 69 -3.76 -26.82 -34.78
CA ARG C 69 -3.32 -26.51 -33.42
C ARG C 69 -4.32 -27.10 -32.45
N LEU C 70 -4.24 -26.77 -31.16
CA LEU C 70 -5.12 -27.37 -30.18
C LEU C 70 -5.53 -26.34 -29.14
N ALA C 71 -6.70 -26.55 -28.53
CA ALA C 71 -7.20 -25.74 -27.42
C ALA C 71 -8.03 -26.64 -26.51
N GLU C 72 -8.31 -26.20 -25.29
CA GLU C 72 -9.12 -27.03 -24.40
C GLU C 72 -10.10 -26.17 -23.59
N VAL C 73 -11.26 -26.76 -23.29
CA VAL C 73 -12.37 -26.02 -22.66
C VAL C 73 -12.08 -25.84 -21.18
N ILE C 74 -12.20 -24.60 -20.70
CA ILE C 74 -11.99 -24.30 -19.29
C ILE C 74 -13.22 -23.69 -18.61
N ALA C 75 -14.18 -23.14 -19.35
CA ALA C 75 -15.36 -22.53 -18.76
C ALA C 75 -16.45 -22.47 -19.80
N ILE C 76 -17.70 -22.43 -19.36
CA ILE C 76 -18.87 -22.51 -20.23
C ILE C 76 -19.83 -21.40 -19.85
N ASP C 77 -20.36 -20.67 -20.84
CA ASP C 77 -21.37 -19.63 -20.63
C ASP C 77 -22.56 -19.81 -21.56
N GLU C 78 -23.15 -21.01 -21.49
CA GLU C 78 -24.43 -21.50 -22.03
C GLU C 78 -24.44 -21.77 -23.53
N ASP C 79 -23.58 -21.12 -24.30
CA ASP C 79 -23.13 -21.64 -25.58
C ASP C 79 -21.74 -21.19 -25.94
N GLU C 80 -21.06 -20.46 -25.07
CA GLU C 80 -19.79 -19.82 -25.38
C GLU C 80 -18.74 -20.36 -24.41
N VAL C 81 -17.81 -21.12 -24.92
CA VAL C 81 -16.83 -21.77 -24.07
C VAL C 81 -15.52 -21.01 -24.16
N PHE C 82 -14.90 -20.80 -23.00
CA PHE C 82 -13.55 -20.26 -22.97
C PHE C 82 -12.58 -21.39 -23.22
N LEU C 83 -11.61 -21.15 -24.08
CA LEU C 83 -10.66 -22.16 -24.49
C LEU C 83 -9.27 -21.63 -24.30
N LEU C 84 -8.37 -22.51 -23.85
CA LEU C 84 -6.98 -22.17 -23.65
C LEU C 84 -6.15 -22.86 -24.72
N PRO C 85 -5.56 -22.15 -25.67
CA PRO C 85 -4.88 -22.81 -26.79
C PRO C 85 -3.55 -23.41 -26.37
N PHE C 86 -3.15 -24.47 -27.06
CA PHE C 86 -1.87 -25.08 -26.72
C PHE C 86 -0.70 -24.32 -27.30
N GLU C 87 -0.96 -23.41 -28.24
CA GLU C 87 0.09 -22.72 -28.99
C GLU C 87 -0.08 -21.21 -28.91
N HIS C 88 0.73 -20.48 -29.66
CA HIS C 88 0.54 -19.05 -29.74
C HIS C 88 -0.68 -18.74 -30.61
N VAL C 89 -1.24 -17.55 -30.40
CA VAL C 89 -2.57 -17.22 -30.91
C VAL C 89 -2.52 -16.44 -32.22
N SER C 90 -1.32 -16.14 -32.73
CA SER C 90 -1.17 -15.30 -33.91
C SER C 90 -1.57 -16.04 -35.18
N GLY C 91 -2.41 -15.40 -35.99
CA GLY C 91 -2.93 -15.96 -37.22
C GLY C 91 -4.42 -16.21 -37.23
N MET C 92 -5.07 -16.31 -36.08
CA MET C 92 -6.46 -16.71 -35.99
C MET C 92 -7.38 -15.58 -36.43
N TYR C 93 -8.65 -15.91 -36.65
CA TYR C 93 -9.65 -14.97 -37.13
C TYR C 93 -11.03 -15.47 -36.68
N CYS C 94 -12.02 -14.60 -36.81
CA CYS C 94 -13.37 -14.96 -36.39
C CYS C 94 -14.00 -15.93 -37.37
N GLY C 95 -14.77 -16.86 -36.84
CA GLY C 95 -15.39 -17.87 -37.68
C GLY C 95 -14.44 -18.95 -38.13
N GLN C 96 -13.54 -19.38 -37.25
CA GLN C 96 -12.56 -20.41 -37.54
C GLN C 96 -12.97 -21.68 -36.82
N TRP C 97 -13.08 -22.79 -37.53
CA TRP C 97 -13.77 -23.94 -37.00
C TRP C 97 -12.94 -24.71 -35.99
N LEU C 98 -13.63 -25.54 -35.20
CA LEU C 98 -13.03 -26.32 -34.13
C LEU C 98 -13.53 -27.75 -34.22
N SER C 99 -12.72 -28.63 -34.77
CA SER C 99 -13.08 -30.04 -34.79
C SER C 99 -12.81 -30.66 -33.43
N TYR C 100 -13.49 -31.75 -33.14
CA TYR C 100 -13.43 -32.40 -31.84
C TYR C 100 -12.34 -33.47 -31.83
N GLN C 101 -11.59 -33.52 -30.73
CA GLN C 101 -10.56 -34.55 -30.51
C GLN C 101 -10.59 -34.96 -29.05
N GLY C 102 -11.37 -35.99 -28.73
CA GLY C 102 -11.31 -36.58 -27.40
C GLY C 102 -11.89 -35.75 -26.28
N ASP C 103 -11.96 -36.35 -25.09
CA ASP C 103 -12.54 -35.71 -23.93
C ASP C 103 -11.49 -35.26 -22.92
N GLU C 104 -10.23 -35.68 -23.08
CA GLU C 104 -9.23 -35.32 -22.10
C GLU C 104 -7.86 -35.42 -22.76
N PHE C 105 -7.01 -34.43 -22.55
CA PHE C 105 -5.64 -34.52 -23.02
C PHE C 105 -4.89 -35.47 -22.10
N LYS C 106 -4.58 -36.65 -22.60
CA LYS C 106 -3.86 -37.68 -21.86
C LYS C 106 -2.49 -37.87 -22.49
N ILE C 107 -1.48 -38.10 -21.66
CA ILE C 107 -0.15 -38.32 -22.18
C ILE C 107 0.11 -39.81 -22.33
N ARG C 108 1.02 -40.14 -23.22
CA ARG C 108 1.41 -41.50 -23.51
C ARG C 108 2.65 -41.82 -22.69
N VAL C 109 2.49 -42.65 -21.66
CA VAL C 109 3.57 -42.96 -20.73
C VAL C 109 3.93 -44.43 -20.90
N GLY C 110 5.15 -44.77 -20.49
CA GLY C 110 5.62 -46.13 -20.56
C GLY C 110 6.99 -46.22 -19.93
N ASP C 111 7.54 -47.42 -19.94
CA ASP C 111 8.80 -47.68 -19.25
C ASP C 111 10.00 -47.22 -20.08
N ALA C 112 9.80 -46.90 -21.35
CA ALA C 112 10.90 -46.45 -22.21
C ALA C 112 11.05 -44.94 -22.19
N LEU C 113 10.70 -44.29 -21.09
CA LEU C 113 11.02 -42.88 -20.91
C LEU C 113 12.36 -42.66 -20.24
N LEU C 114 12.94 -43.69 -19.67
CA LEU C 114 14.19 -43.55 -18.93
C LEU C 114 15.33 -43.24 -19.88
N GLY C 115 15.95 -42.09 -19.69
CA GLY C 115 17.09 -41.69 -20.47
C GLY C 115 16.82 -40.69 -21.57
N ARG C 116 15.63 -40.11 -21.62
CA ARG C 116 15.25 -39.27 -22.74
C ARG C 116 14.43 -38.08 -22.26
N LEU C 117 14.34 -37.08 -23.12
CA LEU C 117 13.80 -35.79 -22.75
C LEU C 117 12.40 -35.61 -23.31
N ILE C 118 11.55 -34.97 -22.53
CA ILE C 118 10.12 -34.87 -22.81
C ILE C 118 9.74 -33.39 -22.84
N ASP C 119 8.97 -33.01 -23.85
CA ASP C 119 8.33 -31.70 -23.95
C ASP C 119 7.29 -31.58 -22.83
N GLY C 120 6.83 -30.35 -22.60
CA GLY C 120 5.97 -30.08 -21.45
C GLY C 120 4.62 -30.77 -21.48
N ILE C 121 4.16 -31.18 -22.65
CA ILE C 121 2.86 -31.83 -22.75
C ILE C 121 3.01 -33.27 -23.22
N GLY C 122 4.11 -33.91 -22.85
CA GLY C 122 4.27 -35.34 -23.01
C GLY C 122 4.99 -35.76 -24.27
N ARG C 123 5.25 -34.85 -25.18
CA ARG C 123 5.86 -35.26 -26.43
C ARG C 123 7.37 -35.43 -26.27
N PRO C 124 7.99 -36.29 -27.07
CA PRO C 124 9.46 -36.34 -27.07
C PRO C 124 10.03 -35.11 -27.74
N MET C 125 11.23 -34.73 -27.30
CA MET C 125 11.89 -33.58 -27.87
C MET C 125 12.98 -33.95 -28.87
N GLU C 126 13.89 -34.85 -28.47
CA GLU C 126 15.11 -35.08 -29.23
C GLU C 126 14.80 -35.79 -30.55
N SER C 127 14.96 -35.05 -31.64
CA SER C 127 14.71 -35.57 -32.98
C SER C 127 15.89 -36.33 -33.54
N ASN C 128 17.00 -36.40 -32.80
CA ASN C 128 18.19 -37.07 -33.30
C ASN C 128 18.01 -38.58 -33.31
N ILE C 129 17.16 -39.11 -32.43
CA ILE C 129 16.97 -40.56 -32.34
C ILE C 129 15.53 -40.91 -32.65
N VAL C 130 15.23 -42.20 -32.61
CA VAL C 130 13.90 -42.70 -32.99
C VAL C 130 12.87 -42.31 -31.92
N ALA C 131 11.61 -42.25 -32.33
CA ALA C 131 10.54 -42.02 -31.37
C ALA C 131 10.38 -43.25 -30.48
N PRO C 132 10.29 -43.07 -29.16
CA PRO C 132 10.15 -44.22 -28.27
C PRO C 132 8.74 -44.80 -28.35
N TYR C 133 8.63 -46.06 -27.93
CA TYR C 133 7.33 -46.72 -27.88
C TYR C 133 6.88 -46.82 -26.43
N LEU C 134 5.74 -46.20 -26.13
CA LEU C 134 5.19 -46.21 -24.80
C LEU C 134 3.84 -46.91 -24.85
N PRO C 135 3.55 -47.85 -23.97
CA PRO C 135 2.31 -48.62 -24.10
C PRO C 135 1.06 -47.98 -23.54
N PHE C 136 1.16 -47.16 -22.49
CA PHE C 136 0.00 -46.82 -21.70
C PHE C 136 -0.41 -45.35 -21.85
N GLU C 137 -1.67 -45.08 -21.56
CA GLU C 137 -2.20 -43.72 -21.49
C GLU C 137 -2.41 -43.36 -20.03
N ARG C 138 -2.05 -42.13 -19.67
CA ARG C 138 -2.36 -41.62 -18.34
C ARG C 138 -2.85 -40.19 -18.46
N SER C 139 -3.92 -39.87 -17.73
CA SER C 139 -4.35 -38.50 -17.61
C SER C 139 -3.45 -37.76 -16.64
N LEU C 140 -3.46 -36.45 -16.74
CA LEU C 140 -2.60 -35.61 -15.93
C LEU C 140 -3.17 -35.30 -14.56
N TYR C 141 -4.39 -35.75 -14.25
CA TYR C 141 -5.09 -35.33 -13.04
C TYR C 141 -5.57 -36.57 -12.28
N ALA C 142 -4.73 -37.06 -11.39
CA ALA C 142 -5.03 -38.22 -10.56
C ALA C 142 -5.11 -37.80 -9.10
N GLU C 143 -5.60 -38.67 -8.33
CA GLU C 143 -5.88 -38.41 -6.92
C GLU C 143 -4.66 -38.76 -6.06
N PRO C 144 -4.49 -38.09 -4.93
CA PRO C 144 -3.44 -38.47 -4.00
C PRO C 144 -3.73 -39.80 -3.35
N PRO C 145 -2.72 -40.46 -2.78
CA PRO C 145 -2.99 -41.68 -2.02
C PRO C 145 -3.83 -41.39 -0.79
N ASP C 146 -4.56 -42.40 -0.36
CA ASP C 146 -5.53 -42.20 0.71
C ASP C 146 -4.79 -41.96 2.01
N PRO C 147 -5.23 -41.01 2.84
CA PRO C 147 -4.43 -40.56 3.98
C PRO C 147 -4.20 -41.61 5.05
N LEU C 148 -5.01 -42.67 5.11
CA LEU C 148 -4.76 -43.75 6.05
C LEU C 148 -3.61 -44.64 5.63
N LEU C 149 -3.18 -44.56 4.38
CA LEU C 149 -2.17 -45.45 3.83
C LEU C 149 -0.85 -44.73 3.58
N ARG C 150 -0.44 -43.84 4.48
CA ARG C 150 0.74 -43.05 4.19
C ARG C 150 1.99 -43.51 4.93
N GLN C 151 1.88 -44.13 6.11
CA GLN C 151 2.96 -44.87 6.76
C GLN C 151 4.17 -43.96 7.07
N VAL C 152 4.01 -43.13 8.11
CA VAL C 152 4.86 -42.00 8.52
C VAL C 152 6.36 -42.22 8.31
N ILE C 153 7.02 -41.23 7.71
CA ILE C 153 8.32 -41.45 7.08
C ILE C 153 9.43 -41.46 8.11
N ASP C 154 10.28 -42.50 8.04
CA ASP C 154 11.25 -42.78 9.09
C ASP C 154 12.56 -43.35 8.57
N GLN C 155 12.93 -43.08 7.31
CA GLN C 155 14.21 -43.51 6.77
C GLN C 155 14.94 -42.34 6.13
N PRO C 156 16.22 -42.16 6.41
CA PRO C 156 16.94 -41.00 5.87
C PRO C 156 17.22 -41.10 4.39
N PHE C 157 17.23 -39.94 3.74
CA PHE C 157 17.51 -39.78 2.32
C PHE C 157 18.72 -38.86 2.23
N ILE C 158 19.89 -39.43 2.01
CA ILE C 158 21.11 -38.65 2.01
C ILE C 158 21.21 -37.84 0.73
N LEU C 159 21.72 -36.62 0.84
CA LEU C 159 21.81 -35.74 -0.31
C LEU C 159 23.23 -35.47 -0.76
N GLY C 160 24.19 -35.46 0.13
CA GLY C 160 25.53 -35.06 -0.21
C GLY C 160 25.92 -33.70 0.33
N VAL C 161 24.94 -32.86 0.66
CA VAL C 161 25.24 -31.59 1.28
C VAL C 161 25.27 -31.80 2.79
N ARG C 162 26.30 -31.23 3.45
CA ARG C 162 26.46 -31.44 4.88
C ARG C 162 25.42 -30.66 5.69
N ALA C 163 24.94 -29.54 5.18
CA ALA C 163 23.94 -28.78 5.92
C ALA C 163 22.58 -29.45 5.87
N ILE C 164 22.23 -30.11 4.76
CA ILE C 164 21.01 -30.90 4.70
C ILE C 164 21.32 -32.38 4.92
N ASP C 165 22.37 -32.68 5.68
CA ASP C 165 22.49 -33.98 6.32
C ASP C 165 22.55 -33.85 7.83
N GLY C 166 23.45 -33.04 8.35
CA GLY C 166 23.62 -32.94 9.78
C GLY C 166 22.56 -32.09 10.43
N LEU C 167 22.32 -30.91 9.89
CA LEU C 167 21.49 -29.93 10.56
C LEU C 167 20.04 -29.95 10.10
N LEU C 168 19.79 -30.45 8.90
CA LEU C 168 18.46 -30.78 8.43
C LEU C 168 18.56 -32.19 7.86
N THR C 169 17.47 -32.95 7.84
CA THR C 169 17.59 -34.31 7.35
C THR C 169 16.35 -34.68 6.56
N CYS C 170 16.55 -35.35 5.44
CA CYS C 170 15.50 -35.65 4.48
C CYS C 170 15.02 -37.08 4.65
N GLY C 171 13.71 -37.27 4.75
CA GLY C 171 13.13 -38.58 4.84
C GLY C 171 12.72 -39.09 3.47
N ILE C 172 12.62 -40.39 3.33
CA ILE C 172 12.20 -40.99 2.07
C ILE C 172 10.68 -40.85 1.98
N GLY C 173 10.24 -39.92 1.13
CA GLY C 173 8.85 -39.54 1.06
C GLY C 173 8.61 -38.11 1.46
N GLN C 174 9.61 -37.43 2.02
CA GLN C 174 9.45 -36.04 2.37
C GLN C 174 9.50 -35.20 1.11
N ARG C 175 8.56 -34.28 0.98
CA ARG C 175 8.61 -33.25 -0.05
C ARG C 175 9.17 -31.97 0.54
N ILE C 176 10.20 -31.44 -0.10
CA ILE C 176 11.08 -30.39 0.43
C ILE C 176 10.96 -29.19 -0.49
N GLY C 177 11.20 -28.00 0.02
CA GLY C 177 11.26 -26.82 -0.81
C GLY C 177 12.56 -26.07 -0.61
N ILE C 178 13.01 -25.43 -1.68
CA ILE C 178 14.21 -24.61 -1.64
C ILE C 178 13.78 -23.20 -1.99
N PHE C 179 13.74 -22.32 -0.99
CA PHE C 179 13.18 -20.98 -1.15
C PHE C 179 14.30 -19.98 -1.30
N ALA C 180 14.33 -19.25 -2.41
CA ALA C 180 15.32 -18.17 -2.51
C ALA C 180 14.83 -17.12 -3.49
N GLY C 181 15.64 -16.09 -3.65
CA GLY C 181 15.38 -15.04 -4.62
C GLY C 181 15.90 -15.42 -5.98
N SER C 182 16.23 -14.43 -6.80
CA SER C 182 16.71 -14.71 -8.15
C SER C 182 18.23 -14.79 -8.14
N GLY C 183 18.77 -15.82 -8.80
CA GLY C 183 20.21 -15.95 -8.81
C GLY C 183 20.85 -16.06 -7.45
N VAL C 184 20.24 -16.80 -6.53
CA VAL C 184 20.79 -16.95 -5.20
C VAL C 184 21.46 -18.32 -5.00
N GLY C 185 21.14 -19.31 -5.82
CA GLY C 185 21.77 -20.60 -5.71
C GLY C 185 20.82 -21.78 -5.75
N LYS C 186 19.57 -21.58 -6.15
CA LYS C 186 18.62 -22.69 -6.22
C LYS C 186 19.10 -23.78 -7.16
N SER C 187 19.30 -23.45 -8.45
CA SER C 187 19.73 -24.47 -9.41
C SER C 187 21.08 -25.05 -9.07
N THR C 188 21.97 -24.28 -8.47
CA THR C 188 23.27 -24.84 -8.10
C THR C 188 23.10 -25.95 -7.07
N LEU C 189 22.12 -25.80 -6.17
CA LEU C 189 21.94 -26.76 -5.09
C LEU C 189 21.23 -28.01 -5.58
N LEU C 190 20.29 -27.87 -6.51
CA LEU C 190 19.75 -29.07 -7.16
C LEU C 190 20.80 -29.81 -7.98
N GLY C 191 21.73 -29.09 -8.60
CA GLY C 191 22.84 -29.77 -9.26
C GLY C 191 23.77 -30.46 -8.28
N MET C 192 23.87 -29.95 -7.07
CA MET C 192 24.65 -30.62 -6.04
C MET C 192 23.96 -31.91 -5.60
N ILE C 193 22.64 -31.90 -5.47
CA ILE C 193 21.92 -33.06 -4.97
C ILE C 193 21.26 -33.86 -6.10
N CYS C 194 21.70 -33.66 -7.35
CA CYS C 194 21.40 -34.62 -8.41
C CYS C 194 22.40 -35.76 -8.45
N ASN C 195 23.69 -35.45 -8.29
CA ASN C 195 24.72 -36.48 -8.26
C ASN C 195 25.13 -36.87 -6.85
N GLY C 196 24.28 -36.63 -5.86
CA GLY C 196 24.58 -37.06 -4.51
C GLY C 196 23.53 -37.99 -3.96
N ALA C 197 22.30 -37.85 -4.42
CA ALA C 197 21.18 -38.63 -3.90
C ALA C 197 21.00 -39.88 -4.74
N SER C 198 21.11 -41.04 -4.10
CA SER C 198 20.92 -42.31 -4.77
C SER C 198 19.44 -42.69 -4.65
N ALA C 199 18.71 -42.53 -5.74
CA ALA C 199 17.34 -42.99 -5.83
C ALA C 199 17.18 -43.84 -7.08
N ASP C 200 16.09 -44.59 -7.14
CA ASP C 200 15.94 -45.59 -8.19
C ASP C 200 15.62 -44.94 -9.53
N ILE C 201 14.70 -43.99 -9.56
CA ILE C 201 14.31 -43.29 -10.77
C ILE C 201 14.35 -41.80 -10.49
N ILE C 202 15.10 -41.05 -11.29
CA ILE C 202 15.19 -39.61 -11.12
C ILE C 202 14.34 -38.96 -12.22
N VAL C 203 13.27 -38.30 -11.85
CA VAL C 203 12.40 -37.61 -12.80
C VAL C 203 12.53 -36.13 -12.53
N LEU C 204 13.28 -35.44 -13.38
CA LEU C 204 13.60 -34.03 -13.19
C LEU C 204 12.78 -33.18 -14.14
N ALA C 205 12.14 -32.16 -13.60
CA ALA C 205 11.33 -31.22 -14.37
C ALA C 205 12.02 -29.87 -14.38
N LEU C 206 12.05 -29.23 -15.54
CA LEU C 206 12.73 -27.95 -15.67
C LEU C 206 11.78 -26.90 -16.20
N ILE C 207 10.62 -26.77 -15.57
CA ILE C 207 9.56 -25.91 -16.09
C ILE C 207 9.93 -24.45 -15.91
N GLY C 208 9.63 -23.66 -16.93
CA GLY C 208 9.76 -22.21 -16.87
C GLY C 208 11.15 -21.63 -16.75
N GLU C 209 12.20 -22.35 -17.14
CA GLU C 209 13.55 -21.83 -16.95
C GLU C 209 14.32 -21.72 -18.26
N ARG C 210 15.61 -21.42 -18.14
CA ARG C 210 16.45 -21.10 -19.30
C ARG C 210 16.56 -22.28 -20.24
N GLY C 211 16.47 -22.00 -21.54
CA GLY C 211 16.79 -23.03 -22.49
C GLY C 211 18.24 -23.46 -22.45
N ARG C 212 19.13 -22.56 -21.99
CA ARG C 212 20.55 -22.88 -21.89
C ARG C 212 20.83 -23.95 -20.86
N GLU C 213 19.89 -24.20 -19.94
CA GLU C 213 20.22 -25.07 -18.82
C GLU C 213 20.00 -26.54 -19.11
N VAL C 214 19.25 -26.89 -20.15
CA VAL C 214 19.02 -28.30 -20.42
C VAL C 214 20.35 -29.04 -20.57
N ASN C 215 21.36 -28.40 -21.17
CA ASN C 215 22.64 -29.07 -21.33
C ASN C 215 23.44 -29.08 -20.04
N GLU C 216 23.26 -28.07 -19.19
CA GLU C 216 24.05 -28.03 -17.96
C GLU C 216 23.56 -29.07 -16.97
N PHE C 217 22.26 -29.27 -16.87
CA PHE C 217 21.77 -30.41 -16.12
C PHE C 217 21.94 -31.74 -16.86
N LEU C 218 22.47 -31.74 -18.08
CA LEU C 218 22.96 -32.98 -18.68
C LEU C 218 24.47 -33.08 -18.60
N ALA C 219 25.13 -32.13 -17.94
CA ALA C 219 26.57 -32.19 -17.75
C ALA C 219 26.93 -32.33 -16.28
N LEU C 220 25.94 -32.57 -15.44
CA LEU C 220 26.18 -32.91 -14.04
C LEU C 220 25.76 -34.32 -13.72
N LEU C 221 25.05 -34.98 -14.62
CA LEU C 221 24.53 -36.32 -14.40
C LEU C 221 25.42 -37.32 -15.11
N PRO C 222 26.00 -38.30 -14.42
CA PRO C 222 26.75 -39.35 -15.12
C PRO C 222 25.82 -40.31 -15.84
N GLN C 223 26.42 -41.18 -16.65
CA GLN C 223 25.63 -42.14 -17.40
C GLN C 223 25.04 -43.22 -16.49
N SER C 224 25.60 -43.43 -15.31
CA SER C 224 24.96 -44.27 -14.31
C SER C 224 23.76 -43.58 -13.66
N THR C 225 23.60 -42.27 -13.85
CA THR C 225 22.42 -41.54 -13.43
C THR C 225 21.49 -41.22 -14.59
N LEU C 226 22.06 -40.91 -15.75
CA LEU C 226 21.25 -40.55 -16.92
C LEU C 226 20.52 -41.75 -17.51
N SER C 227 20.95 -42.97 -17.21
CA SER C 227 20.23 -44.13 -17.70
C SER C 227 18.93 -44.38 -16.96
N LYS C 228 18.70 -43.68 -15.85
CA LYS C 228 17.47 -43.82 -15.07
C LYS C 228 16.78 -42.48 -14.88
N CYS C 229 17.17 -41.45 -15.60
CA CYS C 229 16.68 -40.09 -15.40
C CYS C 229 15.78 -39.71 -16.57
N VAL C 230 14.54 -39.42 -16.28
CA VAL C 230 13.64 -38.76 -17.23
C VAL C 230 13.80 -37.27 -17.00
N LEU C 231 13.82 -36.49 -18.07
CA LEU C 231 14.05 -35.06 -17.94
C LEU C 231 12.96 -34.33 -18.73
N VAL C 232 11.87 -34.01 -18.04
CA VAL C 232 10.81 -33.22 -18.63
C VAL C 232 11.23 -31.76 -18.60
N VAL C 233 11.13 -31.08 -19.74
CA VAL C 233 11.57 -29.69 -19.80
C VAL C 233 10.71 -28.85 -20.74
N THR C 234 10.08 -27.82 -20.19
CA THR C 234 9.51 -26.73 -20.97
C THR C 234 10.20 -25.44 -20.54
N THR C 235 10.43 -24.55 -21.48
CA THR C 235 11.25 -23.39 -21.18
C THR C 235 10.36 -22.17 -21.04
N SER C 236 10.99 -21.01 -20.84
CA SER C 236 10.23 -19.79 -20.58
C SER C 236 9.55 -19.24 -21.82
N ASP C 237 9.87 -19.76 -22.99
CA ASP C 237 9.26 -19.29 -24.23
C ASP C 237 7.84 -19.78 -24.38
N ARG C 238 7.56 -20.97 -23.88
CA ARG C 238 6.46 -21.78 -24.32
C ARG C 238 5.14 -21.20 -23.84
N PRO C 239 4.00 -21.56 -24.45
CA PRO C 239 2.73 -20.94 -24.07
C PRO C 239 2.31 -21.25 -22.64
N ALA C 240 1.30 -20.52 -22.19
CA ALA C 240 0.90 -20.56 -20.79
C ALA C 240 0.30 -21.90 -20.40
N LEU C 241 -0.37 -22.57 -21.32
CA LEU C 241 -0.82 -23.94 -21.04
C LEU C 241 0.36 -24.88 -20.90
N GLU C 242 1.36 -24.73 -21.75
CA GLU C 242 2.46 -25.67 -21.75
C GLU C 242 3.40 -25.48 -20.57
N ARG C 243 3.40 -24.30 -19.95
CA ARG C 243 4.09 -24.14 -18.67
C ARG C 243 3.19 -24.43 -17.49
N MET C 244 1.87 -24.36 -17.68
CA MET C 244 0.95 -24.80 -16.64
C MET C 244 0.95 -26.32 -16.51
N LYS C 245 0.83 -27.02 -17.63
CA LYS C 245 0.59 -28.46 -17.66
C LYS C 245 1.86 -29.26 -17.90
N ALA C 246 2.98 -28.86 -17.32
CA ALA C 246 4.19 -29.68 -17.37
C ALA C 246 4.61 -30.23 -16.03
N ALA C 247 4.32 -29.51 -14.95
CA ALA C 247 4.50 -30.08 -13.62
C ALA C 247 3.56 -31.26 -13.40
N PHE C 248 2.38 -31.23 -14.00
CA PHE C 248 1.47 -32.37 -13.94
C PHE C 248 2.01 -33.54 -14.74
N THR C 249 2.71 -33.27 -15.84
CA THR C 249 3.35 -34.33 -16.62
C THR C 249 4.47 -34.98 -15.82
N ALA C 250 5.27 -34.17 -15.12
CA ALA C 250 6.34 -34.72 -14.29
C ALA C 250 5.80 -35.54 -13.14
N THR C 251 4.70 -35.10 -12.52
CA THR C 251 4.13 -35.87 -11.43
C THR C 251 3.47 -37.14 -11.94
N THR C 252 2.90 -37.12 -13.14
CA THR C 252 2.27 -38.32 -13.68
C THR C 252 3.30 -39.37 -14.06
N ILE C 253 4.43 -38.94 -14.62
CA ILE C 253 5.51 -39.88 -14.91
C ILE C 253 6.11 -40.44 -13.61
N ALA C 254 6.24 -39.60 -12.58
CA ALA C 254 6.76 -40.08 -11.31
C ALA C 254 5.79 -41.02 -10.62
N GLU C 255 4.49 -40.86 -10.85
CA GLU C 255 3.52 -41.80 -10.30
C GLU C 255 3.48 -43.12 -11.07
N TYR C 256 3.73 -43.08 -12.39
CA TYR C 256 3.89 -44.33 -13.13
C TYR C 256 5.10 -45.12 -12.64
N PHE C 257 6.17 -44.43 -12.32
CA PHE C 257 7.35 -45.13 -11.80
C PHE C 257 7.23 -45.44 -10.31
N ARG C 258 6.33 -44.79 -9.60
CA ARG C 258 6.05 -45.16 -8.21
C ARG C 258 5.24 -46.44 -8.14
N ASP C 259 4.22 -46.58 -9.00
CA ASP C 259 3.33 -47.74 -8.92
C ASP C 259 4.02 -49.05 -9.27
N GLN C 260 5.15 -49.01 -9.97
CA GLN C 260 5.95 -50.21 -10.16
C GLN C 260 6.67 -50.62 -8.89
N GLY C 261 6.81 -49.73 -7.91
CA GLY C 261 7.47 -50.03 -6.66
C GLY C 261 8.77 -49.30 -6.43
N LYS C 262 9.14 -48.39 -7.31
CA LYS C 262 10.44 -47.74 -7.24
C LYS C 262 10.41 -46.58 -6.25
N ASN C 263 11.56 -46.28 -5.67
CA ASN C 263 11.71 -45.03 -4.93
C ASN C 263 12.07 -43.93 -5.91
N VAL C 264 11.11 -43.10 -6.25
CA VAL C 264 11.32 -42.03 -7.22
C VAL C 264 11.81 -40.80 -6.47
N LEU C 265 12.79 -40.11 -7.05
CA LEU C 265 13.15 -38.76 -6.63
C LEU C 265 12.63 -37.80 -7.68
N LEU C 266 11.53 -37.12 -7.35
CA LEU C 266 11.02 -36.04 -8.18
C LEU C 266 11.66 -34.73 -7.75
N MET C 267 12.03 -33.90 -8.71
CA MET C 267 12.50 -32.56 -8.40
C MET C 267 12.11 -31.59 -9.50
N MET C 268 11.48 -30.49 -9.10
CA MET C 268 11.00 -29.47 -10.01
C MET C 268 11.74 -28.16 -9.86
N ASP C 269 11.95 -27.49 -10.99
CA ASP C 269 12.64 -26.22 -10.98
C ASP C 269 11.65 -25.08 -11.13
N SER C 270 11.62 -24.26 -10.11
CA SER C 270 10.76 -23.08 -10.02
C SER C 270 9.31 -23.46 -10.31
N VAL C 271 8.67 -24.05 -9.30
CA VAL C 271 7.22 -24.30 -9.32
C VAL C 271 6.44 -22.99 -9.31
N THR C 272 7.09 -21.89 -8.96
CA THR C 272 6.44 -20.59 -9.07
C THR C 272 6.28 -20.15 -10.53
N ARG C 273 6.93 -20.83 -11.46
CA ARG C 273 6.67 -20.59 -12.87
C ARG C 273 5.34 -21.23 -13.27
N TYR C 274 5.03 -22.39 -12.69
CA TYR C 274 3.68 -22.92 -12.78
C TYR C 274 2.68 -21.98 -12.13
N ALA C 275 3.02 -21.42 -10.97
CA ALA C 275 2.08 -20.54 -10.28
C ALA C 275 1.80 -19.26 -11.07
N ARG C 276 2.82 -18.73 -11.76
CA ARG C 276 2.61 -17.53 -12.56
C ARG C 276 1.88 -17.82 -13.86
N ALA C 277 2.10 -18.99 -14.48
CA ALA C 277 1.30 -19.36 -15.63
C ALA C 277 -0.16 -19.53 -15.27
N ALA C 278 -0.43 -20.16 -14.12
CA ALA C 278 -1.80 -20.31 -13.67
C ALA C 278 -2.43 -18.99 -13.26
N ARG C 279 -1.64 -18.06 -12.72
CA ARG C 279 -2.13 -16.70 -12.47
C ARG C 279 -2.59 -16.04 -13.76
N ASP C 280 -1.78 -16.14 -14.81
CA ASP C 280 -2.12 -15.46 -16.06
C ASP C 280 -3.39 -16.03 -16.69
N VAL C 281 -3.52 -17.35 -16.69
CA VAL C 281 -4.71 -17.96 -17.28
C VAL C 281 -5.94 -17.72 -16.41
N GLY C 282 -5.79 -17.81 -15.08
CA GLY C 282 -6.92 -17.63 -14.20
C GLY C 282 -7.41 -16.21 -14.13
N LEU C 283 -6.54 -15.24 -14.39
CA LEU C 283 -7.00 -13.87 -14.50
C LEU C 283 -7.58 -13.57 -15.87
N ALA C 284 -7.08 -14.22 -16.93
CA ALA C 284 -7.68 -14.05 -18.24
C ALA C 284 -9.07 -14.65 -18.31
N SER C 285 -9.32 -15.69 -17.51
CA SER C 285 -10.62 -16.34 -17.50
C SER C 285 -11.62 -15.67 -16.58
N GLY C 286 -11.25 -14.58 -15.93
CA GLY C 286 -12.21 -13.77 -15.19
C GLY C 286 -12.38 -14.13 -13.73
N GLU C 287 -11.28 -14.27 -13.01
CA GLU C 287 -11.34 -14.54 -11.58
C GLU C 287 -10.78 -13.35 -10.81
N PRO C 288 -11.17 -13.16 -9.55
CA PRO C 288 -10.68 -12.00 -8.80
C PRO C 288 -9.23 -12.14 -8.39
N ASP C 289 -8.81 -11.20 -7.54
CA ASP C 289 -7.42 -11.02 -7.18
C ASP C 289 -7.30 -11.10 -5.68
N VAL C 290 -7.24 -12.31 -5.15
CA VAL C 290 -7.48 -12.50 -3.73
C VAL C 290 -6.27 -12.16 -2.85
N ARG C 291 -5.04 -12.36 -3.33
CA ARG C 291 -3.89 -12.14 -2.48
C ARG C 291 -2.68 -11.89 -3.35
N GLY C 292 -2.19 -10.65 -3.37
CA GLY C 292 -0.88 -10.36 -3.93
C GLY C 292 -0.75 -10.55 -5.42
N GLY C 293 -1.86 -10.60 -6.14
CA GLY C 293 -1.79 -10.72 -7.58
C GLY C 293 -2.46 -11.97 -8.12
N PHE C 294 -2.78 -12.89 -7.25
CA PHE C 294 -3.14 -14.23 -7.68
C PHE C 294 -4.63 -14.49 -7.54
N PRO C 295 -5.20 -15.29 -8.44
CA PRO C 295 -6.59 -15.70 -8.31
C PRO C 295 -6.74 -16.70 -7.17
N PRO C 296 -7.97 -17.05 -6.78
CA PRO C 296 -8.10 -18.13 -5.81
C PRO C 296 -7.86 -19.51 -6.40
N SER C 297 -7.93 -19.66 -7.71
CA SER C 297 -7.76 -20.96 -8.33
C SER C 297 -6.32 -21.39 -8.45
N VAL C 298 -5.35 -20.50 -8.24
CA VAL C 298 -3.97 -20.95 -8.16
C VAL C 298 -3.63 -21.32 -6.73
N PHE C 299 -4.38 -20.82 -5.76
CA PHE C 299 -4.22 -21.21 -4.37
C PHE C 299 -4.92 -22.53 -4.09
N SER C 300 -5.97 -22.86 -4.83
CA SER C 300 -6.68 -24.11 -4.61
C SER C 300 -6.21 -25.24 -5.50
N SER C 301 -5.28 -25.00 -6.42
CA SER C 301 -4.80 -26.02 -7.32
C SER C 301 -3.33 -26.31 -7.15
N LEU C 302 -2.66 -25.62 -6.27
CA LEU C 302 -1.31 -25.89 -5.85
C LEU C 302 -1.23 -27.01 -4.82
N PRO C 303 -2.15 -27.17 -3.83
CA PRO C 303 -2.14 -28.41 -3.05
C PRO C 303 -2.41 -29.65 -3.84
N LYS C 304 -3.34 -29.66 -4.78
CA LYS C 304 -3.60 -30.89 -5.51
C LYS C 304 -2.61 -31.14 -6.64
N LEU C 305 -1.46 -30.48 -6.63
CA LEU C 305 -0.24 -30.90 -7.29
C LEU C 305 0.85 -31.27 -6.29
N LEU C 306 0.98 -30.54 -5.20
CA LEU C 306 2.05 -30.86 -4.25
C LEU C 306 1.69 -32.03 -3.33
N GLU C 307 0.42 -32.35 -3.15
CA GLU C 307 0.03 -33.45 -2.28
C GLU C 307 0.15 -34.81 -2.94
N ARG C 308 0.44 -34.88 -4.23
CA ARG C 308 0.56 -36.18 -4.86
C ARG C 308 1.94 -36.81 -4.66
N ALA C 309 2.92 -36.04 -4.23
CA ALA C 309 4.30 -36.51 -4.14
C ALA C 309 4.65 -36.69 -2.68
N GLY C 310 4.50 -37.92 -2.20
CA GLY C 310 4.87 -38.23 -0.85
C GLY C 310 4.93 -39.72 -0.66
N PRO C 311 4.80 -40.18 0.58
CA PRO C 311 4.79 -41.62 0.82
C PRO C 311 3.48 -42.24 0.38
N ALA C 312 3.56 -43.49 -0.04
CA ALA C 312 2.48 -44.18 -0.72
C ALA C 312 2.46 -45.62 -0.22
N PRO C 313 1.43 -46.43 -0.52
CA PRO C 313 1.52 -47.84 -0.12
C PRO C 313 2.54 -48.64 -0.92
N LYS C 314 2.61 -48.45 -2.22
CA LYS C 314 3.53 -49.18 -3.08
C LYS C 314 4.46 -48.17 -3.73
N GLY C 315 5.71 -48.17 -3.31
CA GLY C 315 6.67 -47.19 -3.79
C GLY C 315 6.56 -45.90 -2.99
N SER C 316 7.36 -44.92 -3.40
CA SER C 316 7.32 -43.61 -2.79
C SER C 316 7.91 -42.62 -3.77
N ILE C 317 7.46 -41.37 -3.65
CA ILE C 317 8.04 -40.24 -4.37
C ILE C 317 8.56 -39.28 -3.33
N THR C 318 9.86 -39.04 -3.31
CA THR C 318 10.44 -37.96 -2.54
C THR C 318 10.76 -36.81 -3.49
N ALA C 319 10.23 -35.64 -3.20
CA ALA C 319 10.24 -34.54 -4.15
C ALA C 319 10.96 -33.34 -3.56
N ILE C 320 11.56 -32.55 -4.45
CA ILE C 320 12.27 -31.33 -4.09
C ILE C 320 11.80 -30.24 -5.04
N TYR C 321 11.09 -29.25 -4.50
CA TYR C 321 10.51 -28.19 -5.29
C TYR C 321 11.31 -26.93 -5.08
N THR C 322 11.80 -26.34 -6.15
CA THR C 322 12.48 -25.06 -6.08
C THR C 322 11.45 -23.94 -6.13
N VAL C 323 11.57 -22.95 -5.24
CA VAL C 323 10.62 -21.84 -5.17
C VAL C 323 11.40 -20.53 -5.26
N LEU C 324 11.05 -19.71 -6.26
CA LEU C 324 11.57 -18.37 -6.45
C LEU C 324 10.64 -17.38 -5.78
N LEU C 325 11.22 -16.38 -5.12
CA LEU C 325 10.44 -15.42 -4.38
C LEU C 325 10.47 -14.07 -5.10
N GLU C 326 9.40 -13.29 -4.93
CA GLU C 326 9.26 -12.05 -5.71
C GLU C 326 10.19 -10.96 -5.21
N SER C 327 10.79 -11.17 -4.06
CA SER C 327 11.87 -10.32 -3.61
C SER C 327 12.74 -11.27 -2.80
N ASP C 328 13.58 -10.74 -1.93
CA ASP C 328 14.30 -11.63 -1.03
C ASP C 328 13.52 -11.84 0.26
N ASN C 329 12.26 -11.42 0.28
CA ASN C 329 11.39 -11.69 1.42
C ASN C 329 10.87 -13.12 1.35
N VAL C 330 10.78 -13.76 2.51
CA VAL C 330 10.26 -15.11 2.56
C VAL C 330 8.74 -15.09 2.57
N ASN C 331 8.13 -13.94 2.84
CA ASN C 331 6.69 -13.77 2.99
C ASN C 331 6.03 -13.31 1.70
N ASP C 332 6.51 -13.82 0.57
CA ASP C 332 5.82 -13.79 -0.70
C ASP C 332 4.50 -14.55 -0.55
N PRO C 333 3.47 -14.27 -1.36
CA PRO C 333 2.26 -15.11 -1.29
C PRO C 333 2.47 -16.57 -1.70
N ILE C 334 3.11 -16.83 -2.84
CA ILE C 334 3.37 -18.21 -3.22
C ILE C 334 4.44 -18.81 -2.34
N GLY C 335 5.41 -18.01 -1.88
CA GLY C 335 6.37 -18.51 -0.91
C GLY C 335 5.73 -18.95 0.38
N ASP C 336 4.73 -18.21 0.86
CA ASP C 336 4.05 -18.54 2.10
C ASP C 336 3.17 -19.77 1.92
N GLU C 337 2.46 -19.86 0.80
CA GLU C 337 1.57 -21.00 0.57
C GLU C 337 2.35 -22.30 0.37
N VAL C 338 3.43 -22.26 -0.40
CA VAL C 338 4.23 -23.46 -0.60
C VAL C 338 5.01 -23.79 0.67
N ARG C 339 5.28 -22.81 1.54
CA ARG C 339 5.86 -23.16 2.83
C ARG C 339 4.85 -23.84 3.73
N SER C 340 3.57 -23.49 3.60
CA SER C 340 2.52 -24.12 4.38
C SER C 340 1.98 -25.39 3.77
N ILE C 341 2.48 -25.84 2.62
CA ILE C 341 2.13 -27.15 2.10
C ILE C 341 3.25 -28.17 2.32
N LEU C 342 4.48 -27.82 2.01
CA LEU C 342 5.57 -28.78 1.94
C LEU C 342 6.04 -29.20 3.33
N ASP C 343 6.86 -30.25 3.36
CA ASP C 343 7.33 -30.91 4.58
C ASP C 343 8.74 -30.50 4.94
N GLY C 344 9.12 -29.26 4.70
CA GLY C 344 10.46 -28.83 4.99
C GLY C 344 10.85 -27.72 4.06
N HIS C 345 11.47 -26.69 4.58
CA HIS C 345 11.87 -25.55 3.77
C HIS C 345 13.33 -25.21 4.05
N ILE C 346 14.09 -25.02 2.98
CA ILE C 346 15.50 -24.70 3.04
C ILE C 346 15.63 -23.31 2.45
N VAL C 347 15.86 -22.33 3.30
CA VAL C 347 15.82 -20.93 2.89
C VAL C 347 17.22 -20.48 2.58
N LEU C 348 17.46 -20.09 1.34
CA LEU C 348 18.72 -19.51 0.90
C LEU C 348 18.54 -18.00 0.82
N THR C 349 19.46 -17.25 1.42
CA THR C 349 19.35 -15.81 1.45
C THR C 349 20.41 -15.17 0.56
N ARG C 350 20.11 -13.97 0.07
CA ARG C 350 21.05 -13.25 -0.78
C ARG C 350 22.22 -12.71 0.01
N GLU C 351 22.01 -12.42 1.30
CA GLU C 351 23.06 -11.86 2.15
C GLU C 351 24.25 -12.80 2.26
N LEU C 352 23.99 -14.09 2.38
CA LEU C 352 25.09 -15.05 2.47
C LEU C 352 25.74 -15.25 1.12
N ALA C 353 25.01 -15.03 0.03
CA ALA C 353 25.62 -15.11 -1.29
C ALA C 353 26.56 -13.94 -1.53
N GLU C 354 26.18 -12.75 -1.06
CA GLU C 354 27.05 -11.59 -1.16
C GLU C 354 28.22 -11.68 -0.20
N GLU C 355 28.06 -12.41 0.90
CA GLU C 355 29.14 -12.69 1.84
C GLU C 355 30.06 -13.82 1.34
N ASN C 356 29.70 -14.44 0.19
CA ASN C 356 30.40 -15.59 -0.41
C ASN C 356 30.39 -16.77 0.54
N HIS C 357 29.22 -17.04 1.11
CA HIS C 357 28.95 -18.17 1.98
C HIS C 357 28.12 -19.18 1.21
N PHE C 358 28.77 -20.08 0.48
CA PHE C 358 28.01 -20.96 -0.39
C PHE C 358 28.07 -22.42 0.04
N PRO C 359 26.94 -23.15 0.03
CA PRO C 359 25.57 -22.74 -0.32
C PRO C 359 24.93 -21.88 0.76
N ALA C 360 24.01 -21.00 0.37
CA ALA C 360 23.70 -19.81 1.14
C ALA C 360 22.61 -20.05 2.16
N ILE C 361 22.54 -21.25 2.72
CA ILE C 361 21.43 -21.67 3.56
C ILE C 361 21.42 -20.89 4.86
N ASP C 362 20.33 -20.20 5.14
CA ASP C 362 20.08 -19.62 6.45
C ASP C 362 19.59 -20.73 7.36
N ILE C 363 20.38 -21.06 8.37
CA ILE C 363 20.03 -22.17 9.26
C ILE C 363 18.91 -21.79 10.22
N GLY C 364 18.71 -20.50 10.49
CA GLY C 364 17.64 -20.10 11.38
C GLY C 364 16.27 -20.23 10.74
N LEU C 365 16.13 -19.82 9.49
CA LEU C 365 14.87 -19.88 8.78
C LEU C 365 14.56 -21.24 8.19
N SER C 366 15.50 -22.17 8.23
CA SER C 366 15.32 -23.48 7.63
C SER C 366 14.74 -24.46 8.64
N ALA C 367 13.94 -25.39 8.14
CA ALA C 367 13.34 -26.38 9.00
C ALA C 367 13.07 -27.64 8.19
N SER C 368 13.06 -28.77 8.87
CA SER C 368 12.73 -30.02 8.23
C SER C 368 11.72 -30.72 9.10
N ARG C 369 10.54 -30.97 8.58
CA ARG C 369 9.50 -31.37 9.51
C ARG C 369 9.57 -32.82 9.92
N VAL C 370 10.59 -33.57 9.51
CA VAL C 370 10.59 -34.99 9.88
C VAL C 370 11.93 -35.41 10.46
N MET C 371 12.83 -34.46 10.69
CA MET C 371 14.17 -34.81 11.13
C MET C 371 14.12 -35.68 12.37
N HIS C 372 13.21 -35.39 13.29
CA HIS C 372 13.14 -36.11 14.56
C HIS C 372 12.63 -37.53 14.40
N ASN C 373 11.83 -37.81 13.38
CA ASN C 373 11.39 -39.18 13.14
C ASN C 373 12.44 -40.00 12.41
N VAL C 374 13.53 -39.39 12.00
CA VAL C 374 14.50 -40.03 11.12
C VAL C 374 15.85 -40.21 11.82
N VAL C 375 16.42 -39.15 12.35
CA VAL C 375 17.75 -39.23 12.94
C VAL C 375 17.68 -39.84 14.34
N THR C 376 18.83 -40.25 14.85
CA THR C 376 18.95 -40.71 16.23
C THR C 376 18.95 -39.51 17.17
N SER C 377 18.79 -39.78 18.46
CA SER C 377 18.56 -38.70 19.41
C SER C 377 19.83 -37.92 19.72
N GLU C 378 20.99 -38.58 19.75
CA GLU C 378 22.24 -37.84 19.94
C GLU C 378 22.59 -37.00 18.71
N HIS C 379 22.24 -37.49 17.52
CA HIS C 379 22.32 -36.68 16.30
C HIS C 379 21.44 -35.45 16.41
N LEU C 380 20.23 -35.63 16.96
CA LEU C 380 19.28 -34.53 17.07
C LEU C 380 19.75 -33.47 18.04
N ARG C 381 20.28 -33.87 19.20
CA ARG C 381 20.73 -32.87 20.15
C ARG C 381 22.06 -32.24 19.74
N ALA C 382 22.89 -32.98 18.96
CA ALA C 382 24.07 -32.36 18.38
C ALA C 382 23.69 -31.31 17.34
N ALA C 383 22.65 -31.59 16.55
CA ALA C 383 22.16 -30.60 15.59
C ALA C 383 21.60 -29.37 16.27
N ALA C 384 20.84 -29.58 17.35
CA ALA C 384 20.27 -28.45 18.09
C ALA C 384 21.35 -27.61 18.76
N GLU C 385 22.41 -28.25 19.24
CA GLU C 385 23.52 -27.49 19.81
C GLU C 385 24.27 -26.70 18.74
N CYS C 386 24.42 -27.26 17.53
CA CYS C 386 25.10 -26.52 16.46
C CYS C 386 24.29 -25.32 16.00
N LYS C 387 22.97 -25.46 15.94
CA LYS C 387 22.15 -24.32 15.57
C LYS C 387 22.13 -23.26 16.68
N LYS C 388 22.21 -23.72 17.95
CA LYS C 388 22.38 -22.78 19.06
C LYS C 388 23.68 -22.00 18.95
N LEU C 389 24.76 -22.66 18.52
CA LEU C 389 26.04 -21.97 18.38
C LEU C 389 26.03 -20.97 17.24
N ILE C 390 25.33 -21.31 16.14
CA ILE C 390 25.20 -20.37 15.02
C ILE C 390 24.43 -19.11 15.43
N ALA C 391 23.31 -19.30 16.15
CA ALA C 391 22.55 -18.14 16.63
C ALA C 391 23.33 -17.33 17.67
N THR C 392 24.11 -18.00 18.52
CA THR C 392 24.86 -17.30 19.54
C THR C 392 26.01 -16.49 18.94
N TYR C 393 26.65 -17.01 17.88
CA TYR C 393 27.62 -16.17 17.19
C TYR C 393 26.97 -14.98 16.51
N LYS C 394 25.78 -15.16 15.92
CA LYS C 394 25.13 -13.99 15.34
C LYS C 394 24.56 -13.05 16.40
N ASN C 395 24.56 -13.46 17.67
CA ASN C 395 24.28 -12.53 18.75
C ASN C 395 25.54 -11.74 19.16
N VAL C 396 26.65 -12.43 19.35
CA VAL C 396 27.84 -11.85 20.00
C VAL C 396 28.85 -11.34 18.95
N GLU C 397 28.50 -11.36 17.66
CA GLU C 397 29.47 -10.97 16.63
C GLU C 397 29.77 -9.47 16.66
N LEU C 398 28.76 -8.63 16.84
CA LEU C 398 29.02 -7.20 16.88
C LEU C 398 29.57 -6.76 18.23
N LEU C 399 29.42 -7.60 19.24
CA LEU C 399 30.03 -7.40 20.55
C LEU C 399 31.51 -7.75 20.57
N ILE C 400 31.94 -8.72 19.75
CA ILE C 400 33.37 -9.02 19.66
C ILE C 400 34.06 -8.17 18.59
N ARG C 401 33.36 -7.75 17.54
CA ARG C 401 34.02 -7.03 16.46
C ARG C 401 34.37 -5.61 16.86
N ILE C 402 33.44 -4.90 17.50
CA ILE C 402 33.71 -3.54 17.97
C ILE C 402 34.69 -3.56 19.14
N GLY C 403 34.61 -4.58 19.99
CA GLY C 403 35.65 -4.80 20.97
C GLY C 403 35.22 -4.79 22.42
N GLU C 404 33.94 -5.03 22.66
CA GLU C 404 33.41 -5.04 24.01
C GLU C 404 33.37 -6.43 24.63
N TYR C 405 33.35 -7.49 23.82
CA TYR C 405 33.31 -8.83 24.37
C TYR C 405 34.67 -9.21 24.92
N THR C 406 34.75 -9.34 26.24
CA THR C 406 35.96 -9.82 26.89
C THR C 406 35.87 -11.34 27.02
N MET C 407 36.99 -12.02 26.76
CA MET C 407 37.04 -13.46 26.64
C MET C 407 36.82 -14.15 27.97
N GLY C 408 35.58 -14.54 28.25
CA GLY C 408 35.31 -15.31 29.46
C GLY C 408 34.01 -14.98 30.17
N GLN C 409 33.26 -14.01 29.66
CA GLN C 409 32.05 -13.57 30.36
C GLN C 409 30.93 -14.59 30.23
N ASP C 410 30.48 -14.88 29.00
CA ASP C 410 29.34 -15.78 28.79
C ASP C 410 29.83 -17.16 28.41
N PRO C 411 29.40 -18.21 29.11
CA PRO C 411 29.97 -19.54 28.92
C PRO C 411 29.45 -20.31 27.72
N GLU C 412 28.55 -19.73 26.93
CA GLU C 412 28.17 -20.31 25.64
C GLU C 412 28.72 -19.52 24.45
N ALA C 413 28.91 -18.21 24.61
CA ALA C 413 29.47 -17.42 23.52
C ALA C 413 30.93 -17.76 23.29
N ASP C 414 31.67 -18.15 24.32
CA ASP C 414 33.06 -18.54 24.11
C ASP C 414 33.16 -19.89 23.40
N LYS C 415 32.21 -20.79 23.69
CA LYS C 415 32.04 -22.01 22.90
C LYS C 415 31.82 -21.69 21.43
N ALA C 416 30.91 -20.75 21.17
CA ALA C 416 30.61 -20.35 19.80
C ALA C 416 31.81 -19.72 19.09
N ILE C 417 32.55 -18.85 19.81
CA ILE C 417 33.71 -18.17 19.23
C ILE C 417 34.82 -19.17 18.93
N LYS C 418 35.07 -20.11 19.84
CA LYS C 418 36.14 -21.08 19.60
C LYS C 418 35.78 -22.07 18.51
N ASN C 419 34.48 -22.34 18.29
CA ASN C 419 34.09 -23.30 17.28
C ASN C 419 33.54 -22.66 15.99
N ARG C 420 33.63 -21.32 15.86
CA ARG C 420 33.17 -20.60 14.68
C ARG C 420 33.69 -21.16 13.37
N LYS C 421 35.01 -21.29 13.22
CA LYS C 421 35.56 -21.65 11.93
C LYS C 421 35.32 -23.13 11.62
N LEU C 422 35.23 -23.97 12.66
CA LEU C 422 34.87 -25.37 12.46
C LEU C 422 33.44 -25.49 11.97
N ILE C 423 32.53 -24.72 12.58
CA ILE C 423 31.15 -24.63 12.10
C ILE C 423 31.10 -24.12 10.68
N GLN C 424 31.91 -23.12 10.36
CA GLN C 424 31.84 -22.50 9.04
C GLN C 424 32.35 -23.42 7.94
N ASN C 425 33.46 -24.10 8.14
CA ASN C 425 33.82 -25.03 7.08
C ASN C 425 33.08 -26.37 7.18
N PHE C 426 32.23 -26.56 8.20
CA PHE C 426 31.24 -27.64 8.10
C PHE C 426 30.03 -27.22 7.28
N ILE C 427 29.61 -25.95 7.41
CA ILE C 427 28.42 -25.48 6.71
C ILE C 427 28.71 -25.29 5.22
N GLN C 428 29.80 -24.61 4.89
CA GLN C 428 30.14 -24.35 3.51
C GLN C 428 30.59 -25.62 2.80
N GLN C 429 30.39 -25.65 1.49
CA GLN C 429 30.76 -26.80 0.69
C GLN C 429 30.88 -26.37 -0.77
N SER C 430 31.93 -26.84 -1.44
CA SER C 430 32.05 -26.56 -2.86
C SER C 430 31.11 -27.44 -3.65
N THR C 431 30.94 -27.10 -4.93
CA THR C 431 29.93 -27.77 -5.75
C THR C 431 30.35 -29.21 -6.06
N LYS C 432 31.64 -29.43 -6.29
CA LYS C 432 32.12 -30.74 -6.71
C LYS C 432 32.59 -31.60 -5.55
N ASP C 433 32.37 -31.15 -4.32
CA ASP C 433 32.61 -31.94 -3.13
C ASP C 433 31.27 -32.51 -2.66
N ILE C 434 31.21 -33.83 -2.49
CA ILE C 434 30.05 -34.48 -1.89
C ILE C 434 30.52 -35.24 -0.66
N SER C 435 29.67 -35.25 0.36
CA SER C 435 29.96 -35.91 1.61
C SER C 435 28.97 -37.05 1.81
N SER C 436 29.44 -38.09 2.48
CA SER C 436 28.56 -39.20 2.81
C SER C 436 27.78 -38.89 4.08
N TYR C 437 27.12 -39.90 4.62
CA TYR C 437 26.34 -39.67 5.83
C TYR C 437 27.21 -39.79 7.08
N GLU C 438 28.08 -40.82 7.11
CA GLU C 438 28.85 -41.13 8.30
C GLU C 438 29.91 -40.06 8.58
N LYS C 439 30.62 -39.64 7.55
CA LYS C 439 31.64 -38.61 7.70
C LYS C 439 31.00 -37.28 8.11
N THR C 440 29.79 -37.01 7.61
CA THR C 440 29.07 -35.80 7.98
C THR C 440 28.69 -35.81 9.45
N ILE C 441 28.16 -36.93 9.94
CA ILE C 441 27.74 -36.91 11.34
C ILE C 441 28.95 -37.00 12.28
N GLU C 442 30.06 -37.60 11.85
CA GLU C 442 31.25 -37.62 12.71
C GLU C 442 31.91 -36.24 12.76
N SER C 443 31.92 -35.53 11.63
CA SER C 443 32.37 -34.14 11.65
C SER C 443 31.41 -33.25 12.42
N LEU C 444 30.11 -33.57 12.41
CA LEU C 444 29.14 -32.82 13.21
C LEU C 444 29.41 -32.98 14.69
N PHE C 445 29.63 -34.22 15.12
CA PHE C 445 29.95 -34.51 16.53
C PHE C 445 31.29 -33.89 16.92
N LYS C 446 32.25 -33.82 16.01
CA LYS C 446 33.53 -33.24 16.33
C LYS C 446 33.45 -31.71 16.44
N VAL C 447 32.67 -31.08 15.56
CA VAL C 447 32.58 -29.63 15.52
C VAL C 447 31.70 -29.11 16.65
N VAL C 448 30.63 -29.83 16.98
CA VAL C 448 29.70 -29.33 17.99
C VAL C 448 30.22 -29.53 19.41
N ALA C 449 31.28 -30.30 19.60
CA ALA C 449 31.86 -30.50 20.91
C ALA C 449 33.37 -30.58 20.79
N TYR D 37 -33.83 -33.80 -14.62
CA TYR D 37 -35.27 -33.73 -14.77
C TYR D 37 -35.79 -32.31 -14.62
N GLU D 38 -35.45 -31.65 -13.50
CA GLU D 38 -36.04 -30.36 -13.18
C GLU D 38 -35.35 -29.22 -13.94
N GLY D 39 -34.05 -29.03 -13.72
CA GLY D 39 -33.32 -27.92 -14.28
C GLY D 39 -32.19 -28.35 -15.19
N LYS D 40 -31.46 -27.36 -15.68
CA LYS D 40 -30.32 -27.61 -16.56
C LYS D 40 -29.15 -26.75 -16.13
N ILE D 41 -27.96 -27.36 -16.05
CA ILE D 41 -26.77 -26.59 -15.74
C ILE D 41 -26.38 -25.79 -16.98
N ILE D 42 -26.27 -24.46 -16.83
CA ILE D 42 -26.03 -23.58 -17.96
C ILE D 42 -24.70 -22.87 -17.87
N ASN D 43 -23.91 -23.13 -16.84
CA ASN D 43 -22.70 -22.36 -16.59
C ASN D 43 -21.80 -23.19 -15.69
N ILE D 44 -20.63 -23.54 -16.20
CA ILE D 44 -19.69 -24.43 -15.52
C ILE D 44 -18.33 -23.76 -15.54
N GLY D 45 -17.71 -23.65 -14.37
CA GLY D 45 -16.36 -23.12 -14.38
C GLY D 45 -15.95 -22.42 -13.10
N GLY D 46 -14.76 -22.71 -12.64
CA GLY D 46 -14.29 -22.18 -11.36
C GLY D 46 -14.64 -23.12 -10.23
N THR D 47 -15.40 -22.62 -9.26
CA THR D 47 -15.82 -23.44 -8.13
C THR D 47 -17.32 -23.73 -8.12
N ILE D 48 -18.12 -22.86 -8.69
CA ILE D 48 -19.58 -22.97 -8.63
C ILE D 48 -20.12 -23.24 -10.02
N ILE D 49 -21.19 -24.04 -10.06
CA ILE D 49 -21.98 -24.18 -11.26
C ILE D 49 -23.23 -23.32 -11.10
N LYS D 50 -23.87 -23.02 -12.21
CA LYS D 50 -25.09 -22.23 -12.22
C LYS D 50 -26.10 -22.97 -13.06
N ALA D 51 -27.31 -23.15 -12.54
CA ALA D 51 -28.32 -23.94 -13.22
C ALA D 51 -29.63 -23.20 -13.28
N ARG D 52 -30.40 -23.51 -14.29
CA ARG D 52 -31.75 -22.99 -14.46
C ARG D 52 -32.70 -24.02 -13.88
N LEU D 53 -33.21 -23.74 -12.69
CA LEU D 53 -34.23 -24.55 -12.05
C LEU D 53 -35.03 -23.66 -11.10
N PRO D 54 -36.33 -23.54 -11.29
CA PRO D 54 -37.14 -22.63 -10.49
C PRO D 54 -37.69 -23.31 -9.24
N LYS D 55 -38.23 -22.46 -8.35
CA LYS D 55 -38.79 -22.84 -7.06
C LYS D 55 -37.78 -23.64 -6.23
N ALA D 56 -36.54 -23.19 -6.24
CA ALA D 56 -35.48 -23.81 -5.47
C ALA D 56 -35.43 -23.18 -4.10
N ARG D 57 -35.32 -24.00 -3.07
CA ARG D 57 -34.99 -23.45 -1.77
C ARG D 57 -33.51 -23.14 -1.72
N ILE D 58 -33.09 -22.46 -0.70
CA ILE D 58 -31.68 -22.20 -0.51
C ILE D 58 -31.16 -23.26 0.46
N GLY D 59 -29.92 -23.68 0.27
CA GLY D 59 -29.36 -24.75 1.08
C GLY D 59 -29.75 -26.16 0.68
N ALA D 60 -30.78 -26.33 -0.14
CA ALA D 60 -31.20 -27.66 -0.59
C ALA D 60 -30.21 -28.20 -1.60
N PHE D 61 -30.06 -29.51 -1.62
CA PHE D 61 -29.08 -30.12 -2.51
C PHE D 61 -29.75 -31.01 -3.55
N TYR D 62 -29.00 -31.24 -4.63
CA TYR D 62 -29.52 -31.72 -5.90
C TYR D 62 -28.54 -32.70 -6.51
N LYS D 63 -29.02 -33.87 -6.93
CA LYS D 63 -28.17 -34.84 -7.62
C LYS D 63 -28.04 -34.49 -9.08
N ILE D 64 -26.81 -34.42 -9.58
CA ILE D 64 -26.56 -34.29 -11.01
C ILE D 64 -26.98 -35.61 -11.64
N GLU D 65 -28.09 -35.59 -12.38
CA GLU D 65 -28.86 -36.79 -12.67
C GLU D 65 -28.15 -37.87 -13.50
N PRO D 66 -27.31 -37.58 -14.50
CA PRO D 66 -26.55 -38.68 -15.11
C PRO D 66 -25.20 -38.98 -14.49
N SER D 67 -24.88 -38.46 -13.30
CA SER D 67 -23.50 -38.50 -12.83
C SER D 67 -23.30 -38.88 -11.38
N GLN D 68 -24.37 -39.08 -10.60
CA GLN D 68 -24.39 -39.56 -9.20
C GLN D 68 -23.82 -38.54 -8.19
N ARG D 69 -23.26 -37.44 -8.68
CA ARG D 69 -22.71 -36.38 -7.84
C ARG D 69 -23.81 -35.37 -7.51
N LEU D 70 -23.60 -34.60 -6.45
CA LEU D 70 -24.67 -33.73 -5.96
C LEU D 70 -24.11 -32.43 -5.40
N ALA D 71 -24.99 -31.43 -5.34
CA ALA D 71 -24.60 -30.02 -5.22
C ALA D 71 -25.59 -29.25 -4.37
N GLU D 72 -25.09 -28.26 -3.63
CA GLU D 72 -25.88 -27.46 -2.70
C GLU D 72 -26.24 -26.09 -3.30
N VAL D 73 -27.48 -25.66 -3.14
CA VAL D 73 -27.91 -24.35 -3.64
C VAL D 73 -27.49 -23.28 -2.66
N ILE D 74 -26.59 -22.38 -3.07
CA ILE D 74 -26.05 -21.40 -2.15
C ILE D 74 -26.61 -20.00 -2.36
N ALA D 75 -27.15 -19.69 -3.52
CA ALA D 75 -27.64 -18.35 -3.81
C ALA D 75 -28.64 -18.43 -4.95
N ILE D 76 -29.75 -17.74 -4.82
CA ILE D 76 -30.87 -17.85 -5.75
C ILE D 76 -31.09 -16.51 -6.42
N ASP D 77 -31.32 -16.53 -7.73
CA ASP D 77 -31.74 -15.36 -8.48
C ASP D 77 -33.12 -15.70 -9.03
N GLU D 78 -33.60 -15.00 -10.06
CA GLU D 78 -34.98 -15.19 -10.52
C GLU D 78 -35.23 -16.61 -11.01
N ASP D 79 -34.48 -17.07 -12.01
CA ASP D 79 -34.59 -18.46 -12.45
C ASP D 79 -33.27 -19.21 -12.49
N GLU D 80 -32.14 -18.52 -12.49
CA GLU D 80 -30.83 -19.16 -12.41
C GLU D 80 -30.34 -19.14 -10.97
N VAL D 81 -29.87 -20.28 -10.49
CA VAL D 81 -29.41 -20.41 -9.12
C VAL D 81 -27.94 -20.82 -9.13
N PHE D 82 -27.22 -20.37 -8.12
CA PHE D 82 -25.83 -20.74 -7.93
C PHE D 82 -25.77 -22.01 -7.09
N LEU D 83 -25.14 -23.05 -7.61
CA LEU D 83 -24.95 -24.28 -6.87
C LEU D 83 -23.47 -24.48 -6.62
N LEU D 84 -23.16 -25.27 -5.62
CA LEU D 84 -21.80 -25.58 -5.24
C LEU D 84 -21.67 -27.09 -5.19
N PRO D 85 -20.89 -27.71 -6.07
CA PRO D 85 -20.83 -29.16 -6.14
C PRO D 85 -19.99 -29.77 -5.03
N PHE D 86 -20.23 -31.05 -4.75
CA PHE D 86 -19.48 -31.70 -3.70
C PHE D 86 -18.15 -32.27 -4.17
N GLU D 87 -17.91 -32.30 -5.48
CA GLU D 87 -16.77 -33.02 -6.04
C GLU D 87 -16.23 -32.16 -7.18
N HIS D 88 -15.40 -32.76 -8.04
CA HIS D 88 -14.74 -32.04 -9.11
C HIS D 88 -15.74 -31.59 -10.17
N VAL D 89 -15.42 -30.47 -10.81
CA VAL D 89 -16.32 -29.84 -11.78
C VAL D 89 -16.00 -30.30 -13.19
N SER D 90 -14.92 -31.05 -13.37
CA SER D 90 -14.50 -31.51 -14.70
C SER D 90 -15.42 -32.59 -15.24
N GLY D 91 -15.68 -32.53 -16.54
CA GLY D 91 -16.53 -33.48 -17.22
C GLY D 91 -17.94 -33.02 -17.48
N MET D 92 -18.33 -31.86 -16.98
CA MET D 92 -19.70 -31.40 -17.07
C MET D 92 -19.94 -30.68 -18.39
N TYR D 93 -21.22 -30.54 -18.74
CA TYR D 93 -21.59 -29.89 -20.00
C TYR D 93 -22.89 -29.13 -19.80
N CYS D 94 -23.20 -28.28 -20.77
CA CYS D 94 -24.40 -27.45 -20.69
C CYS D 94 -25.65 -28.29 -20.90
N GLY D 95 -26.69 -27.98 -20.13
CA GLY D 95 -27.92 -28.73 -20.24
C GLY D 95 -27.89 -30.08 -19.57
N GLN D 96 -26.88 -30.35 -18.75
CA GLN D 96 -26.85 -31.58 -17.98
C GLN D 96 -27.89 -31.51 -16.87
N TRP D 97 -28.79 -32.50 -16.85
CA TRP D 97 -29.96 -32.49 -15.99
C TRP D 97 -29.56 -32.59 -14.52
N LEU D 98 -30.46 -32.12 -13.66
CA LEU D 98 -30.13 -31.90 -12.27
C LEU D 98 -31.36 -32.27 -11.43
N SER D 99 -31.35 -33.48 -10.89
CA SER D 99 -32.45 -34.05 -10.13
C SER D 99 -32.42 -33.53 -8.69
N TYR D 100 -33.51 -33.75 -7.96
CA TYR D 100 -33.70 -33.24 -6.61
C TYR D 100 -33.55 -34.35 -5.57
N GLN D 101 -32.87 -34.05 -4.47
CA GLN D 101 -32.68 -35.03 -3.40
C GLN D 101 -33.28 -34.64 -2.06
N GLY D 102 -32.96 -33.49 -1.51
CA GLY D 102 -33.42 -33.15 -0.18
C GLY D 102 -33.39 -31.65 0.03
N ASP D 103 -34.06 -31.24 1.09
CA ASP D 103 -34.20 -29.82 1.38
C ASP D 103 -33.12 -29.27 2.30
N GLU D 104 -32.31 -30.14 2.89
CA GLU D 104 -31.20 -29.70 3.73
C GLU D 104 -30.21 -30.85 3.84
N PHE D 105 -28.92 -30.53 3.77
CA PHE D 105 -27.87 -31.52 3.97
C PHE D 105 -27.70 -31.78 5.46
N LYS D 106 -28.01 -32.99 5.91
CA LYS D 106 -27.83 -33.38 7.29
C LYS D 106 -26.80 -34.49 7.40
N ILE D 107 -26.10 -34.53 8.51
CA ILE D 107 -25.13 -35.57 8.77
C ILE D 107 -25.74 -36.55 9.75
N ARG D 108 -25.03 -37.63 10.02
CA ARG D 108 -25.55 -38.74 10.80
C ARG D 108 -24.59 -39.05 11.93
N VAL D 109 -24.98 -38.72 13.15
CA VAL D 109 -24.13 -38.90 14.32
C VAL D 109 -24.72 -40.00 15.19
N GLY D 110 -23.88 -40.50 16.07
CA GLY D 110 -24.30 -41.50 17.03
C GLY D 110 -23.20 -41.68 18.04
N ASP D 111 -23.45 -42.56 18.99
CA ASP D 111 -22.42 -42.90 19.97
C ASP D 111 -21.40 -43.85 19.39
N ALA D 112 -21.70 -44.48 18.26
CA ALA D 112 -20.88 -45.54 17.70
C ALA D 112 -19.80 -45.03 16.77
N LEU D 113 -19.40 -43.76 16.91
CA LEU D 113 -18.31 -43.23 16.10
C LEU D 113 -17.14 -42.75 16.94
N LEU D 114 -17.00 -43.20 18.17
CA LEU D 114 -15.76 -42.97 18.89
C LEU D 114 -14.67 -43.87 18.33
N GLY D 115 -13.44 -43.37 18.34
CA GLY D 115 -12.33 -44.12 17.83
C GLY D 115 -12.34 -44.31 16.33
N ARG D 116 -13.06 -43.47 15.60
CA ARG D 116 -13.31 -43.70 14.19
C ARG D 116 -13.15 -42.41 13.42
N LEU D 117 -12.71 -42.53 12.18
CA LEU D 117 -12.41 -41.39 11.34
C LEU D 117 -13.62 -41.02 10.49
N ILE D 118 -13.86 -39.73 10.35
CA ILE D 118 -15.01 -39.20 9.63
C ILE D 118 -14.47 -38.25 8.56
N ASP D 119 -15.11 -38.25 7.39
CA ASP D 119 -14.78 -37.32 6.31
C ASP D 119 -15.39 -35.95 6.64
N GLY D 120 -15.23 -34.99 5.74
CA GLY D 120 -15.86 -33.69 5.96
C GLY D 120 -17.33 -33.70 5.65
N ILE D 121 -17.75 -34.50 4.68
CA ILE D 121 -19.16 -34.62 4.34
C ILE D 121 -19.93 -35.28 5.46
N GLY D 122 -19.34 -36.31 6.06
CA GLY D 122 -19.97 -37.01 7.17
C GLY D 122 -19.71 -38.49 7.07
N ARG D 123 -19.21 -38.92 5.91
CA ARG D 123 -18.93 -40.33 5.69
C ARG D 123 -17.73 -40.77 6.51
N PRO D 124 -17.62 -42.06 6.83
CA PRO D 124 -16.38 -42.55 7.43
C PRO D 124 -15.29 -42.71 6.39
N MET D 125 -14.08 -42.32 6.78
CA MET D 125 -12.93 -42.35 5.88
C MET D 125 -12.46 -43.78 5.64
N GLU D 126 -12.24 -44.53 6.71
CA GLU D 126 -11.62 -45.84 6.62
C GLU D 126 -12.58 -46.87 6.05
N SER D 127 -12.04 -47.79 5.26
CA SER D 127 -12.80 -48.80 4.56
C SER D 127 -12.47 -50.21 5.02
N ASN D 128 -11.57 -50.36 6.01
CA ASN D 128 -11.30 -51.67 6.58
C ASN D 128 -12.46 -52.17 7.41
N ILE D 129 -13.33 -51.27 7.85
CA ILE D 129 -14.31 -51.51 8.90
C ILE D 129 -15.64 -52.03 8.38
N VAL D 130 -16.46 -52.52 9.29
CA VAL D 130 -17.90 -52.61 9.08
C VAL D 130 -18.49 -51.27 9.50
N ALA D 131 -19.38 -50.71 8.68
CA ALA D 131 -19.92 -49.39 8.91
C ALA D 131 -20.75 -49.37 10.20
N PRO D 132 -20.72 -48.28 10.96
CA PRO D 132 -21.40 -48.26 12.25
C PRO D 132 -22.91 -48.18 12.10
N TYR D 133 -23.59 -48.28 13.22
CA TYR D 133 -25.00 -47.91 13.30
C TYR D 133 -25.06 -46.55 13.96
N LEU D 134 -25.21 -45.52 13.15
CA LEU D 134 -25.31 -44.15 13.64
C LEU D 134 -26.76 -43.74 13.54
N PRO D 135 -27.50 -43.66 14.62
CA PRO D 135 -28.96 -43.53 14.49
C PRO D 135 -29.49 -42.11 14.35
N PHE D 136 -28.80 -41.10 14.90
CA PHE D 136 -29.40 -39.78 15.07
C PHE D 136 -28.92 -38.86 13.95
N GLU D 137 -29.85 -38.36 13.16
CA GLU D 137 -29.51 -37.53 12.00
C GLU D 137 -29.63 -36.08 12.40
N ARG D 138 -28.48 -35.41 12.52
CA ARG D 138 -28.43 -34.02 12.96
C ARG D 138 -28.20 -33.09 11.78
N SER D 139 -28.84 -31.94 11.83
CA SER D 139 -28.57 -30.89 10.87
C SER D 139 -27.18 -30.34 11.12
N LEU D 140 -26.61 -29.75 10.08
CA LEU D 140 -25.24 -29.30 10.20
C LEU D 140 -25.15 -27.91 10.83
N TYR D 141 -26.12 -27.05 10.56
CA TYR D 141 -26.14 -25.69 11.07
C TYR D 141 -27.12 -25.60 12.21
N ALA D 142 -26.65 -25.11 13.37
CA ALA D 142 -27.51 -25.02 14.54
C ALA D 142 -27.12 -23.78 15.34
N GLU D 143 -27.83 -23.58 16.44
CA GLU D 143 -27.90 -22.36 17.23
C GLU D 143 -27.03 -22.46 18.48
N PRO D 144 -26.41 -21.38 18.91
CA PRO D 144 -25.67 -21.40 20.16
C PRO D 144 -26.61 -21.48 21.35
N PRO D 145 -26.09 -21.78 22.55
CA PRO D 145 -26.91 -21.68 23.75
C PRO D 145 -27.32 -20.25 24.04
N ASP D 146 -28.30 -20.13 24.92
CA ASP D 146 -28.81 -18.83 25.34
C ASP D 146 -27.72 -18.11 26.13
N PRO D 147 -27.49 -16.82 25.88
CA PRO D 147 -26.44 -16.12 26.62
C PRO D 147 -26.64 -16.01 28.11
N LEU D 148 -27.85 -16.23 28.62
CA LEU D 148 -28.09 -16.20 30.05
C LEU D 148 -27.88 -17.55 30.73
N LEU D 149 -27.69 -18.61 29.95
CA LEU D 149 -27.49 -19.92 30.53
C LEU D 149 -26.04 -20.37 30.49
N ARG D 150 -25.18 -19.62 29.79
CA ARG D 150 -23.75 -19.90 29.73
C ARG D 150 -23.11 -19.35 30.99
N GLN D 151 -22.80 -20.24 31.94
CA GLN D 151 -22.30 -19.81 33.23
C GLN D 151 -20.85 -19.35 33.14
N VAL D 152 -20.43 -18.63 34.18
CA VAL D 152 -19.07 -18.11 34.25
C VAL D 152 -18.10 -19.26 34.45
N ILE D 153 -17.05 -19.31 33.65
CA ILE D 153 -16.10 -20.40 33.75
C ILE D 153 -15.06 -20.07 34.82
N ASP D 154 -14.87 -21.02 35.74
CA ASP D 154 -14.04 -20.81 36.92
C ASP D 154 -13.34 -22.10 37.36
N GLN D 155 -13.08 -23.02 36.44
CA GLN D 155 -12.35 -24.24 36.73
C GLN D 155 -11.22 -24.38 35.72
N PRO D 156 -9.98 -24.51 36.16
CA PRO D 156 -8.85 -24.53 35.21
C PRO D 156 -8.79 -25.83 34.41
N PHE D 157 -8.51 -25.69 33.13
CA PHE D 157 -8.39 -26.82 32.21
C PHE D 157 -6.91 -27.06 31.99
N ILE D 158 -6.39 -28.13 32.59
CA ILE D 158 -4.96 -28.37 32.62
C ILE D 158 -4.54 -28.98 31.30
N LEU D 159 -3.62 -28.29 30.61
CA LEU D 159 -3.12 -28.78 29.33
C LEU D 159 -1.86 -29.63 29.50
N GLY D 160 -0.88 -29.13 30.25
CA GLY D 160 0.37 -29.82 30.45
C GLY D 160 1.59 -29.02 30.05
N VAL D 161 1.44 -28.02 29.19
CA VAL D 161 2.55 -27.17 28.82
C VAL D 161 2.78 -26.16 29.92
N ARG D 162 4.05 -25.91 30.27
CA ARG D 162 4.33 -25.09 31.45
C ARG D 162 4.06 -23.62 31.20
N ALA D 163 4.34 -23.11 30.00
CA ALA D 163 4.13 -21.69 29.75
C ALA D 163 2.65 -21.36 29.69
N ILE D 164 1.86 -22.22 29.04
CA ILE D 164 0.46 -21.95 28.78
C ILE D 164 -0.42 -22.36 29.95
N ASP D 165 0.14 -23.01 30.97
CA ASP D 165 -0.56 -23.23 32.23
C ASP D 165 -0.07 -22.34 33.35
N GLY D 166 1.22 -22.02 33.38
CA GLY D 166 1.74 -21.14 34.39
C GLY D 166 1.44 -19.70 34.11
N LEU D 167 1.89 -19.17 32.98
CA LEU D 167 1.70 -17.75 32.74
C LEU D 167 0.27 -17.47 32.28
N LEU D 168 -0.11 -18.01 31.14
CA LEU D 168 -1.50 -18.01 30.70
C LEU D 168 -2.18 -19.21 31.37
N THR D 169 -3.51 -19.25 31.36
CA THR D 169 -4.19 -20.41 31.94
C THR D 169 -5.56 -20.59 31.30
N CYS D 170 -5.84 -21.80 30.85
CA CYS D 170 -7.12 -22.10 30.23
C CYS D 170 -8.18 -22.37 31.29
N GLY D 171 -9.40 -22.57 30.82
CA GLY D 171 -10.52 -22.85 31.70
C GLY D 171 -11.48 -23.78 31.01
N ILE D 172 -12.18 -24.60 31.79
CA ILE D 172 -13.08 -25.60 31.24
C ILE D 172 -14.30 -24.88 30.68
N GLY D 173 -14.32 -24.73 29.36
CA GLY D 173 -15.34 -23.97 28.71
C GLY D 173 -14.85 -22.84 27.85
N GLN D 174 -13.58 -22.43 27.94
CA GLN D 174 -13.21 -21.36 27.03
C GLN D 174 -12.82 -21.92 25.69
N ARG D 175 -12.66 -21.03 24.73
CA ARG D 175 -12.24 -21.40 23.39
C ARG D 175 -11.01 -20.56 23.04
N ILE D 176 -9.87 -21.22 22.95
CA ILE D 176 -8.60 -20.54 22.85
C ILE D 176 -8.07 -20.75 21.44
N GLY D 177 -7.29 -19.80 20.95
CA GLY D 177 -6.76 -19.86 19.60
C GLY D 177 -5.26 -19.74 19.61
N ILE D 178 -4.64 -20.35 18.62
CA ILE D 178 -3.19 -20.48 18.53
C ILE D 178 -2.77 -19.81 17.23
N PHE D 179 -2.21 -18.62 17.32
CA PHE D 179 -1.98 -17.76 16.17
C PHE D 179 -0.53 -17.86 15.75
N ALA D 180 -0.27 -18.28 14.51
CA ALA D 180 1.11 -18.33 14.08
C ALA D 180 1.21 -18.14 12.58
N GLY D 181 2.43 -18.04 12.11
CA GLY D 181 2.69 -17.96 10.68
C GLY D 181 2.68 -19.33 10.05
N SER D 182 3.41 -19.46 8.95
CA SER D 182 3.46 -20.70 8.20
C SER D 182 4.54 -21.58 8.79
N GLY D 183 4.17 -22.77 9.26
CA GLY D 183 5.16 -23.68 9.78
C GLY D 183 5.98 -23.13 10.93
N VAL D 184 5.33 -22.75 12.03
CA VAL D 184 6.05 -22.20 13.17
C VAL D 184 5.93 -23.13 14.38
N GLY D 185 4.74 -23.26 14.95
CA GLY D 185 4.58 -24.23 16.01
C GLY D 185 3.21 -24.83 16.18
N LYS D 186 2.25 -24.47 15.32
CA LYS D 186 0.84 -24.74 15.61
C LYS D 186 0.60 -26.24 15.82
N SER D 187 0.87 -27.06 14.81
CA SER D 187 0.59 -28.48 14.96
C SER D 187 1.50 -29.18 15.96
N THR D 188 2.63 -28.62 16.31
CA THR D 188 3.45 -29.29 17.31
C THR D 188 2.93 -29.04 18.71
N LEU D 189 2.41 -27.85 18.95
CA LEU D 189 1.83 -27.48 20.23
C LEU D 189 0.45 -28.08 20.42
N LEU D 190 -0.30 -28.24 19.33
CA LEU D 190 -1.59 -28.91 19.43
C LEU D 190 -1.41 -30.40 19.71
N GLY D 191 -0.32 -30.99 19.22
CA GLY D 191 -0.01 -32.36 19.61
C GLY D 191 0.38 -32.50 21.06
N MET D 192 1.13 -31.53 21.59
CA MET D 192 1.46 -31.51 23.01
C MET D 192 0.21 -31.39 23.87
N ILE D 193 -0.71 -30.53 23.47
CA ILE D 193 -1.97 -30.35 24.20
C ILE D 193 -2.82 -31.62 24.15
N CYS D 194 -2.93 -32.26 22.99
CA CYS D 194 -3.70 -33.49 22.88
C CYS D 194 -3.04 -34.63 23.66
N ASN D 195 -1.72 -34.60 23.79
CA ASN D 195 -1.01 -35.57 24.60
C ASN D 195 -1.29 -35.35 26.08
N GLY D 196 -1.30 -34.10 26.53
CA GLY D 196 -1.39 -33.81 27.94
C GLY D 196 -2.78 -33.65 28.53
N ALA D 197 -3.70 -33.08 27.78
CA ALA D 197 -5.02 -32.76 28.33
C ALA D 197 -5.88 -34.02 28.42
N SER D 198 -6.94 -33.92 29.23
CA SER D 198 -7.86 -35.02 29.45
C SER D 198 -9.30 -34.52 29.40
N ALA D 199 -10.13 -35.21 28.64
CA ALA D 199 -11.55 -34.88 28.53
C ALA D 199 -12.32 -36.15 28.25
N ASP D 200 -13.64 -36.07 28.37
CA ASP D 200 -14.47 -37.26 28.22
C ASP D 200 -14.55 -37.69 26.76
N ILE D 201 -14.77 -36.74 25.85
CA ILE D 201 -14.73 -36.97 24.41
C ILE D 201 -13.71 -36.00 23.84
N ILE D 202 -12.96 -36.43 22.84
CA ILE D 202 -12.04 -35.53 22.14
C ILE D 202 -12.37 -35.57 20.66
N VAL D 203 -12.79 -34.42 20.12
CA VAL D 203 -13.08 -34.28 18.70
C VAL D 203 -11.96 -33.46 18.07
N LEU D 204 -11.27 -34.04 17.10
CA LEU D 204 -10.07 -33.46 16.52
C LEU D 204 -10.30 -33.29 15.03
N ALA D 205 -10.35 -32.04 14.58
CA ALA D 205 -10.72 -31.71 13.21
C ALA D 205 -9.47 -31.28 12.45
N LEU D 206 -8.96 -32.17 11.62
CA LEU D 206 -7.81 -31.85 10.78
C LEU D 206 -8.34 -31.38 9.44
N ILE D 207 -8.73 -30.12 9.38
CA ILE D 207 -9.34 -29.56 8.18
C ILE D 207 -8.28 -28.76 7.43
N GLY D 208 -8.29 -28.87 6.11
CA GLY D 208 -7.40 -28.14 5.22
C GLY D 208 -5.93 -28.49 5.27
N GLU D 209 -5.52 -29.59 5.91
CA GLU D 209 -4.10 -29.83 6.17
C GLU D 209 -3.60 -31.05 5.43
N ARG D 210 -2.27 -31.17 5.37
CA ARG D 210 -1.64 -32.18 4.54
C ARG D 210 -1.99 -33.58 5.03
N GLY D 211 -2.10 -34.50 4.07
CA GLY D 211 -2.49 -35.86 4.40
C GLY D 211 -1.42 -36.66 5.14
N ARG D 212 -0.17 -36.24 5.06
CA ARG D 212 0.88 -36.91 5.82
C ARG D 212 0.55 -36.93 7.32
N GLU D 213 -0.21 -35.96 7.80
CA GLU D 213 -0.32 -35.68 9.22
C GLU D 213 -1.39 -36.48 9.95
N VAL D 214 -2.30 -37.15 9.23
CA VAL D 214 -3.36 -37.90 9.90
C VAL D 214 -2.81 -39.17 10.59
N ASN D 215 -1.66 -39.66 10.18
CA ASN D 215 -0.97 -40.75 10.84
C ASN D 215 -0.06 -40.27 11.95
N GLU D 216 0.44 -39.04 11.88
CA GLU D 216 1.21 -38.53 13.02
C GLU D 216 0.31 -38.18 14.19
N PHE D 217 -0.90 -37.68 13.93
CA PHE D 217 -1.84 -37.50 15.03
C PHE D 217 -2.36 -38.82 15.56
N LEU D 218 -2.54 -39.84 14.71
CA LEU D 218 -2.87 -41.15 15.27
C LEU D 218 -1.69 -41.81 15.96
N ALA D 219 -0.46 -41.35 15.68
CA ALA D 219 0.69 -41.95 16.35
C ALA D 219 0.90 -41.34 17.73
N LEU D 220 0.85 -40.02 17.86
CA LEU D 220 1.21 -39.46 19.15
C LEU D 220 0.05 -39.44 20.16
N LEU D 221 -1.12 -39.99 19.83
CA LEU D 221 -2.08 -40.10 20.91
C LEU D 221 -2.25 -41.57 21.32
N PRO D 222 -2.39 -41.85 22.62
CA PRO D 222 -2.35 -43.25 23.09
C PRO D 222 -3.57 -44.08 22.75
N GLN D 223 -3.62 -45.29 23.30
CA GLN D 223 -4.77 -46.16 23.06
C GLN D 223 -5.99 -45.72 23.86
N SER D 224 -5.77 -45.29 25.10
CA SER D 224 -6.86 -44.80 25.94
C SER D 224 -7.47 -43.52 25.38
N THR D 225 -6.66 -42.68 24.74
CA THR D 225 -7.19 -41.49 24.09
C THR D 225 -7.92 -41.84 22.80
N LEU D 226 -7.43 -42.85 22.07
CA LEU D 226 -8.13 -43.28 20.86
C LEU D 226 -9.42 -44.02 21.18
N SER D 227 -9.57 -44.52 22.41
CA SER D 227 -10.86 -45.09 22.80
C SER D 227 -11.95 -44.02 22.87
N LYS D 228 -11.57 -42.76 23.12
CA LYS D 228 -12.48 -41.62 23.17
C LYS D 228 -11.94 -40.47 22.32
N CYS D 229 -12.15 -40.54 21.01
CA CYS D 229 -11.66 -39.53 20.07
C CYS D 229 -12.31 -39.76 18.72
N VAL D 230 -12.77 -38.69 18.09
CA VAL D 230 -13.30 -38.74 16.73
C VAL D 230 -12.49 -37.76 15.89
N LEU D 231 -11.84 -38.27 14.84
CA LEU D 231 -11.14 -37.39 13.92
C LEU D 231 -12.03 -37.05 12.75
N VAL D 232 -12.02 -35.78 12.36
CA VAL D 232 -12.73 -35.30 11.19
C VAL D 232 -11.68 -34.76 10.23
N VAL D 233 -11.42 -35.50 9.16
CA VAL D 233 -10.23 -35.30 8.35
C VAL D 233 -10.63 -34.78 6.98
N THR D 234 -10.09 -33.63 6.60
CA THR D 234 -10.23 -33.14 5.24
C THR D 234 -8.87 -32.62 4.78
N THR D 235 -8.28 -33.29 3.81
CA THR D 235 -6.99 -32.94 3.27
C THR D 235 -7.15 -31.69 2.40
N SER D 236 -6.03 -31.01 2.11
CA SER D 236 -6.08 -29.77 1.35
C SER D 236 -6.41 -29.97 -0.12
N ASP D 237 -6.39 -31.20 -0.64
CA ASP D 237 -6.73 -31.39 -2.04
C ASP D 237 -8.23 -31.41 -2.28
N ARG D 238 -9.02 -31.60 -1.22
CA ARG D 238 -10.45 -31.82 -1.34
C ARG D 238 -11.14 -30.55 -1.82
N PRO D 239 -12.38 -30.65 -2.37
CA PRO D 239 -13.06 -29.45 -2.90
C PRO D 239 -13.35 -28.35 -1.89
N ALA D 240 -13.95 -27.26 -2.37
CA ALA D 240 -14.26 -26.14 -1.49
C ALA D 240 -15.31 -26.51 -0.47
N LEU D 241 -16.22 -27.39 -0.83
CA LEU D 241 -17.34 -27.68 0.06
C LEU D 241 -16.93 -28.58 1.22
N GLU D 242 -16.12 -29.60 0.98
CA GLU D 242 -15.74 -30.48 2.08
C GLU D 242 -14.83 -29.76 3.04
N ARG D 243 -13.89 -29.00 2.50
CA ARG D 243 -12.97 -28.19 3.26
C ARG D 243 -13.67 -27.00 3.92
N MET D 244 -14.89 -26.67 3.50
CA MET D 244 -15.70 -25.62 4.10
C MET D 244 -16.66 -26.12 5.16
N LYS D 245 -17.16 -27.35 5.04
CA LYS D 245 -18.15 -27.89 5.96
C LYS D 245 -17.61 -28.90 6.94
N ALA D 246 -16.31 -29.23 6.89
CA ALA D 246 -15.75 -30.12 7.89
C ALA D 246 -15.70 -29.48 9.28
N ALA D 247 -15.60 -28.16 9.35
CA ALA D 247 -15.62 -27.48 10.64
C ALA D 247 -17.00 -27.56 11.28
N PHE D 248 -18.04 -27.42 10.48
CA PHE D 248 -19.39 -27.54 10.99
C PHE D 248 -19.73 -28.97 11.35
N THR D 249 -19.14 -29.95 10.65
CA THR D 249 -19.29 -31.35 11.04
C THR D 249 -18.66 -31.63 12.40
N ALA D 250 -17.45 -31.12 12.62
CA ALA D 250 -16.79 -31.34 13.90
C ALA D 250 -17.51 -30.63 15.04
N THR D 251 -18.03 -29.43 14.78
CA THR D 251 -18.76 -28.71 15.81
C THR D 251 -20.10 -29.39 16.11
N THR D 252 -20.73 -30.00 15.11
CA THR D 252 -21.98 -30.72 15.35
C THR D 252 -21.75 -31.98 16.17
N ILE D 253 -20.67 -32.70 15.89
CA ILE D 253 -20.34 -33.90 16.67
C ILE D 253 -20.00 -33.52 18.12
N ALA D 254 -19.28 -32.41 18.30
CA ALA D 254 -18.98 -31.94 19.65
C ALA D 254 -20.24 -31.49 20.38
N GLU D 255 -21.21 -30.91 19.67
CA GLU D 255 -22.47 -30.56 20.30
C GLU D 255 -23.28 -31.79 20.67
N TYR D 256 -23.24 -32.83 19.85
CA TYR D 256 -23.94 -34.07 20.19
C TYR D 256 -23.36 -34.72 21.43
N PHE D 257 -22.03 -34.82 21.51
CA PHE D 257 -21.45 -35.40 22.71
C PHE D 257 -21.41 -34.44 23.88
N ARG D 258 -21.75 -33.18 23.67
CA ARG D 258 -22.02 -32.29 24.79
C ARG D 258 -23.41 -32.53 25.37
N ASP D 259 -24.40 -32.71 24.50
CA ASP D 259 -25.80 -32.83 24.94
C ASP D 259 -26.06 -34.07 25.78
N GLN D 260 -25.18 -35.08 25.70
CA GLN D 260 -25.24 -36.20 26.63
C GLN D 260 -24.72 -35.84 28.00
N GLY D 261 -23.95 -34.77 28.12
CA GLY D 261 -23.48 -34.31 29.41
C GLY D 261 -22.04 -34.64 29.70
N LYS D 262 -21.18 -34.50 28.70
CA LYS D 262 -19.77 -34.84 28.85
C LYS D 262 -18.90 -33.66 28.45
N ASN D 263 -17.80 -33.46 29.19
CA ASN D 263 -16.85 -32.40 28.88
C ASN D 263 -16.02 -32.80 27.67
N VAL D 264 -16.31 -32.19 26.53
CA VAL D 264 -15.71 -32.57 25.26
C VAL D 264 -14.67 -31.53 24.87
N LEU D 265 -13.48 -32.00 24.47
CA LEU D 265 -12.41 -31.15 23.98
C LEU D 265 -12.45 -31.12 22.46
N LEU D 266 -12.79 -29.97 21.89
CA LEU D 266 -12.74 -29.78 20.45
C LEU D 266 -11.40 -29.16 20.08
N MET D 267 -10.78 -29.68 19.03
CA MET D 267 -9.52 -29.15 18.54
C MET D 267 -9.61 -29.07 17.02
N MET D 268 -9.46 -27.87 16.49
CA MET D 268 -9.67 -27.64 15.06
C MET D 268 -8.40 -27.03 14.49
N ASP D 269 -7.74 -27.75 13.59
CA ASP D 269 -6.46 -27.30 13.07
C ASP D 269 -6.71 -26.50 11.80
N SER D 270 -6.27 -25.23 11.83
CA SER D 270 -6.41 -24.25 10.76
C SER D 270 -7.88 -24.02 10.40
N VAL D 271 -8.54 -23.25 11.28
CA VAL D 271 -9.86 -22.70 10.98
C VAL D 271 -9.78 -21.65 9.86
N THR D 272 -8.58 -21.14 9.56
CA THR D 272 -8.43 -20.31 8.39
C THR D 272 -8.57 -21.07 7.08
N ARG D 273 -8.55 -22.41 7.08
CA ARG D 273 -8.86 -23.12 5.84
C ARG D 273 -10.34 -23.05 5.55
N TYR D 274 -11.17 -23.12 6.59
CA TYR D 274 -12.57 -22.73 6.45
C TYR D 274 -12.71 -21.31 5.93
N ALA D 275 -11.89 -20.40 6.44
CA ALA D 275 -12.01 -19.00 6.01
C ALA D 275 -11.64 -18.81 4.54
N ARG D 276 -10.59 -19.50 4.05
CA ARG D 276 -10.21 -19.41 2.65
C ARG D 276 -11.27 -20.04 1.74
N ALA D 277 -11.85 -21.17 2.16
CA ALA D 277 -12.87 -21.81 1.33
C ALA D 277 -14.15 -20.99 1.28
N ALA D 278 -14.55 -20.39 2.39
CA ALA D 278 -15.69 -19.48 2.36
C ALA D 278 -15.38 -18.23 1.54
N ARG D 279 -14.12 -17.79 1.51
CA ARG D 279 -13.73 -16.68 0.64
C ARG D 279 -13.93 -17.01 -0.82
N ASP D 280 -13.39 -18.13 -1.30
CA ASP D 280 -13.47 -18.30 -2.75
C ASP D 280 -14.87 -18.73 -3.20
N VAL D 281 -15.63 -19.39 -2.33
CA VAL D 281 -17.04 -19.66 -2.63
C VAL D 281 -17.83 -18.35 -2.68
N GLY D 282 -17.66 -17.48 -1.68
CA GLY D 282 -18.42 -16.25 -1.65
C GLY D 282 -18.02 -15.26 -2.71
N LEU D 283 -16.76 -15.28 -3.15
CA LEU D 283 -16.39 -14.42 -4.26
C LEU D 283 -16.86 -14.98 -5.59
N ALA D 284 -16.89 -16.30 -5.73
CA ALA D 284 -17.40 -16.89 -6.96
C ALA D 284 -18.90 -16.71 -7.11
N SER D 285 -19.61 -16.58 -5.99
CA SER D 285 -21.03 -16.27 -5.99
C SER D 285 -21.32 -14.79 -6.19
N GLY D 286 -20.32 -13.95 -6.44
CA GLY D 286 -20.56 -12.55 -6.73
C GLY D 286 -20.84 -11.68 -5.53
N GLU D 287 -19.84 -11.46 -4.69
CA GLU D 287 -19.93 -10.59 -3.53
C GLU D 287 -18.79 -9.59 -3.55
N PRO D 288 -18.88 -8.49 -2.79
CA PRO D 288 -17.75 -7.55 -2.70
C PRO D 288 -16.53 -8.05 -1.96
N ASP D 289 -15.66 -7.12 -1.59
CA ASP D 289 -14.27 -7.42 -1.24
C ASP D 289 -13.84 -6.44 -0.14
N VAL D 290 -14.11 -6.81 1.11
CA VAL D 290 -13.79 -5.97 2.26
C VAL D 290 -12.69 -6.62 3.09
N ARG D 291 -11.76 -5.79 3.57
CA ARG D 291 -10.65 -6.21 4.43
C ARG D 291 -9.78 -7.28 3.76
N GLY D 292 -9.15 -6.91 2.64
CA GLY D 292 -8.16 -7.72 1.99
C GLY D 292 -8.56 -9.08 1.45
N GLY D 293 -9.34 -9.12 0.37
CA GLY D 293 -9.97 -10.36 -0.07
C GLY D 293 -11.26 -10.45 0.71
N PHE D 294 -11.72 -11.65 0.99
CA PHE D 294 -12.67 -11.94 2.07
C PHE D 294 -14.00 -11.20 2.03
N PRO D 295 -15.01 -11.75 1.36
CA PRO D 295 -16.37 -11.14 1.32
C PRO D 295 -16.97 -10.93 2.71
N PRO D 296 -18.11 -10.24 2.82
CA PRO D 296 -18.77 -10.13 4.12
C PRO D 296 -19.28 -11.45 4.69
N SER D 297 -19.42 -12.48 3.85
CA SER D 297 -19.86 -13.79 4.31
C SER D 297 -18.86 -14.40 5.28
N VAL D 298 -17.57 -14.16 5.10
CA VAL D 298 -16.55 -14.78 5.94
C VAL D 298 -16.62 -14.22 7.35
N PHE D 299 -16.63 -12.89 7.48
CA PHE D 299 -16.61 -12.28 8.78
C PHE D 299 -17.97 -12.35 9.46
N SER D 300 -19.03 -12.58 8.70
CA SER D 300 -20.33 -12.79 9.28
C SER D 300 -20.62 -14.25 9.60
N SER D 301 -19.86 -15.19 9.04
CA SER D 301 -20.06 -16.60 9.30
C SER D 301 -19.03 -17.23 10.22
N LEU D 302 -17.93 -16.55 10.50
CA LEU D 302 -17.05 -17.01 11.58
C LEU D 302 -17.71 -16.99 12.96
N PRO D 303 -18.44 -15.94 13.40
CA PRO D 303 -19.08 -16.04 14.72
C PRO D 303 -20.26 -16.98 14.75
N LYS D 304 -20.86 -17.32 13.62
CA LYS D 304 -21.90 -18.32 13.66
C LYS D 304 -21.36 -19.73 13.84
N LEU D 305 -20.05 -19.91 13.77
CA LEU D 305 -19.36 -21.17 14.04
C LEU D 305 -18.59 -21.14 15.35
N LEU D 306 -17.89 -20.06 15.64
CA LEU D 306 -17.03 -20.01 16.82
C LEU D 306 -17.80 -19.74 18.10
N GLU D 307 -19.01 -19.21 18.03
CA GLU D 307 -19.80 -19.00 19.25
C GLU D 307 -20.51 -20.25 19.70
N ARG D 308 -20.46 -21.35 18.95
CA ARG D 308 -21.17 -22.57 19.28
C ARG D 308 -20.42 -23.46 20.25
N ALA D 309 -19.20 -23.11 20.64
CA ALA D 309 -18.35 -23.99 21.41
C ALA D 309 -17.92 -23.29 22.67
N GLY D 310 -18.67 -23.48 23.74
CA GLY D 310 -18.34 -22.90 25.01
C GLY D 310 -19.09 -23.59 26.13
N PRO D 311 -19.36 -22.87 27.21
CA PRO D 311 -20.18 -23.44 28.27
C PRO D 311 -21.62 -23.54 27.82
N ALA D 312 -22.38 -24.34 28.54
CA ALA D 312 -23.69 -24.78 28.08
C ALA D 312 -24.49 -25.23 29.29
N PRO D 313 -25.82 -25.43 29.15
CA PRO D 313 -26.56 -26.01 30.28
C PRO D 313 -26.13 -27.41 30.67
N LYS D 314 -25.94 -28.30 29.70
CA LYS D 314 -25.46 -29.65 29.96
C LYS D 314 -24.11 -29.81 29.27
N GLY D 315 -23.06 -29.98 30.05
CA GLY D 315 -21.77 -30.14 29.46
C GLY D 315 -21.18 -28.82 29.02
N SER D 316 -20.09 -28.91 28.25
CA SER D 316 -19.30 -27.78 27.81
C SER D 316 -18.37 -28.26 26.72
N ILE D 317 -17.96 -27.34 25.85
CA ILE D 317 -16.98 -27.63 24.80
C ILE D 317 -15.81 -26.71 25.00
N THR D 318 -14.62 -27.27 25.12
CA THR D 318 -13.38 -26.49 25.24
C THR D 318 -12.69 -26.53 23.89
N ALA D 319 -12.87 -25.48 23.11
CA ALA D 319 -12.39 -25.50 21.74
C ALA D 319 -11.00 -24.88 21.66
N ILE D 320 -10.16 -25.42 20.78
CA ILE D 320 -8.81 -24.93 20.55
C ILE D 320 -8.63 -24.80 19.05
N TYR D 321 -8.59 -23.56 18.55
CA TYR D 321 -8.58 -23.28 17.13
C TYR D 321 -7.22 -22.75 16.74
N THR D 322 -6.58 -23.34 15.75
CA THR D 322 -5.31 -22.80 15.28
C THR D 322 -5.56 -21.89 14.09
N VAL D 323 -4.79 -20.82 14.00
CA VAL D 323 -4.97 -19.78 12.99
C VAL D 323 -3.64 -19.57 12.26
N LEU D 324 -3.67 -19.72 10.94
CA LEU D 324 -2.54 -19.43 10.07
C LEU D 324 -2.62 -18.00 9.57
N LEU D 325 -1.51 -17.28 9.66
CA LEU D 325 -1.47 -15.88 9.30
C LEU D 325 -0.78 -15.70 7.94
N GLU D 326 -1.30 -14.75 7.14
CA GLU D 326 -0.83 -14.54 5.78
C GLU D 326 0.56 -13.94 5.69
N SER D 327 1.11 -13.52 6.82
CA SER D 327 2.50 -13.15 6.95
C SER D 327 2.88 -13.51 8.37
N ASP D 328 3.95 -12.94 8.88
CA ASP D 328 4.19 -13.08 10.31
C ASP D 328 3.46 -12.00 11.11
N ASN D 329 2.67 -11.15 10.46
CA ASN D 329 1.93 -10.14 11.20
C ASN D 329 0.68 -10.76 11.83
N VAL D 330 0.45 -10.42 13.10
CA VAL D 330 -0.70 -10.94 13.80
C VAL D 330 -1.96 -10.22 13.34
N ASN D 331 -1.80 -9.05 12.77
CA ASN D 331 -2.91 -8.16 12.41
C ASN D 331 -3.36 -8.44 10.97
N ASP D 332 -3.84 -9.66 10.78
CA ASP D 332 -4.33 -10.16 9.51
C ASP D 332 -5.77 -9.69 9.40
N PRO D 333 -6.48 -9.97 8.31
CA PRO D 333 -7.94 -9.92 8.42
C PRO D 333 -8.47 -11.00 9.33
N ILE D 334 -8.15 -12.25 9.00
CA ILE D 334 -8.68 -13.38 9.75
C ILE D 334 -8.02 -13.49 11.11
N GLY D 335 -6.75 -13.12 11.23
CA GLY D 335 -6.09 -13.17 12.52
C GLY D 335 -6.70 -12.21 13.53
N ASP D 336 -6.96 -10.98 13.10
CA ASP D 336 -7.56 -9.99 13.98
C ASP D 336 -9.03 -10.28 14.24
N GLU D 337 -9.75 -10.82 13.26
CA GLU D 337 -11.15 -11.16 13.48
C GLU D 337 -11.31 -12.29 14.49
N VAL D 338 -10.54 -13.37 14.30
CA VAL D 338 -10.64 -14.51 15.20
C VAL D 338 -10.10 -14.15 16.57
N ARG D 339 -9.13 -13.24 16.66
CA ARG D 339 -8.69 -12.74 17.97
C ARG D 339 -9.79 -11.95 18.65
N SER D 340 -10.56 -11.18 17.90
CA SER D 340 -11.65 -10.43 18.54
C SER D 340 -12.89 -11.27 18.78
N ILE D 341 -12.94 -12.51 18.33
CA ILE D 341 -14.06 -13.41 18.64
C ILE D 341 -13.76 -14.30 19.84
N LEU D 342 -12.56 -14.86 19.93
CA LEU D 342 -12.28 -15.95 20.87
C LEU D 342 -12.10 -15.45 22.31
N ASP D 343 -11.75 -16.38 23.20
CA ASP D 343 -11.63 -16.14 24.63
C ASP D 343 -10.20 -16.15 25.13
N GLY D 344 -9.23 -16.17 24.24
CA GLY D 344 -7.85 -16.19 24.66
C GLY D 344 -6.98 -16.55 23.49
N HIS D 345 -5.81 -15.95 23.38
CA HIS D 345 -5.02 -16.13 22.17
C HIS D 345 -3.56 -16.35 22.52
N ILE D 346 -2.93 -17.30 21.82
CA ILE D 346 -1.58 -17.75 22.07
C ILE D 346 -0.80 -17.40 20.81
N VAL D 347 -0.09 -16.28 20.80
CA VAL D 347 0.59 -15.85 19.58
C VAL D 347 1.99 -16.40 19.59
N LEU D 348 2.36 -17.14 18.55
CA LEU D 348 3.66 -17.76 18.39
C LEU D 348 4.44 -16.98 17.34
N THR D 349 5.70 -16.67 17.63
CA THR D 349 6.48 -15.78 16.80
C THR D 349 7.55 -16.58 16.08
N ARG D 350 7.77 -16.27 14.79
CA ARG D 350 8.83 -16.92 14.03
C ARG D 350 10.21 -16.53 14.54
N GLU D 351 10.35 -15.29 15.03
CA GLU D 351 11.62 -14.81 15.55
C GLU D 351 12.05 -15.48 16.83
N LEU D 352 11.16 -16.23 17.47
CA LEU D 352 11.52 -17.12 18.56
C LEU D 352 11.76 -18.54 18.08
N ALA D 353 11.28 -18.90 16.91
CA ALA D 353 11.62 -20.18 16.32
C ALA D 353 12.95 -20.15 15.57
N GLU D 354 13.47 -18.96 15.26
CA GLU D 354 14.82 -18.87 14.69
C GLU D 354 15.88 -19.17 15.73
N GLU D 355 15.55 -19.10 17.00
CA GLU D 355 16.52 -19.23 18.08
C GLU D 355 16.36 -20.52 18.85
N ASN D 356 15.57 -21.47 18.31
CA ASN D 356 15.18 -22.72 18.99
C ASN D 356 14.56 -22.46 20.35
N HIS D 357 13.73 -21.44 20.47
CA HIS D 357 12.98 -21.21 21.71
C HIS D 357 11.65 -21.94 21.61
N PHE D 358 11.73 -23.27 21.68
CA PHE D 358 10.45 -23.93 21.47
C PHE D 358 9.83 -24.36 22.79
N PRO D 359 8.50 -24.25 22.99
CA PRO D 359 7.45 -23.72 22.13
C PRO D 359 7.54 -22.22 21.98
N ALA D 360 7.24 -21.71 20.79
CA ALA D 360 7.66 -20.38 20.41
C ALA D 360 6.66 -19.32 20.82
N ILE D 361 5.92 -19.51 21.91
CA ILE D 361 4.84 -18.59 22.24
C ILE D 361 5.44 -17.32 22.80
N ASP D 362 4.86 -16.20 22.41
CA ASP D 362 5.34 -14.88 22.79
C ASP D 362 4.47 -14.42 23.95
N ILE D 363 5.08 -14.26 25.13
CA ILE D 363 4.31 -14.11 26.35
C ILE D 363 3.71 -12.71 26.44
N GLY D 364 4.43 -11.70 25.96
CA GLY D 364 3.92 -10.35 26.03
C GLY D 364 2.80 -10.10 25.05
N LEU D 365 2.78 -10.84 23.95
CA LEU D 365 1.85 -10.60 22.87
C LEU D 365 0.63 -11.51 22.95
N SER D 366 0.66 -12.52 23.79
CA SER D 366 -0.45 -13.44 23.99
C SER D 366 -1.13 -13.17 25.32
N ALA D 367 -2.36 -13.66 25.47
CA ALA D 367 -3.14 -13.38 26.66
C ALA D 367 -4.21 -14.45 26.83
N SER D 368 -4.77 -14.52 28.03
CA SER D 368 -5.82 -15.48 28.32
C SER D 368 -6.93 -14.79 29.09
N ARG D 369 -8.13 -14.78 28.54
CA ARG D 369 -9.15 -13.88 29.07
C ARG D 369 -9.93 -14.46 30.22
N VAL D 370 -9.54 -15.59 30.77
CA VAL D 370 -10.34 -16.11 31.87
C VAL D 370 -9.47 -16.55 33.03
N MET D 371 -8.17 -16.23 33.02
CA MET D 371 -7.36 -16.74 34.10
C MET D 371 -7.50 -15.94 35.38
N HIS D 372 -8.17 -14.79 35.35
CA HIS D 372 -8.43 -14.08 36.59
C HIS D 372 -9.56 -14.72 37.38
N ASN D 373 -10.35 -15.59 36.76
CA ASN D 373 -11.39 -16.32 37.44
C ASN D 373 -10.99 -17.71 37.86
N VAL D 374 -10.11 -18.37 37.08
CA VAL D 374 -9.88 -19.80 37.27
C VAL D 374 -8.72 -20.11 38.20
N VAL D 375 -8.07 -19.12 38.79
CA VAL D 375 -6.94 -19.40 39.67
C VAL D 375 -6.85 -18.36 40.78
N THR D 376 -6.13 -18.72 41.84
CA THR D 376 -6.01 -17.93 43.06
C THR D 376 -5.10 -16.73 42.85
N SER D 377 -4.95 -15.94 43.92
CA SER D 377 -4.28 -14.66 43.80
C SER D 377 -2.77 -14.78 43.78
N GLU D 378 -2.22 -15.80 44.42
CA GLU D 378 -0.76 -15.96 44.44
C GLU D 378 -0.23 -16.34 43.07
N HIS D 379 -0.91 -17.27 42.39
CA HIS D 379 -0.49 -17.66 41.04
C HIS D 379 -0.63 -16.51 40.06
N LEU D 380 -1.72 -15.75 40.17
CA LEU D 380 -1.96 -14.64 39.25
C LEU D 380 -0.94 -13.53 39.45
N ARG D 381 -0.59 -13.26 40.70
CA ARG D 381 0.40 -12.22 41.00
C ARG D 381 1.81 -12.67 40.58
N ALA D 382 2.13 -13.95 40.79
CA ALA D 382 3.45 -14.43 40.40
C ALA D 382 3.61 -14.49 38.88
N ALA D 383 2.52 -14.85 38.18
CA ALA D 383 2.55 -14.84 36.72
C ALA D 383 2.68 -13.42 36.19
N ALA D 384 2.06 -12.44 36.86
CA ALA D 384 2.21 -11.06 36.45
C ALA D 384 3.65 -10.59 36.59
N GLU D 385 4.29 -10.96 37.70
CA GLU D 385 5.68 -10.57 37.92
C GLU D 385 6.63 -11.22 36.91
N CYS D 386 6.35 -12.48 36.54
CA CYS D 386 7.21 -13.15 35.55
C CYS D 386 7.02 -12.56 34.15
N LYS D 387 5.79 -12.22 33.77
CA LYS D 387 5.54 -11.57 32.48
C LYS D 387 6.24 -10.23 32.40
N LYS D 388 6.22 -9.46 33.49
CA LYS D 388 6.92 -8.18 33.47
C LYS D 388 8.44 -8.37 33.45
N LEU D 389 8.97 -9.44 34.05
CA LEU D 389 10.40 -9.73 33.92
C LEU D 389 10.80 -10.02 32.47
N ILE D 390 9.95 -10.78 31.75
CA ILE D 390 10.22 -11.08 30.35
C ILE D 390 10.21 -9.82 29.49
N ALA D 391 9.22 -8.94 29.71
CA ALA D 391 9.16 -7.70 28.95
C ALA D 391 10.33 -6.77 29.29
N THR D 392 10.78 -6.78 30.54
CA THR D 392 11.92 -5.96 30.94
C THR D 392 13.20 -6.42 30.24
N TYR D 393 13.40 -7.73 30.13
CA TYR D 393 14.57 -8.17 29.38
C TYR D 393 14.44 -7.85 27.89
N LYS D 394 13.23 -7.93 27.34
CA LYS D 394 13.06 -7.62 25.91
C LYS D 394 13.37 -6.15 25.62
N ASN D 395 13.11 -5.26 26.58
CA ASN D 395 13.59 -3.88 26.43
C ASN D 395 15.10 -3.78 26.59
N VAL D 396 15.69 -4.55 27.53
CA VAL D 396 17.11 -4.45 27.80
C VAL D 396 17.97 -5.18 26.77
N GLU D 397 17.37 -6.01 25.92
CA GLU D 397 18.12 -6.99 25.11
C GLU D 397 19.00 -6.34 24.05
N LEU D 398 18.48 -5.33 23.33
CA LEU D 398 19.19 -4.79 22.17
C LEU D 398 20.43 -4.01 22.57
N LEU D 399 20.35 -3.20 23.61
CA LEU D 399 21.53 -2.44 24.01
C LEU D 399 22.52 -3.25 24.85
N ILE D 400 22.28 -4.54 25.07
CA ILE D 400 23.36 -5.40 25.54
C ILE D 400 24.15 -5.92 24.34
N ARG D 401 23.45 -6.22 23.25
CA ARG D 401 24.08 -6.80 22.05
C ARG D 401 25.05 -5.83 21.40
N ILE D 402 24.63 -4.58 21.20
CA ILE D 402 25.55 -3.60 20.64
C ILE D 402 26.47 -3.02 21.71
N GLY D 403 26.24 -3.36 22.98
CA GLY D 403 27.24 -3.18 24.01
C GLY D 403 27.23 -1.85 24.72
N GLU D 404 26.05 -1.42 25.16
CA GLU D 404 25.91 -0.13 25.82
C GLU D 404 25.16 -0.21 27.14
N TYR D 405 24.95 -1.40 27.68
CA TYR D 405 24.24 -1.53 28.95
C TYR D 405 25.21 -1.37 30.10
N THR D 406 24.74 -0.72 31.17
CA THR D 406 25.52 -0.50 32.38
C THR D 406 24.76 -1.10 33.55
N MET D 407 25.43 -1.99 34.29
CA MET D 407 24.85 -2.55 35.51
C MET D 407 24.85 -1.50 36.62
N GLY D 408 23.75 -1.47 37.39
CA GLY D 408 23.71 -0.76 38.65
C GLY D 408 22.76 0.41 38.66
N GLN D 409 22.57 1.07 37.53
CA GLN D 409 21.77 2.29 37.46
C GLN D 409 20.28 2.01 37.26
N ASP D 410 19.85 0.76 37.39
CA ASP D 410 18.45 0.41 37.25
C ASP D 410 18.22 -0.88 38.03
N PRO D 411 17.36 -0.87 39.05
CA PRO D 411 17.22 -2.07 39.89
C PRO D 411 16.48 -3.21 39.22
N GLU D 412 15.52 -2.91 38.35
CA GLU D 412 14.67 -3.96 37.80
C GLU D 412 15.12 -4.45 36.44
N ALA D 413 16.13 -3.83 35.83
CA ALA D 413 16.77 -4.44 34.68
C ALA D 413 17.61 -5.63 35.10
N ASP D 414 18.42 -5.45 36.15
CA ASP D 414 19.29 -6.52 36.64
C ASP D 414 18.48 -7.69 37.19
N LYS D 415 17.35 -7.39 37.83
CA LYS D 415 16.43 -8.43 38.29
C LYS D 415 15.87 -9.23 37.12
N ALA D 416 15.72 -8.60 35.95
CA ALA D 416 15.29 -9.33 34.78
C ALA D 416 16.42 -10.07 34.08
N ILE D 417 17.65 -9.91 34.54
CA ILE D 417 18.80 -10.60 33.96
C ILE D 417 19.30 -11.71 34.87
N LYS D 418 19.40 -11.42 36.17
CA LYS D 418 19.84 -12.36 37.18
C LYS D 418 18.95 -13.59 37.26
N ASN D 419 17.69 -13.49 36.83
CA ASN D 419 16.79 -14.63 36.83
C ASN D 419 16.64 -15.30 35.48
N ARG D 420 17.22 -14.73 34.39
CA ARG D 420 16.71 -14.99 33.03
C ARG D 420 16.86 -16.45 32.61
N LYS D 421 18.04 -17.03 32.78
CA LYS D 421 18.22 -18.43 32.40
C LYS D 421 17.48 -19.37 33.35
N LEU D 422 17.13 -18.88 34.53
CA LEU D 422 16.23 -19.62 35.40
C LEU D 422 14.79 -19.61 34.87
N ILE D 423 14.35 -18.53 34.23
CA ILE D 423 12.94 -18.50 33.84
C ILE D 423 12.75 -19.24 32.52
N GLN D 424 13.81 -19.36 31.71
CA GLN D 424 13.66 -19.95 30.39
C GLN D 424 13.44 -21.45 30.46
N ASN D 425 14.02 -22.12 31.45
CA ASN D 425 13.70 -23.53 31.67
C ASN D 425 12.25 -23.73 32.08
N PHE D 426 11.60 -22.69 32.60
CA PHE D 426 10.16 -22.75 32.81
C PHE D 426 9.39 -22.40 31.55
N ILE D 427 9.94 -21.54 30.69
CA ILE D 427 9.13 -20.99 29.59
C ILE D 427 9.29 -21.84 28.33
N GLN D 428 10.35 -22.64 28.25
CA GLN D 428 10.52 -23.48 27.08
C GLN D 428 10.63 -24.94 27.48
N GLN D 429 10.09 -25.82 26.64
CA GLN D 429 9.74 -27.17 27.05
C GLN D 429 9.95 -28.15 25.90
N SER D 430 10.44 -29.34 26.23
CA SER D 430 10.60 -30.39 25.23
C SER D 430 9.24 -30.92 24.79
N THR D 431 9.24 -31.55 23.62
CA THR D 431 7.98 -31.99 23.01
C THR D 431 7.44 -33.23 23.71
N LYS D 432 8.30 -34.18 24.06
CA LYS D 432 7.89 -35.43 24.68
C LYS D 432 7.79 -35.33 26.20
N ASP D 433 7.52 -34.13 26.72
CA ASP D 433 7.39 -33.87 28.14
C ASP D 433 5.99 -33.36 28.41
N ILE D 434 5.33 -33.91 29.43
CA ILE D 434 4.14 -33.32 30.01
C ILE D 434 4.48 -32.92 31.44
N SER D 435 3.84 -31.87 31.91
CA SER D 435 4.13 -31.32 33.23
C SER D 435 2.85 -31.27 34.03
N SER D 436 2.93 -31.69 35.30
CA SER D 436 1.76 -31.65 36.16
C SER D 436 1.40 -30.22 36.52
N TYR D 437 0.24 -30.04 37.13
CA TYR D 437 -0.22 -28.68 37.41
C TYR D 437 0.36 -28.16 38.72
N GLU D 438 0.85 -29.05 39.58
CA GLU D 438 1.46 -28.60 40.82
C GLU D 438 2.95 -28.34 40.67
N LYS D 439 3.62 -29.10 39.80
CA LYS D 439 5.00 -28.78 39.46
C LYS D 439 5.09 -27.44 38.76
N THR D 440 4.08 -27.09 37.96
CA THR D 440 4.07 -25.81 37.27
C THR D 440 3.97 -24.65 38.25
N ILE D 441 3.12 -24.80 39.27
CA ILE D 441 2.98 -23.74 40.27
C ILE D 441 4.25 -23.61 41.10
N GLU D 442 4.85 -24.73 41.53
CA GLU D 442 6.05 -24.59 42.35
C GLU D 442 7.25 -24.12 41.53
N SER D 443 7.31 -24.47 40.25
CA SER D 443 8.35 -23.94 39.38
C SER D 443 8.16 -22.45 39.14
N LEU D 444 6.92 -21.99 39.04
CA LEU D 444 6.69 -20.56 38.85
C LEU D 444 7.00 -19.79 40.12
N PHE D 445 6.71 -20.36 41.29
CA PHE D 445 7.05 -19.67 42.53
C PHE D 445 8.55 -19.65 42.77
N LYS D 446 9.28 -20.67 42.32
CA LYS D 446 10.74 -20.63 42.41
C LYS D 446 11.35 -19.68 41.38
N VAL D 447 10.74 -19.59 40.20
CA VAL D 447 11.21 -18.68 39.16
C VAL D 447 11.00 -17.23 39.55
N VAL D 448 9.85 -16.92 40.14
CA VAL D 448 9.44 -15.54 40.36
C VAL D 448 10.23 -14.89 41.50
N ALA D 449 10.85 -15.69 42.36
CA ALA D 449 11.56 -15.16 43.52
C ALA D 449 12.90 -14.56 43.11
N GLU E 38 -49.04 -6.66 -1.26
CA GLU E 38 -48.28 -7.87 -1.51
C GLU E 38 -47.18 -7.65 -2.54
N GLY E 39 -46.45 -8.73 -2.83
CA GLY E 39 -45.39 -8.68 -3.83
C GLY E 39 -44.63 -9.99 -3.83
N LYS E 40 -43.84 -10.15 -4.88
CA LYS E 40 -43.07 -11.37 -5.12
C LYS E 40 -41.62 -11.15 -4.71
N ILE E 41 -41.01 -12.19 -4.17
CA ILE E 41 -39.57 -12.22 -3.92
C ILE E 41 -38.88 -12.87 -5.10
N ILE E 42 -37.89 -12.19 -5.68
CA ILE E 42 -37.28 -12.63 -6.93
C ILE E 42 -35.78 -12.88 -6.82
N ASN E 43 -35.16 -12.64 -5.68
CA ASN E 43 -33.70 -12.75 -5.59
C ASN E 43 -33.31 -12.95 -4.14
N ILE E 44 -32.48 -13.96 -3.88
CA ILE E 44 -32.05 -14.31 -2.53
C ILE E 44 -30.54 -14.32 -2.49
N GLY E 45 -29.96 -13.33 -1.84
CA GLY E 45 -28.53 -13.31 -1.61
C GLY E 45 -28.17 -13.92 -0.28
N GLY E 46 -27.01 -13.51 0.24
CA GLY E 46 -26.59 -13.97 1.54
C GLY E 46 -27.16 -13.11 2.66
N THR E 47 -27.05 -11.80 2.51
CA THR E 47 -27.51 -10.87 3.54
C THR E 47 -28.83 -10.20 3.19
N ILE E 48 -29.05 -9.90 1.92
CA ILE E 48 -30.14 -9.01 1.51
C ILE E 48 -31.14 -9.81 0.68
N ILE E 49 -32.36 -9.29 0.59
CA ILE E 49 -33.41 -9.88 -0.24
C ILE E 49 -33.82 -8.83 -1.27
N LYS E 50 -34.02 -9.25 -2.51
CA LYS E 50 -34.59 -8.36 -3.51
C LYS E 50 -35.96 -8.87 -3.92
N ALA E 51 -36.94 -7.97 -3.94
CA ALA E 51 -38.32 -8.35 -4.20
C ALA E 51 -38.95 -7.35 -5.17
N ARG E 52 -40.18 -7.64 -5.59
CA ARG E 52 -40.95 -6.74 -6.44
C ARG E 52 -42.08 -6.15 -5.62
N LEU E 53 -42.02 -4.85 -5.38
CA LEU E 53 -43.10 -4.17 -4.69
C LEU E 53 -43.39 -2.86 -5.39
N PRO E 54 -44.60 -2.67 -5.91
CA PRO E 54 -44.94 -1.38 -6.51
C PRO E 54 -45.09 -0.28 -5.46
N LYS E 55 -44.18 0.68 -5.50
CA LYS E 55 -44.17 1.89 -4.68
C LYS E 55 -44.14 1.55 -3.18
N ALA E 56 -43.06 0.92 -2.77
CA ALA E 56 -42.83 0.61 -1.37
C ALA E 56 -42.01 1.72 -0.74
N ARG E 57 -42.13 1.85 0.58
CA ARG E 57 -41.57 2.97 1.30
C ARG E 57 -40.37 2.48 2.09
N ILE E 58 -39.31 3.29 2.14
CA ILE E 58 -38.11 2.89 2.85
C ILE E 58 -38.36 2.93 4.36
N GLY E 59 -38.08 1.81 5.02
CA GLY E 59 -38.38 1.61 6.41
C GLY E 59 -39.65 0.80 6.64
N ALA E 60 -40.57 0.82 5.69
CA ALA E 60 -41.87 0.17 5.83
C ALA E 60 -41.69 -1.34 5.83
N PHE E 61 -41.98 -1.99 6.96
CA PHE E 61 -41.62 -3.39 7.09
C PHE E 61 -42.76 -4.30 6.67
N TYR E 62 -42.38 -5.42 6.07
CA TYR E 62 -43.25 -6.43 5.51
C TYR E 62 -42.99 -7.74 6.25
N LYS E 63 -44.02 -8.55 6.42
CA LYS E 63 -43.80 -9.92 6.85
C LYS E 63 -43.95 -10.85 5.66
N ILE E 64 -43.38 -12.03 5.79
CA ILE E 64 -43.42 -13.03 4.74
C ILE E 64 -44.59 -13.96 5.02
N GLU E 65 -45.48 -14.12 4.03
CA GLU E 65 -46.80 -14.72 4.27
C GLU E 65 -46.77 -16.19 4.72
N PRO E 66 -46.00 -17.12 4.12
CA PRO E 66 -46.11 -18.50 4.60
C PRO E 66 -45.43 -18.78 5.92
N SER E 67 -44.49 -17.94 6.38
CA SER E 67 -43.63 -18.35 7.49
C SER E 67 -43.37 -17.30 8.55
N GLN E 68 -44.20 -16.24 8.67
CA GLN E 68 -44.32 -15.36 9.84
C GLN E 68 -43.09 -14.45 10.05
N ARG E 69 -42.06 -14.57 9.23
CA ARG E 69 -40.83 -13.82 9.43
C ARG E 69 -40.87 -12.44 8.75
N LEU E 70 -40.32 -11.44 9.43
CA LEU E 70 -40.39 -10.03 9.05
C LEU E 70 -39.21 -9.62 8.18
N ALA E 71 -39.36 -8.48 7.52
CA ALA E 71 -38.30 -7.88 6.70
C ALA E 71 -38.57 -6.40 6.52
N GLU E 72 -37.51 -5.61 6.41
CA GLU E 72 -37.56 -4.15 6.33
C GLU E 72 -36.89 -3.64 5.06
N VAL E 73 -37.58 -2.74 4.36
CA VAL E 73 -37.14 -2.24 3.06
C VAL E 73 -36.01 -1.23 3.25
N ILE E 74 -34.89 -1.44 2.56
CA ILE E 74 -33.77 -0.52 2.65
C ILE E 74 -33.43 0.17 1.33
N ALA E 75 -33.92 -0.32 0.19
CA ALA E 75 -33.63 0.41 -1.06
C ALA E 75 -34.74 0.19 -2.08
N ILE E 76 -34.83 1.13 -3.02
CA ILE E 76 -35.74 1.07 -4.15
C ILE E 76 -34.90 1.03 -5.42
N ASP E 77 -35.33 0.26 -6.41
CA ASP E 77 -34.73 0.25 -7.73
C ASP E 77 -35.82 0.30 -8.79
N GLU E 78 -36.86 1.08 -8.50
CA GLU E 78 -38.06 1.44 -9.28
C GLU E 78 -39.06 0.29 -9.42
N ASP E 79 -38.62 -0.95 -9.25
CA ASP E 79 -39.56 -2.04 -9.03
C ASP E 79 -38.92 -3.07 -8.10
N GLU E 80 -37.60 -3.02 -7.98
CA GLU E 80 -36.85 -4.00 -7.23
C GLU E 80 -36.46 -3.40 -5.89
N VAL E 81 -37.10 -3.85 -4.84
CA VAL E 81 -36.88 -3.32 -3.51
C VAL E 81 -35.92 -4.24 -2.76
N PHE E 82 -34.90 -3.64 -2.17
CA PHE E 82 -33.98 -4.36 -1.31
C PHE E 82 -34.53 -4.33 0.11
N LEU E 83 -35.01 -5.48 0.57
CA LEU E 83 -35.48 -5.71 1.91
C LEU E 83 -34.39 -6.42 2.71
N LEU E 84 -34.51 -6.35 4.02
CA LEU E 84 -33.53 -6.95 4.92
C LEU E 84 -34.26 -7.73 6.01
N PRO E 85 -34.10 -9.05 6.08
CA PRO E 85 -34.91 -9.85 7.00
C PRO E 85 -34.42 -9.76 8.43
N PHE E 86 -35.36 -9.89 9.37
CA PHE E 86 -35.00 -9.88 10.78
C PHE E 86 -34.29 -11.13 11.24
N GLU E 87 -34.24 -12.18 10.42
CA GLU E 87 -33.75 -13.48 10.86
C GLU E 87 -32.81 -14.04 9.79
N HIS E 88 -32.60 -15.34 9.84
CA HIS E 88 -31.78 -16.08 8.89
C HIS E 88 -32.57 -16.43 7.64
N VAL E 89 -31.83 -16.86 6.61
CA VAL E 89 -32.42 -17.32 5.34
C VAL E 89 -32.35 -18.85 5.32
N SER E 90 -33.48 -19.48 5.64
CA SER E 90 -33.55 -20.94 5.74
C SER E 90 -34.01 -21.57 4.43
N GLY E 91 -35.25 -21.32 4.06
CA GLY E 91 -35.72 -21.71 2.74
C GLY E 91 -36.48 -20.57 2.10
N MET E 92 -35.90 -19.97 1.07
CA MET E 92 -36.44 -18.76 0.47
C MET E 92 -36.53 -19.01 -1.03
N TYR E 93 -37.65 -19.54 -1.48
CA TYR E 93 -37.79 -19.86 -2.89
C TYR E 93 -38.14 -18.61 -3.69
N CYS E 94 -38.09 -18.75 -5.02
CA CYS E 94 -38.48 -17.66 -5.89
C CYS E 94 -39.99 -17.51 -5.92
N GLY E 95 -40.44 -16.26 -5.98
CA GLY E 95 -41.87 -16.02 -6.04
C GLY E 95 -42.59 -16.19 -4.73
N GLN E 96 -41.86 -16.15 -3.61
CA GLN E 96 -42.49 -16.22 -2.30
C GLN E 96 -43.12 -14.87 -1.98
N TRP E 97 -44.30 -14.91 -1.39
CA TRP E 97 -45.09 -13.70 -1.23
C TRP E 97 -44.65 -12.86 -0.03
N LEU E 98 -45.09 -11.60 -0.06
CA LEU E 98 -44.91 -10.63 1.01
C LEU E 98 -46.26 -10.01 1.33
N SER E 99 -46.32 -9.25 2.42
CA SER E 99 -47.57 -8.59 2.82
C SER E 99 -47.22 -7.41 3.71
N TYR E 100 -48.02 -6.34 3.60
CA TYR E 100 -47.69 -5.08 4.24
C TYR E 100 -47.99 -5.13 5.72
N GLN E 101 -47.04 -4.68 6.54
CA GLN E 101 -47.21 -4.70 7.98
C GLN E 101 -47.10 -3.34 8.64
N GLY E 102 -46.08 -2.55 8.32
CA GLY E 102 -45.88 -1.31 9.06
C GLY E 102 -45.22 -0.23 8.24
N ASP E 103 -45.42 1.00 8.70
CA ASP E 103 -44.88 2.17 8.02
C ASP E 103 -43.43 2.42 8.42
N GLU E 104 -43.12 2.24 9.70
CA GLU E 104 -41.75 2.20 10.19
C GLU E 104 -41.76 1.42 11.49
N PHE E 105 -40.58 0.98 11.91
CA PHE E 105 -40.46 0.04 13.01
C PHE E 105 -40.22 0.79 14.31
N LYS E 106 -41.16 0.62 15.25
CA LYS E 106 -41.10 1.25 16.56
C LYS E 106 -40.80 0.21 17.62
N ILE E 107 -40.31 0.67 18.77
CA ILE E 107 -40.12 -0.21 19.92
C ILE E 107 -41.01 0.28 21.05
N ARG E 108 -41.15 -0.58 22.06
CA ARG E 108 -42.09 -0.38 23.16
C ARG E 108 -41.30 -0.10 24.42
N VAL E 109 -41.33 1.14 24.89
CA VAL E 109 -40.58 1.55 26.06
C VAL E 109 -41.54 2.00 27.15
N GLY E 110 -40.96 2.27 28.31
CA GLY E 110 -41.71 2.64 29.49
C GLY E 110 -40.84 2.51 30.72
N ASP E 111 -41.42 2.85 31.86
CA ASP E 111 -40.66 2.82 33.10
C ASP E 111 -40.46 1.41 33.62
N ALA E 112 -41.28 0.45 33.18
CA ALA E 112 -41.21 -0.92 33.68
C ALA E 112 -40.19 -1.73 32.88
N LEU E 113 -38.95 -1.23 32.90
CA LEU E 113 -37.90 -1.74 32.03
C LEU E 113 -36.57 -1.88 32.73
N LEU E 114 -36.40 -1.31 33.93
CA LEU E 114 -35.17 -1.49 34.69
C LEU E 114 -35.03 -2.93 35.17
N GLY E 115 -33.80 -3.40 35.24
CA GLY E 115 -33.54 -4.75 35.67
C GLY E 115 -33.88 -5.81 34.65
N ARG E 116 -33.99 -5.45 33.38
CA ARG E 116 -34.38 -6.38 32.34
C ARG E 116 -33.24 -6.55 31.35
N LEU E 117 -33.38 -7.57 30.51
CA LEU E 117 -32.42 -7.80 29.43
C LEU E 117 -33.19 -7.80 28.12
N ILE E 118 -32.84 -6.87 27.25
CA ILE E 118 -33.54 -6.59 26.01
C ILE E 118 -32.59 -6.92 24.87
N ASP E 119 -33.14 -7.37 23.75
CA ASP E 119 -32.28 -7.59 22.59
C ASP E 119 -32.17 -6.30 21.78
N GLY E 120 -31.61 -6.39 20.57
CA GLY E 120 -31.45 -5.19 19.76
C GLY E 120 -32.75 -4.70 19.17
N ILE E 121 -33.71 -5.60 18.97
CA ILE E 121 -34.99 -5.24 18.39
C ILE E 121 -35.85 -4.52 19.41
N GLY E 122 -35.84 -4.96 20.67
CA GLY E 122 -36.65 -4.31 21.67
C GLY E 122 -37.44 -5.30 22.49
N ARG E 123 -37.24 -6.57 22.20
CA ARG E 123 -37.93 -7.67 22.82
C ARG E 123 -37.23 -8.08 24.12
N PRO E 124 -37.96 -8.54 25.12
CA PRO E 124 -37.31 -9.06 26.33
C PRO E 124 -36.64 -10.40 26.05
N MET E 125 -35.37 -10.51 26.47
CA MET E 125 -34.58 -11.68 26.13
C MET E 125 -34.70 -12.79 27.15
N GLU E 126 -34.86 -12.43 28.43
CA GLU E 126 -35.00 -13.43 29.46
C GLU E 126 -36.43 -13.93 29.54
N SER E 127 -36.56 -15.22 29.86
CA SER E 127 -37.85 -15.89 29.94
C SER E 127 -38.16 -16.40 31.34
N ASN E 128 -37.28 -16.10 32.31
CA ASN E 128 -37.53 -16.49 33.69
C ASN E 128 -38.51 -15.53 34.36
N ILE E 129 -38.61 -14.33 33.85
CA ILE E 129 -39.35 -13.26 34.50
C ILE E 129 -40.72 -13.15 33.83
N VAL E 130 -41.68 -12.55 34.54
CA VAL E 130 -43.02 -12.36 33.98
C VAL E 130 -42.99 -11.24 32.94
N ALA E 131 -43.94 -11.30 32.00
CA ALA E 131 -43.97 -10.37 30.88
C ALA E 131 -44.28 -8.95 31.34
N PRO E 132 -43.53 -7.95 30.90
CA PRO E 132 -43.70 -6.60 31.43
C PRO E 132 -44.89 -5.88 30.81
N TYR E 133 -45.07 -4.63 31.25
CA TYR E 133 -46.03 -3.71 30.67
C TYR E 133 -45.32 -2.42 30.30
N LEU E 134 -45.09 -2.22 29.00
CA LEU E 134 -44.45 -1.00 28.52
C LEU E 134 -45.52 -0.13 27.89
N PRO E 135 -45.82 1.04 28.45
CA PRO E 135 -46.99 1.80 28.00
C PRO E 135 -46.77 2.53 26.69
N PHE E 136 -45.53 2.87 26.37
CA PHE E 136 -45.24 3.85 25.33
C PHE E 136 -44.57 3.16 24.15
N GLU E 137 -44.66 3.78 22.98
CA GLU E 137 -43.88 3.35 21.84
C GLU E 137 -43.14 4.54 21.24
N ARG E 138 -41.94 4.26 20.71
CA ARG E 138 -41.12 5.31 20.13
C ARG E 138 -40.42 4.78 18.88
N SER E 139 -40.15 5.69 17.96
CA SER E 139 -39.38 5.36 16.79
C SER E 139 -37.90 5.43 17.12
N LEU E 140 -37.12 4.60 16.43
CA LEU E 140 -35.70 4.52 16.71
C LEU E 140 -34.92 5.70 16.14
N TYR E 141 -35.51 6.47 15.24
CA TYR E 141 -34.82 7.57 14.57
C TYR E 141 -35.40 8.88 15.06
N ALA E 142 -34.85 9.40 16.13
CA ALA E 142 -35.20 10.73 16.59
C ALA E 142 -34.19 11.73 16.05
N GLU E 143 -34.31 12.96 16.48
CA GLU E 143 -33.41 14.00 16.04
C GLU E 143 -32.74 14.60 17.28
N PRO E 144 -31.47 15.00 17.21
CA PRO E 144 -30.75 15.47 18.40
C PRO E 144 -31.35 16.74 18.97
N PRO E 145 -31.03 17.08 20.22
CA PRO E 145 -31.53 18.34 20.79
C PRO E 145 -30.98 19.55 20.07
N ASP E 146 -31.64 20.67 20.25
CA ASP E 146 -31.24 21.88 19.56
C ASP E 146 -29.92 22.38 20.14
N PRO E 147 -28.94 22.74 19.31
CA PRO E 147 -27.62 23.11 19.85
C PRO E 147 -27.61 24.45 20.57
N LEU E 148 -28.67 25.25 20.49
CA LEU E 148 -28.76 26.47 21.27
C LEU E 148 -29.23 26.23 22.70
N LEU E 149 -29.86 25.09 22.96
CA LEU E 149 -30.49 24.81 24.25
C LEU E 149 -29.74 23.77 25.06
N ARG E 150 -28.60 23.27 24.57
CA ARG E 150 -27.78 22.39 25.38
C ARG E 150 -27.11 23.17 26.50
N GLN E 151 -26.89 22.50 27.62
CA GLN E 151 -26.35 23.15 28.82
C GLN E 151 -24.83 23.26 28.71
N VAL E 152 -24.17 23.57 29.82
CA VAL E 152 -22.72 23.68 29.87
C VAL E 152 -22.23 22.70 30.92
N ILE E 153 -21.26 21.87 30.55
CA ILE E 153 -20.74 20.83 31.42
C ILE E 153 -19.81 21.47 32.45
N ASP E 154 -20.18 21.39 33.72
CA ASP E 154 -19.38 22.00 34.78
C ASP E 154 -19.27 21.15 36.05
N GLN E 155 -19.80 19.93 36.06
CA GLN E 155 -19.75 19.04 37.20
C GLN E 155 -19.09 17.75 36.76
N PRO E 156 -18.09 17.24 37.47
CA PRO E 156 -17.36 16.06 37.02
C PRO E 156 -18.20 14.80 37.13
N PHE E 157 -17.81 13.79 36.35
CA PHE E 157 -18.43 12.48 36.39
C PHE E 157 -17.41 11.57 37.06
N ILE E 158 -17.66 11.24 38.33
CA ILE E 158 -16.76 10.42 39.11
C ILE E 158 -16.78 9.00 38.55
N LEU E 159 -15.61 8.50 38.16
CA LEU E 159 -15.56 7.36 37.27
C LEU E 159 -14.99 6.11 37.89
N GLY E 160 -13.97 6.23 38.74
CA GLY E 160 -13.45 5.06 39.42
C GLY E 160 -12.00 4.80 39.07
N VAL E 161 -11.67 4.92 37.81
CA VAL E 161 -10.29 4.73 37.35
C VAL E 161 -9.47 5.94 37.76
N ARG E 162 -8.23 5.72 38.19
CA ARG E 162 -7.42 6.83 38.67
C ARG E 162 -6.84 7.67 37.55
N ALA E 163 -6.54 7.08 36.39
CA ALA E 163 -6.04 7.87 35.27
C ALA E 163 -7.14 8.72 34.65
N ILE E 164 -8.37 8.20 34.60
CA ILE E 164 -9.49 8.87 33.95
C ILE E 164 -10.23 9.69 35.01
N ASP E 165 -9.59 9.93 36.14
CA ASP E 165 -10.08 11.00 37.00
C ASP E 165 -9.00 11.99 37.38
N GLY E 166 -7.77 11.53 37.58
CA GLY E 166 -6.72 12.45 37.87
C GLY E 166 -6.24 13.15 36.61
N LEU E 167 -6.01 12.40 35.55
CA LEU E 167 -5.39 12.97 34.37
C LEU E 167 -6.38 13.41 33.32
N LEU E 168 -7.49 12.72 33.15
CA LEU E 168 -8.46 13.05 32.10
C LEU E 168 -9.86 12.98 32.72
N THR E 169 -10.34 14.08 33.26
CA THR E 169 -11.60 14.08 33.98
C THR E 169 -12.77 14.12 33.01
N CYS E 170 -13.75 13.24 33.22
CA CYS E 170 -14.95 13.21 32.41
C CYS E 170 -16.04 14.04 33.06
N GLY E 171 -16.76 14.81 32.26
CA GLY E 171 -17.83 15.65 32.76
C GLY E 171 -19.18 15.01 32.51
N ILE E 172 -20.16 15.41 33.32
CA ILE E 172 -21.51 14.87 33.20
C ILE E 172 -22.16 15.49 31.96
N GLY E 173 -22.31 14.70 30.91
CA GLY E 173 -22.72 15.21 29.62
C GLY E 173 -21.69 15.03 28.52
N GLN E 174 -20.51 14.50 28.84
CA GLN E 174 -19.47 14.31 27.85
C GLN E 174 -19.63 12.96 27.18
N ARG E 175 -19.25 12.90 25.92
CA ARG E 175 -19.27 11.68 25.14
C ARG E 175 -17.81 11.27 24.94
N ILE E 176 -17.33 10.32 25.72
CA ILE E 176 -15.95 9.88 25.58
C ILE E 176 -15.93 8.60 24.78
N GLY E 177 -14.74 8.22 24.33
CA GLY E 177 -14.58 7.04 23.51
C GLY E 177 -13.31 6.31 23.89
N ILE E 178 -13.32 4.99 23.69
CA ILE E 178 -12.22 4.13 24.10
C ILE E 178 -11.72 3.41 22.86
N PHE E 179 -10.54 3.79 22.39
CA PHE E 179 -9.99 3.31 21.12
C PHE E 179 -8.88 2.31 21.42
N ALA E 180 -9.02 1.10 20.91
CA ALA E 180 -7.99 0.09 21.11
C ALA E 180 -8.09 -0.95 20.01
N GLY E 181 -7.20 -1.94 20.08
CA GLY E 181 -7.18 -2.98 19.07
C GLY E 181 -8.10 -4.13 19.41
N SER E 182 -7.59 -5.36 19.37
CA SER E 182 -8.38 -6.55 19.71
C SER E 182 -7.88 -7.14 21.01
N GLY E 183 -8.75 -7.24 21.99
CA GLY E 183 -8.29 -7.79 23.25
C GLY E 183 -7.16 -6.99 23.88
N VAL E 184 -7.31 -5.67 23.87
CA VAL E 184 -6.40 -4.79 24.59
C VAL E 184 -6.99 -4.36 25.93
N GLY E 185 -8.29 -4.54 26.14
CA GLY E 185 -8.82 -4.19 27.43
C GLY E 185 -9.95 -3.18 27.40
N LYS E 186 -10.65 -3.06 26.28
CA LYS E 186 -11.82 -2.19 26.26
C LYS E 186 -12.92 -2.72 27.16
N SER E 187 -13.11 -4.04 27.20
CA SER E 187 -14.17 -4.62 28.01
C SER E 187 -13.84 -4.57 29.49
N THR E 188 -12.58 -4.72 29.88
CA THR E 188 -12.26 -4.58 31.29
C THR E 188 -12.48 -3.16 31.75
N LEU E 189 -12.03 -2.20 30.96
CA LEU E 189 -12.12 -0.80 31.36
C LEU E 189 -13.57 -0.39 31.59
N LEU E 190 -14.49 -0.91 30.78
CA LEU E 190 -15.91 -0.71 31.08
C LEU E 190 -16.34 -1.44 32.34
N GLY E 191 -15.72 -2.57 32.68
CA GLY E 191 -16.03 -3.19 33.96
C GLY E 191 -15.58 -2.34 35.13
N MET E 192 -14.38 -1.75 35.01
CA MET E 192 -13.87 -0.85 36.04
C MET E 192 -14.72 0.40 36.16
N ILE E 193 -15.22 0.92 35.04
CA ILE E 193 -16.07 2.12 35.09
C ILE E 193 -17.45 1.76 35.63
N CYS E 194 -18.09 0.75 35.06
CA CYS E 194 -19.47 0.42 35.37
C CYS E 194 -19.62 -0.14 36.78
N ASN E 195 -18.56 -0.73 37.33
CA ASN E 195 -18.58 -1.17 38.71
C ASN E 195 -18.68 0.02 39.65
N GLY E 196 -17.72 0.94 39.57
CA GLY E 196 -17.78 2.18 40.33
C GLY E 196 -18.32 3.39 39.59
N ALA E 197 -19.53 3.31 39.04
CA ALA E 197 -20.14 4.43 38.35
C ALA E 197 -21.18 5.10 39.23
N SER E 198 -21.31 6.41 39.08
CA SER E 198 -22.15 7.23 39.93
C SER E 198 -23.38 7.77 39.22
N ALA E 199 -23.97 6.98 38.33
CA ALA E 199 -25.08 7.46 37.54
C ALA E 199 -26.41 7.19 38.24
N ASP E 200 -27.42 7.97 37.85
CA ASP E 200 -28.75 7.72 38.38
C ASP E 200 -29.43 6.56 37.70
N ILE E 201 -29.06 6.27 36.45
CA ILE E 201 -29.63 5.17 35.67
C ILE E 201 -28.68 4.80 34.52
N ILE E 202 -28.42 3.51 34.36
CA ILE E 202 -27.36 3.02 33.48
C ILE E 202 -27.99 2.17 32.38
N VAL E 203 -27.65 2.49 31.14
CA VAL E 203 -28.05 1.70 29.98
C VAL E 203 -26.79 1.15 29.34
N LEU E 204 -26.66 -0.16 29.35
CA LEU E 204 -25.46 -0.86 28.91
C LEU E 204 -25.78 -1.60 27.63
N ALA E 205 -25.17 -1.20 26.53
CA ALA E 205 -25.38 -1.87 25.26
C ALA E 205 -24.19 -2.78 24.95
N LEU E 206 -24.48 -3.98 24.51
CA LEU E 206 -23.48 -4.98 24.17
C LEU E 206 -23.75 -5.34 22.72
N ILE E 207 -23.16 -4.60 21.80
CA ILE E 207 -23.44 -4.72 20.38
C ILE E 207 -22.41 -5.64 19.76
N GLY E 208 -22.89 -6.70 19.13
CA GLY E 208 -22.09 -7.48 18.21
C GLY E 208 -20.95 -8.21 18.84
N GLU E 209 -21.11 -8.65 20.09
CA GLU E 209 -20.01 -9.09 20.93
C GLU E 209 -20.38 -10.41 21.61
N ARG E 210 -19.38 -11.00 22.26
CA ARG E 210 -19.55 -12.34 22.80
C ARG E 210 -20.65 -12.56 23.82
N GLY E 211 -21.39 -13.64 23.60
CA GLY E 211 -22.42 -14.04 24.56
C GLY E 211 -21.87 -14.71 25.79
N ARG E 212 -20.57 -15.02 25.78
CA ARG E 212 -19.89 -15.54 26.95
C ARG E 212 -19.77 -14.48 28.05
N GLU E 213 -20.06 -13.22 27.76
CA GLU E 213 -19.74 -12.16 28.69
C GLU E 213 -20.93 -11.34 29.17
N VAL E 214 -22.16 -11.66 28.78
CA VAL E 214 -23.30 -10.99 29.39
C VAL E 214 -23.37 -11.31 30.89
N ASN E 215 -23.03 -12.54 31.28
CA ASN E 215 -22.97 -12.97 32.67
C ASN E 215 -21.76 -12.42 33.39
N GLU E 216 -20.71 -12.04 32.68
CA GLU E 216 -19.57 -11.43 33.35
C GLU E 216 -19.73 -9.94 33.56
N PHE E 217 -20.59 -9.27 32.79
CA PHE E 217 -20.99 -7.93 33.17
C PHE E 217 -22.05 -7.94 34.26
N LEU E 218 -22.87 -8.98 34.33
CA LEU E 218 -23.76 -9.11 35.48
C LEU E 218 -23.03 -9.53 36.74
N ALA E 219 -21.89 -10.19 36.62
CA ALA E 219 -21.19 -10.66 37.82
C ALA E 219 -20.52 -9.53 38.58
N LEU E 220 -20.31 -8.38 37.95
CA LEU E 220 -19.70 -7.25 38.63
C LEU E 220 -20.68 -6.10 38.87
N LEU E 221 -21.98 -6.34 38.66
CA LEU E 221 -23.01 -5.37 38.99
C LEU E 221 -23.82 -5.85 40.19
N PRO E 222 -23.60 -5.28 41.38
CA PRO E 222 -24.47 -5.60 42.51
C PRO E 222 -25.88 -5.07 42.32
N GLN E 223 -26.80 -5.54 43.16
CA GLN E 223 -28.21 -5.26 42.97
C GLN E 223 -28.56 -3.79 43.22
N SER E 224 -27.73 -3.09 43.98
CA SER E 224 -27.88 -1.65 44.17
C SER E 224 -27.71 -0.89 42.85
N THR E 225 -26.84 -1.37 41.97
CA THR E 225 -26.65 -0.80 40.64
C THR E 225 -27.17 -1.71 39.53
N LEU E 226 -27.92 -2.76 39.87
CA LEU E 226 -28.66 -3.54 38.90
C LEU E 226 -30.15 -3.26 38.92
N SER E 227 -30.68 -2.72 40.02
CA SER E 227 -32.08 -2.36 40.08
C SER E 227 -32.44 -1.16 39.20
N LYS E 228 -31.44 -0.47 38.63
CA LYS E 228 -31.65 0.70 37.80
C LYS E 228 -30.95 0.59 36.44
N CYS E 229 -30.55 -0.61 36.05
CA CYS E 229 -29.76 -0.81 34.84
C CYS E 229 -30.53 -1.59 33.80
N VAL E 230 -30.39 -1.19 32.54
CA VAL E 230 -31.00 -1.87 31.40
C VAL E 230 -29.88 -2.38 30.50
N LEU E 231 -29.86 -3.68 30.24
CA LEU E 231 -28.88 -4.26 29.33
C LEU E 231 -29.53 -4.54 27.99
N VAL E 232 -29.05 -3.89 26.94
CA VAL E 232 -29.48 -4.17 25.58
C VAL E 232 -28.36 -4.96 24.92
N VAL E 233 -28.58 -6.24 24.67
CA VAL E 233 -27.53 -7.16 24.28
C VAL E 233 -27.89 -7.81 22.94
N THR E 234 -26.97 -7.75 21.98
CA THR E 234 -27.07 -8.58 20.80
C THR E 234 -25.70 -9.18 20.51
N THR E 235 -25.70 -10.46 20.19
CA THR E 235 -24.49 -11.26 20.08
C THR E 235 -24.02 -11.21 18.63
N SER E 236 -22.75 -11.57 18.42
CA SER E 236 -22.22 -11.66 17.06
C SER E 236 -22.83 -12.81 16.28
N ASP E 237 -23.49 -13.75 16.95
CA ASP E 237 -24.28 -14.77 16.28
C ASP E 237 -25.50 -14.18 15.56
N ARG E 238 -26.02 -13.06 16.05
CA ARG E 238 -27.31 -12.55 15.61
C ARG E 238 -27.23 -11.97 14.20
N PRO E 239 -28.39 -11.83 13.50
CA PRO E 239 -28.37 -11.27 12.14
C PRO E 239 -27.94 -9.82 12.03
N ALA E 240 -27.96 -9.30 10.80
CA ALA E 240 -27.22 -8.07 10.52
C ALA E 240 -27.94 -6.84 11.05
N LEU E 241 -29.27 -6.83 11.05
CA LEU E 241 -29.92 -5.58 11.42
C LEU E 241 -30.33 -5.57 12.89
N GLU E 242 -30.39 -6.72 13.55
CA GLU E 242 -30.45 -6.65 15.01
C GLU E 242 -29.16 -6.06 15.55
N ARG E 243 -28.04 -6.51 15.01
CA ARG E 243 -26.73 -5.99 15.33
C ARG E 243 -26.55 -4.56 14.85
N MET E 244 -27.33 -4.12 13.86
CA MET E 244 -27.28 -2.75 13.39
C MET E 244 -28.18 -1.82 14.21
N LYS E 245 -29.30 -2.31 14.72
CA LYS E 245 -30.29 -1.46 15.36
C LYS E 245 -30.26 -1.54 16.88
N ALA E 246 -29.35 -2.32 17.45
CA ALA E 246 -29.18 -2.31 18.90
C ALA E 246 -28.69 -0.97 19.42
N ALA E 247 -27.83 -0.28 18.66
CA ALA E 247 -27.36 1.04 19.08
C ALA E 247 -28.50 2.04 19.13
N PHE E 248 -29.43 1.95 18.18
CA PHE E 248 -30.57 2.85 18.16
C PHE E 248 -31.58 2.51 19.23
N THR E 249 -31.73 1.22 19.57
CA THR E 249 -32.61 0.85 20.67
C THR E 249 -32.07 1.33 22.00
N ALA E 250 -30.76 1.17 22.24
CA ALA E 250 -30.15 1.65 23.48
C ALA E 250 -30.19 3.17 23.57
N THR E 251 -30.05 3.86 22.43
CA THR E 251 -30.11 5.32 22.48
C THR E 251 -31.54 5.81 22.68
N THR E 252 -32.54 5.11 22.13
CA THR E 252 -33.93 5.47 22.35
C THR E 252 -34.33 5.28 23.81
N ILE E 253 -33.88 4.19 24.43
CA ILE E 253 -34.15 3.95 25.84
C ILE E 253 -33.45 4.98 26.73
N ALA E 254 -32.21 5.34 26.36
CA ALA E 254 -31.53 6.41 27.09
C ALA E 254 -32.22 7.75 26.93
N GLU E 255 -32.80 8.01 25.76
CA GLU E 255 -33.53 9.25 25.56
C GLU E 255 -34.85 9.26 26.31
N TYR E 256 -35.47 8.10 26.49
CA TYR E 256 -36.69 8.04 27.31
C TYR E 256 -36.39 8.37 28.76
N PHE E 257 -35.40 7.71 29.34
CA PHE E 257 -35.09 8.02 30.73
C PHE E 257 -34.39 9.36 30.89
N ARG E 258 -33.90 9.96 29.81
CA ARG E 258 -33.47 11.34 29.85
C ARG E 258 -34.68 12.27 29.91
N ASP E 259 -35.68 12.01 29.05
CA ASP E 259 -36.85 12.87 28.96
C ASP E 259 -37.77 12.74 30.16
N GLN E 260 -37.58 11.72 31.02
CA GLN E 260 -38.19 11.81 32.34
C GLN E 260 -37.55 12.91 33.17
N GLY E 261 -36.25 13.16 32.98
CA GLY E 261 -35.63 14.28 33.66
C GLY E 261 -34.45 13.93 34.55
N LYS E 262 -33.93 12.72 34.43
CA LYS E 262 -32.82 12.26 35.25
C LYS E 262 -31.64 11.95 34.35
N ASN E 263 -30.44 12.33 34.79
CA ASN E 263 -29.27 12.10 33.97
C ASN E 263 -28.88 10.62 34.00
N VAL E 264 -28.34 10.15 32.88
CA VAL E 264 -28.28 8.74 32.54
C VAL E 264 -26.93 8.45 31.93
N LEU E 265 -26.30 7.34 32.33
CA LEU E 265 -25.11 6.86 31.67
C LEU E 265 -25.48 5.87 30.58
N LEU E 266 -24.78 5.95 29.46
CA LEU E 266 -24.93 5.04 28.34
C LEU E 266 -23.56 4.51 27.99
N MET E 267 -23.47 3.21 27.77
CA MET E 267 -22.20 2.58 27.44
C MET E 267 -22.41 1.63 26.28
N MET E 268 -21.83 1.94 25.13
CA MET E 268 -21.86 1.03 24.00
C MET E 268 -20.54 0.29 23.93
N ASP E 269 -20.61 -1.01 23.75
CA ASP E 269 -19.43 -1.83 23.63
C ASP E 269 -19.27 -2.22 22.16
N SER E 270 -18.23 -1.67 21.52
CA SER E 270 -17.90 -1.85 20.11
C SER E 270 -19.02 -1.35 19.21
N VAL E 271 -19.12 -0.02 19.13
CA VAL E 271 -19.86 0.63 18.06
C VAL E 271 -19.26 0.34 16.68
N THR E 272 -18.02 -0.14 16.61
CA THR E 272 -17.47 -0.63 15.36
C THR E 272 -18.21 -1.87 14.88
N ARG E 273 -18.79 -2.65 15.79
CA ARG E 273 -19.63 -3.75 15.35
C ARG E 273 -20.92 -3.24 14.71
N TYR E 274 -21.46 -2.13 15.20
CA TYR E 274 -22.53 -1.44 14.48
C TYR E 274 -22.07 -0.99 13.11
N ALA E 275 -20.90 -0.37 13.02
CA ALA E 275 -20.44 0.17 11.75
C ALA E 275 -20.18 -0.92 10.72
N ARG E 276 -19.72 -2.08 11.17
CA ARG E 276 -19.47 -3.16 10.22
C ARG E 276 -20.74 -3.93 9.88
N ALA E 277 -21.73 -3.94 10.78
CA ALA E 277 -23.05 -4.45 10.40
C ALA E 277 -23.72 -3.55 9.36
N ALA E 278 -23.63 -2.24 9.54
CA ALA E 278 -24.19 -1.32 8.56
C ALA E 278 -23.43 -1.34 7.25
N ARG E 279 -22.12 -1.60 7.30
CA ARG E 279 -21.35 -1.78 6.07
C ARG E 279 -21.82 -3.02 5.31
N ASP E 280 -22.02 -4.14 6.03
CA ASP E 280 -22.49 -5.36 5.37
C ASP E 280 -23.90 -5.19 4.80
N VAL E 281 -24.74 -4.41 5.47
CA VAL E 281 -26.10 -4.15 4.97
C VAL E 281 -26.08 -3.27 3.74
N GLY E 282 -25.40 -2.13 3.80
CA GLY E 282 -25.49 -1.17 2.72
C GLY E 282 -24.69 -1.57 1.50
N LEU E 283 -23.58 -2.27 1.71
CA LEU E 283 -22.69 -2.61 0.61
C LEU E 283 -23.28 -3.67 -0.29
N ALA E 284 -24.13 -4.54 0.27
CA ALA E 284 -24.85 -5.56 -0.47
C ALA E 284 -26.19 -5.05 -0.99
N SER E 285 -26.32 -3.75 -1.20
CA SER E 285 -27.56 -3.14 -1.68
C SER E 285 -27.30 -2.22 -2.86
N GLY E 286 -26.12 -2.30 -3.47
CA GLY E 286 -25.78 -1.45 -4.60
C GLY E 286 -25.11 -0.15 -4.24
N GLU E 287 -24.40 -0.10 -3.13
CA GLU E 287 -23.79 1.14 -2.68
C GLU E 287 -22.29 0.95 -2.62
N PRO E 288 -21.50 1.83 -3.23
CA PRO E 288 -20.10 1.50 -3.47
C PRO E 288 -19.21 1.66 -2.25
N ASP E 289 -18.03 1.08 -2.35
CA ASP E 289 -16.93 1.36 -1.45
C ASP E 289 -16.55 2.83 -1.54
N VAL E 290 -16.09 3.38 -0.42
CA VAL E 290 -15.52 4.72 -0.43
C VAL E 290 -14.11 4.70 0.12
N ARG E 291 -13.93 4.34 1.40
CA ARG E 291 -12.60 4.45 1.98
C ARG E 291 -12.06 3.19 2.64
N GLY E 292 -12.91 2.33 3.17
CA GLY E 292 -12.38 1.16 3.82
C GLY E 292 -13.25 -0.04 3.62
N GLY E 293 -13.98 -0.05 2.52
CA GLY E 293 -15.12 -0.92 2.39
C GLY E 293 -16.41 -0.27 2.84
N PHE E 294 -16.33 0.85 3.54
CA PHE E 294 -17.53 1.42 4.10
C PHE E 294 -18.24 2.26 3.04
N PRO E 295 -19.55 2.15 2.95
CA PRO E 295 -20.33 2.96 2.02
C PRO E 295 -20.43 4.41 2.50
N PRO E 296 -21.05 5.32 1.74
CA PRO E 296 -21.31 6.66 2.28
C PRO E 296 -22.32 6.68 3.41
N SER E 297 -23.23 5.70 3.48
CA SER E 297 -24.30 5.72 4.47
C SER E 297 -23.79 5.47 5.88
N VAL E 298 -22.65 4.81 6.04
CA VAL E 298 -22.06 4.63 7.36
C VAL E 298 -21.60 5.98 7.92
N PHE E 299 -20.88 6.74 7.10
CA PHE E 299 -20.40 8.05 7.52
C PHE E 299 -21.52 9.07 7.58
N SER E 300 -22.66 8.79 6.95
CA SER E 300 -23.82 9.66 7.05
C SER E 300 -24.74 9.32 8.21
N SER E 301 -24.72 8.08 8.69
CA SER E 301 -25.59 7.67 9.79
C SER E 301 -24.87 7.51 11.12
N LEU E 302 -23.56 7.59 11.14
CA LEU E 302 -22.86 7.48 12.42
C LEU E 302 -22.82 8.78 13.23
N PRO E 303 -22.59 9.97 12.68
CA PRO E 303 -22.70 11.18 13.52
C PRO E 303 -24.11 11.62 13.85
N LYS E 304 -25.14 10.85 13.52
CA LYS E 304 -26.47 11.14 14.04
C LYS E 304 -26.82 10.23 15.21
N LEU E 305 -26.35 8.99 15.17
CA LEU E 305 -26.31 8.16 16.36
C LEU E 305 -25.47 8.81 17.45
N LEU E 306 -24.28 9.28 17.09
CA LEU E 306 -23.28 9.57 18.10
C LEU E 306 -23.45 10.96 18.70
N GLU E 307 -24.37 11.77 18.19
CA GLU E 307 -24.54 13.17 18.56
C GLU E 307 -25.75 13.40 19.46
N ARG E 308 -26.70 12.49 19.47
CA ARG E 308 -27.92 12.63 20.25
C ARG E 308 -27.75 12.26 21.72
N ALA E 309 -26.52 12.04 22.17
CA ALA E 309 -26.20 12.03 23.59
C ALA E 309 -25.78 13.43 24.00
N GLY E 310 -25.23 13.59 25.19
CA GLY E 310 -24.76 14.88 25.64
C GLY E 310 -25.79 15.61 26.48
N PRO E 311 -25.63 16.91 26.64
CA PRO E 311 -26.60 17.69 27.42
C PRO E 311 -27.91 17.87 26.67
N ALA E 312 -28.87 18.47 27.35
CA ALA E 312 -30.25 18.52 26.88
C ALA E 312 -30.97 19.60 27.68
N PRO E 313 -32.16 20.02 27.24
CA PRO E 313 -32.94 20.94 28.10
C PRO E 313 -33.35 20.34 29.43
N LYS E 314 -33.61 19.04 29.49
CA LYS E 314 -34.01 18.38 30.73
C LYS E 314 -33.33 17.02 30.84
N GLY E 315 -32.27 16.94 31.63
CA GLY E 315 -31.51 15.72 31.76
C GLY E 315 -30.27 15.75 30.89
N SER E 316 -29.51 14.67 30.96
CA SER E 316 -28.28 14.57 30.17
C SER E 316 -27.86 13.12 30.06
N ILE E 317 -27.75 12.62 28.84
CA ILE E 317 -27.08 11.36 28.57
C ILE E 317 -25.58 11.62 28.57
N THR E 318 -24.83 10.85 29.35
CA THR E 318 -23.38 10.82 29.24
C THR E 318 -22.98 9.43 28.77
N ALA E 319 -22.20 9.36 27.70
CA ALA E 319 -22.04 8.12 26.98
C ALA E 319 -20.58 7.78 26.82
N ILE E 320 -20.30 6.47 26.79
CA ILE E 320 -18.95 5.92 26.68
C ILE E 320 -18.98 4.90 25.55
N TYR E 321 -18.26 5.19 24.48
CA TYR E 321 -18.33 4.41 23.25
C TYR E 321 -17.04 3.65 23.07
N THR E 322 -17.07 2.35 23.26
CA THR E 322 -15.95 1.51 22.90
C THR E 322 -15.84 1.43 21.39
N VAL E 323 -14.65 1.74 20.85
CA VAL E 323 -14.41 1.71 19.42
C VAL E 323 -13.29 0.72 19.16
N LEU E 324 -13.55 -0.27 18.33
CA LEU E 324 -12.57 -1.31 18.04
C LEU E 324 -11.84 -0.91 16.77
N LEU E 325 -10.57 -0.57 16.90
CA LEU E 325 -9.78 -0.21 15.73
C LEU E 325 -9.53 -1.45 14.89
N GLU E 326 -9.37 -1.24 13.59
CA GLU E 326 -9.34 -2.35 12.64
C GLU E 326 -8.03 -3.09 12.79
N SER E 327 -6.93 -2.42 12.49
CA SER E 327 -5.62 -2.83 12.94
C SER E 327 -5.21 -1.89 14.07
N ASP E 328 -3.92 -1.90 14.42
CA ASP E 328 -3.39 -1.04 15.46
C ASP E 328 -2.97 0.34 14.92
N ASN E 329 -3.61 0.82 13.85
CA ASN E 329 -3.27 2.10 13.24
C ASN E 329 -4.30 3.18 13.59
N VAL E 330 -3.91 4.42 13.29
CA VAL E 330 -4.82 5.56 13.33
C VAL E 330 -5.19 6.05 11.94
N ASN E 331 -4.82 5.29 10.90
CA ASN E 331 -5.33 5.49 9.55
C ASN E 331 -6.53 4.57 9.32
N ASP E 332 -7.44 4.58 10.28
CA ASP E 332 -8.60 3.71 10.31
C ASP E 332 -9.79 4.57 9.94
N PRO E 333 -10.56 4.28 8.90
CA PRO E 333 -11.59 5.23 8.47
C PRO E 333 -12.78 5.33 9.38
N ILE E 334 -12.96 4.41 10.32
CA ILE E 334 -14.10 4.43 11.20
C ILE E 334 -13.69 4.67 12.65
N GLY E 335 -12.39 4.71 12.91
CA GLY E 335 -11.93 5.18 14.20
C GLY E 335 -11.50 6.63 14.16
N ASP E 336 -11.08 7.11 12.99
CA ASP E 336 -10.61 8.48 12.87
C ASP E 336 -11.78 9.46 12.95
N GLU E 337 -12.90 9.15 12.31
CA GLU E 337 -13.99 10.12 12.40
C GLU E 337 -14.70 10.06 13.74
N VAL E 338 -14.68 8.91 14.41
CA VAL E 338 -15.26 8.85 15.74
C VAL E 338 -14.33 9.58 16.72
N ARG E 339 -13.02 9.57 16.44
CA ARG E 339 -12.14 10.50 17.17
C ARG E 339 -12.46 11.95 16.86
N SER E 340 -12.90 12.23 15.62
CA SER E 340 -13.11 13.60 15.18
C SER E 340 -14.38 14.22 15.76
N ILE E 341 -15.46 13.46 15.90
CA ILE E 341 -16.74 14.05 16.26
C ILE E 341 -17.19 13.65 17.67
N LEU E 342 -16.24 13.41 18.57
CA LEU E 342 -16.52 13.00 19.94
C LEU E 342 -15.50 13.66 20.85
N ASP E 343 -15.96 14.23 21.96
CA ASP E 343 -15.09 15.00 22.85
C ASP E 343 -14.46 14.10 23.90
N GLY E 344 -13.22 13.69 23.67
CA GLY E 344 -12.51 12.88 24.63
C GLY E 344 -12.21 11.48 24.13
N HIS E 345 -10.96 11.20 23.81
CA HIS E 345 -10.56 9.91 23.25
C HIS E 345 -9.52 9.27 24.15
N ILE E 346 -9.80 8.06 24.60
CA ILE E 346 -8.92 7.29 25.47
C ILE E 346 -8.23 6.26 24.59
N VAL E 347 -6.95 6.43 24.30
CA VAL E 347 -6.25 5.53 23.40
C VAL E 347 -5.53 4.48 24.24
N LEU E 348 -6.00 3.25 24.17
CA LEU E 348 -5.33 2.12 24.79
C LEU E 348 -4.36 1.53 23.78
N THR E 349 -3.17 1.20 24.24
CA THR E 349 -2.10 0.77 23.35
C THR E 349 -1.64 -0.61 23.76
N ARG E 350 -1.56 -1.54 22.81
CA ARG E 350 -1.05 -2.86 23.14
C ARG E 350 0.46 -2.88 23.30
N GLU E 351 1.16 -1.86 22.83
CA GLU E 351 2.57 -1.69 23.16
C GLU E 351 2.79 -1.29 24.61
N LEU E 352 1.74 -1.01 25.37
CA LEU E 352 1.79 -0.99 26.83
C LEU E 352 1.17 -2.22 27.46
N ALA E 353 0.32 -2.95 26.74
CA ALA E 353 -0.21 -4.20 27.25
C ALA E 353 0.78 -5.35 27.15
N GLU E 354 1.87 -5.19 26.38
CA GLU E 354 2.92 -6.21 26.39
C GLU E 354 3.68 -6.20 27.71
N GLU E 355 3.92 -5.03 28.28
CA GLU E 355 4.68 -4.92 29.52
C GLU E 355 3.83 -5.14 30.76
N ASN E 356 2.61 -5.66 30.61
CA ASN E 356 1.67 -5.92 31.70
C ASN E 356 1.39 -4.65 32.51
N HIS E 357 1.09 -3.58 31.78
CA HIS E 357 0.80 -2.26 32.34
C HIS E 357 -0.68 -2.02 32.18
N PHE E 358 -1.47 -2.45 33.14
CA PHE E 358 -2.92 -2.38 32.97
C PHE E 358 -3.57 -1.48 34.00
N PRO E 359 -4.46 -0.55 33.60
CA PRO E 359 -5.01 -0.37 32.25
C PRO E 359 -4.09 0.38 31.32
N ALA E 360 -4.02 -0.05 30.06
CA ALA E 360 -2.99 0.40 29.13
C ALA E 360 -3.29 1.76 28.53
N ILE E 361 -3.59 2.75 29.36
CA ILE E 361 -3.98 4.07 28.87
C ILE E 361 -2.72 4.81 28.49
N ASP E 362 -2.64 5.22 27.23
CA ASP E 362 -1.53 6.03 26.74
C ASP E 362 -1.91 7.49 26.92
N ILE E 363 -1.29 8.15 27.90
CA ILE E 363 -1.67 9.50 28.27
C ILE E 363 -1.19 10.51 27.21
N GLY E 364 -0.20 10.13 26.40
CA GLY E 364 0.26 11.03 25.37
C GLY E 364 -0.73 11.13 24.21
N LEU E 365 -1.33 10.03 23.85
CA LEU E 365 -2.22 10.02 22.69
C LEU E 365 -3.66 10.32 23.07
N SER E 366 -3.95 10.52 24.35
CA SER E 366 -5.31 10.67 24.84
C SER E 366 -5.53 12.06 25.41
N ALA E 367 -6.76 12.54 25.30
CA ALA E 367 -7.12 13.85 25.81
C ALA E 367 -8.61 13.87 26.13
N SER E 368 -8.98 14.79 27.02
CA SER E 368 -10.36 15.06 27.35
C SER E 368 -10.65 16.54 27.10
N ARG E 369 -11.64 16.83 26.26
CA ARG E 369 -11.90 18.22 25.93
C ARG E 369 -12.53 19.01 27.05
N VAL E 370 -13.03 18.38 28.11
CA VAL E 370 -13.91 19.12 29.00
C VAL E 370 -13.31 19.19 30.42
N MET E 371 -12.01 19.00 30.56
CA MET E 371 -11.43 19.11 31.88
C MET E 371 -10.92 20.51 32.18
N HIS E 372 -10.86 21.39 31.19
CA HIS E 372 -10.61 22.80 31.43
C HIS E 372 -11.90 23.57 31.65
N ASN E 373 -13.02 22.87 31.84
CA ASN E 373 -14.29 23.48 32.18
C ASN E 373 -14.85 22.93 33.48
N VAL E 374 -14.15 21.99 34.12
CA VAL E 374 -14.73 21.23 35.21
C VAL E 374 -13.91 21.35 36.49
N VAL E 375 -12.65 20.93 36.44
CA VAL E 375 -11.87 20.74 37.66
C VAL E 375 -11.26 22.06 38.12
N THR E 376 -10.70 22.05 39.32
CA THR E 376 -10.05 23.23 39.87
C THR E 376 -8.73 23.50 39.17
N SER E 377 -8.20 24.70 39.38
CA SER E 377 -6.99 25.14 38.69
C SER E 377 -5.76 24.41 39.18
N GLU E 378 -5.70 24.08 40.47
CA GLU E 378 -4.56 23.32 40.97
C GLU E 378 -4.61 21.88 40.48
N HIS E 379 -5.82 21.36 40.26
CA HIS E 379 -5.95 20.02 39.69
C HIS E 379 -5.43 19.97 38.25
N LEU E 380 -5.79 20.98 37.43
CA LEU E 380 -5.25 21.09 36.08
C LEU E 380 -3.73 21.22 36.09
N ARG E 381 -3.20 22.03 37.01
CA ARG E 381 -1.75 22.23 37.06
C ARG E 381 -1.01 20.97 37.50
N ALA E 382 -1.55 20.24 38.48
CA ALA E 382 -0.88 19.03 38.95
C ALA E 382 -1.01 17.89 37.93
N ALA E 383 -2.15 17.81 37.24
CA ALA E 383 -2.33 16.79 36.22
C ALA E 383 -1.40 17.03 35.03
N ALA E 384 -1.24 18.30 34.61
CA ALA E 384 -0.29 18.60 33.55
C ALA E 384 1.15 18.40 34.00
N GLU E 385 1.44 18.62 35.29
CA GLU E 385 2.77 18.36 35.84
C GLU E 385 3.13 16.88 35.75
N CYS E 386 2.23 16.00 36.18
CA CYS E 386 2.58 14.59 36.09
C CYS E 386 2.47 14.01 34.70
N LYS E 387 1.71 14.63 33.78
CA LYS E 387 1.83 14.25 32.37
C LYS E 387 3.20 14.63 31.82
N LYS E 388 3.73 15.79 32.23
CA LYS E 388 5.10 16.15 31.89
C LYS E 388 6.10 15.14 32.42
N LEU E 389 5.90 14.67 33.65
CA LEU E 389 6.80 13.68 34.25
C LEU E 389 6.76 12.34 33.50
N ILE E 390 5.57 11.90 33.10
CA ILE E 390 5.45 10.66 32.32
C ILE E 390 6.13 10.82 30.96
N ALA E 391 5.88 11.94 30.29
CA ALA E 391 6.44 12.15 28.96
C ALA E 391 7.96 12.33 29.01
N THR E 392 8.49 12.86 30.11
CA THR E 392 9.93 12.99 30.25
C THR E 392 10.58 11.64 30.55
N TYR E 393 9.96 10.81 31.41
CA TYR E 393 10.52 9.49 31.63
C TYR E 393 10.43 8.60 30.40
N LYS E 394 9.48 8.87 29.50
CA LYS E 394 9.41 8.06 28.28
C LYS E 394 10.54 8.32 27.28
N ASN E 395 11.46 9.26 27.55
CA ASN E 395 12.67 9.34 26.73
C ASN E 395 13.96 9.58 27.51
N VAL E 396 13.91 9.72 28.83
CA VAL E 396 15.13 9.86 29.61
C VAL E 396 15.78 8.52 29.96
N GLU E 397 14.99 7.43 30.11
CA GLU E 397 15.52 6.18 30.63
C GLU E 397 16.50 5.49 29.68
N LEU E 398 16.51 5.89 28.40
CA LEU E 398 17.50 5.36 27.46
C LEU E 398 18.90 5.81 27.83
N LEU E 399 19.05 7.04 28.32
CA LEU E 399 20.32 7.49 28.88
C LEU E 399 20.41 7.22 30.37
N ILE E 400 19.52 6.40 30.92
CA ILE E 400 19.77 5.76 32.21
C ILE E 400 20.43 4.41 32.01
N ARG E 401 19.90 3.61 31.08
CA ARG E 401 20.45 2.29 30.83
C ARG E 401 21.83 2.36 30.19
N ILE E 402 22.04 3.33 29.31
CA ILE E 402 23.39 3.68 28.87
C ILE E 402 23.90 4.74 29.81
N GLY E 403 25.08 4.54 30.37
CA GLY E 403 25.53 5.37 31.48
C GLY E 403 25.92 6.79 31.15
N GLU E 404 24.96 7.63 30.73
CA GLU E 404 25.17 9.07 30.55
C GLU E 404 24.03 9.79 31.27
N TYR E 405 24.17 9.96 32.58
CA TYR E 405 23.15 10.68 33.34
C TYR E 405 23.83 11.31 34.55
N THR E 406 24.12 12.59 34.46
CA THR E 406 24.60 13.36 35.59
C THR E 406 23.39 13.97 36.29
N MET E 407 23.07 13.46 37.46
CA MET E 407 21.90 13.90 38.20
C MET E 407 22.15 15.29 38.77
N GLY E 408 21.40 16.28 38.28
CA GLY E 408 21.57 17.64 38.72
C GLY E 408 21.45 18.66 37.60
N GLN E 409 21.82 18.30 36.38
CA GLN E 409 21.83 19.30 35.31
C GLN E 409 20.43 19.54 34.74
N ASP E 410 19.72 18.47 34.37
CA ASP E 410 18.35 18.65 33.87
C ASP E 410 17.40 18.40 35.02
N PRO E 411 16.76 19.44 35.56
CA PRO E 411 16.00 19.25 36.81
C PRO E 411 14.75 18.41 36.64
N GLU E 412 14.05 18.56 35.51
CA GLU E 412 12.77 17.91 35.28
C GLU E 412 12.90 16.39 35.29
N ALA E 413 13.88 15.87 34.55
CA ALA E 413 14.18 14.44 34.55
C ALA E 413 14.55 13.94 35.93
N ASP E 414 15.23 14.78 36.73
CA ASP E 414 15.61 14.40 38.08
C ASP E 414 14.40 14.26 38.98
N LYS E 415 13.29 14.88 38.62
CA LYS E 415 12.05 14.72 39.35
C LYS E 415 11.14 13.71 38.68
N ALA E 416 11.47 13.28 37.46
CA ALA E 416 10.68 12.32 36.70
C ALA E 416 11.13 10.88 36.93
N ILE E 417 12.31 10.69 37.49
CA ILE E 417 12.82 9.37 37.84
C ILE E 417 12.65 9.08 39.33
N LYS E 418 12.78 10.11 40.16
CA LYS E 418 12.57 9.95 41.59
C LYS E 418 11.11 9.64 41.88
N ASN E 419 10.20 10.23 41.11
CA ASN E 419 8.77 9.99 41.23
C ASN E 419 8.28 8.95 40.23
N ARG E 420 9.14 8.02 39.81
CA ARG E 420 8.72 7.02 38.82
C ARG E 420 7.75 6.02 39.42
N LYS E 421 8.17 5.33 40.48
CA LYS E 421 7.36 4.28 41.08
C LYS E 421 6.08 4.83 41.71
N LEU E 422 6.12 6.08 42.16
CA LEU E 422 4.94 6.73 42.70
C LEU E 422 3.90 6.96 41.61
N ILE E 423 4.33 7.48 40.47
CA ILE E 423 3.45 7.68 39.31
C ILE E 423 2.93 6.33 38.80
N GLN E 424 3.80 5.33 38.72
CA GLN E 424 3.39 4.03 38.20
C GLN E 424 2.38 3.35 39.10
N ASN E 425 2.54 3.46 40.42
CA ASN E 425 1.49 2.95 41.28
C ASN E 425 0.27 3.85 41.32
N PHE E 426 0.37 5.09 40.84
CA PHE E 426 -0.84 5.91 40.70
C PHE E 426 -1.62 5.55 39.44
N ILE E 427 -0.93 5.23 38.36
CA ILE E 427 -1.59 5.06 37.06
C ILE E 427 -2.22 3.68 36.94
N GLN E 428 -1.43 2.63 37.00
CA GLN E 428 -2.02 1.31 36.83
C GLN E 428 -2.63 0.84 38.14
N GLN E 429 -3.86 0.36 38.06
CA GLN E 429 -4.54 -0.15 39.22
C GLN E 429 -5.22 -1.46 38.87
N SER E 430 -5.70 -2.15 39.89
CA SER E 430 -6.32 -3.45 39.73
C SER E 430 -7.71 -3.31 39.13
N THR E 431 -8.26 -4.45 38.70
CA THR E 431 -9.61 -4.46 38.16
C THR E 431 -10.64 -4.23 39.25
N LYS E 432 -10.36 -4.70 40.47
CA LYS E 432 -11.28 -4.61 41.59
C LYS E 432 -11.00 -3.44 42.51
N ASP E 433 -10.16 -2.51 42.10
CA ASP E 433 -9.77 -1.36 42.90
C ASP E 433 -10.52 -0.14 42.37
N ILE E 434 -11.64 0.19 42.99
CA ILE E 434 -12.36 1.43 42.71
C ILE E 434 -11.99 2.44 43.78
N SER E 435 -11.94 3.70 43.38
CA SER E 435 -11.43 4.76 44.25
C SER E 435 -12.23 6.03 44.02
N SER E 436 -12.64 6.68 45.10
CA SER E 436 -13.43 7.89 44.99
C SER E 436 -12.56 9.04 44.49
N TYR E 437 -13.24 10.12 44.10
CA TYR E 437 -12.61 11.24 43.43
C TYR E 437 -11.65 11.98 44.35
N GLU E 438 -11.97 12.02 45.63
CA GLU E 438 -11.11 12.69 46.60
C GLU E 438 -9.81 11.92 46.81
N LYS E 439 -9.88 10.58 46.81
CA LYS E 439 -8.65 9.79 46.99
C LYS E 439 -7.75 9.90 45.78
N THR E 440 -8.33 9.96 44.57
CA THR E 440 -7.54 10.14 43.36
C THR E 440 -6.85 11.50 43.36
N ILE E 441 -7.56 12.56 43.77
CA ILE E 441 -6.89 13.86 43.71
C ILE E 441 -5.91 14.05 44.87
N GLU E 442 -6.12 13.38 46.02
CA GLU E 442 -5.13 13.47 47.09
C GLU E 442 -3.86 12.69 46.74
N SER E 443 -4.01 11.53 46.12
CA SER E 443 -2.82 10.82 45.65
C SER E 443 -2.15 11.55 44.50
N LEU E 444 -2.92 12.33 43.72
CA LEU E 444 -2.36 13.17 42.68
C LEU E 444 -1.49 14.27 43.27
N PHE E 445 -1.98 14.93 44.32
CA PHE E 445 -1.20 15.97 44.97
C PHE E 445 0.00 15.40 45.70
N LYS E 446 -0.09 14.16 46.17
CA LYS E 446 1.07 13.51 46.76
C LYS E 446 2.11 13.16 45.69
N VAL E 447 1.66 12.67 44.54
CA VAL E 447 2.60 12.20 43.52
C VAL E 447 3.20 13.35 42.73
N VAL E 448 2.59 14.54 42.78
CA VAL E 448 3.23 15.71 42.20
C VAL E 448 4.23 16.31 43.17
N ALA E 449 3.86 16.43 44.45
CA ALA E 449 4.73 17.06 45.44
C ALA E 449 5.92 16.17 45.76
N GLU F 38 -43.10 17.03 -14.14
CA GLU F 38 -42.54 17.84 -13.06
C GLU F 38 -41.25 17.19 -12.57
N GLY F 39 -41.18 15.87 -12.73
CA GLY F 39 -40.02 15.11 -12.32
C GLY F 39 -40.30 14.12 -11.21
N LYS F 40 -40.42 12.85 -11.60
CA LYS F 40 -40.63 11.76 -10.64
C LYS F 40 -39.29 11.18 -10.24
N ILE F 41 -39.25 10.57 -9.05
CA ILE F 41 -38.05 9.93 -8.53
C ILE F 41 -38.08 8.47 -8.93
N ILE F 42 -37.06 8.04 -9.67
CA ILE F 42 -37.00 6.66 -10.14
C ILE F 42 -36.62 5.73 -8.99
N ASN F 43 -35.45 5.93 -8.39
CA ASN F 43 -35.02 5.04 -7.33
C ASN F 43 -34.16 5.78 -6.32
N ILE F 44 -33.84 5.08 -5.24
CA ILE F 44 -33.12 5.62 -4.11
C ILE F 44 -31.96 4.67 -3.78
N GLY F 45 -30.75 5.21 -3.76
CA GLY F 45 -29.59 4.36 -3.55
C GLY F 45 -28.81 4.65 -2.30
N GLY F 46 -29.49 4.86 -1.18
CA GLY F 46 -28.80 5.15 0.06
C GLY F 46 -28.62 6.63 0.27
N THR F 47 -27.73 7.26 -0.50
CA THR F 47 -27.57 8.71 -0.46
C THR F 47 -27.76 9.38 -1.80
N ILE F 48 -27.90 8.63 -2.90
CA ILE F 48 -27.98 9.19 -4.24
C ILE F 48 -29.34 8.84 -4.81
N ILE F 49 -30.13 9.85 -5.06
CA ILE F 49 -31.45 9.75 -5.68
C ILE F 49 -31.24 9.86 -7.18
N LYS F 50 -32.10 9.20 -7.96
CA LYS F 50 -32.07 9.32 -9.41
C LYS F 50 -33.47 9.65 -9.89
N ALA F 51 -33.62 10.77 -10.57
CA ALA F 51 -34.90 11.23 -11.06
C ALA F 51 -34.97 11.12 -12.57
N ARG F 52 -36.18 11.19 -13.10
CA ARG F 52 -36.41 11.12 -14.54
C ARG F 52 -37.03 12.46 -14.94
N LEU F 53 -36.17 13.41 -15.27
CA LEU F 53 -36.63 14.72 -15.65
C LEU F 53 -35.68 15.36 -16.67
N PRO F 54 -36.20 15.90 -17.77
CA PRO F 54 -35.35 16.62 -18.70
C PRO F 54 -35.15 18.07 -18.27
N LYS F 55 -34.48 18.86 -19.11
CA LYS F 55 -34.07 20.26 -18.92
C LYS F 55 -33.52 20.57 -17.53
N ALA F 56 -32.79 19.64 -16.94
CA ALA F 56 -32.20 19.88 -15.65
C ALA F 56 -30.92 20.69 -15.79
N ARG F 57 -30.38 21.10 -14.66
CA ARG F 57 -29.13 21.83 -14.59
C ARG F 57 -28.25 21.10 -13.59
N ILE F 58 -26.93 21.22 -13.73
CA ILE F 58 -26.06 20.83 -12.63
C ILE F 58 -26.18 21.90 -11.55
N GLY F 59 -26.30 21.48 -10.30
CA GLY F 59 -26.48 22.41 -9.22
C GLY F 59 -27.89 22.94 -9.09
N ALA F 60 -28.85 22.41 -9.84
CA ALA F 60 -30.24 22.82 -9.70
C ALA F 60 -30.83 22.20 -8.45
N PHE F 61 -31.13 23.01 -7.47
CA PHE F 61 -31.72 22.51 -6.24
C PHE F 61 -33.18 22.14 -6.49
N TYR F 62 -33.47 20.85 -6.45
CA TYR F 62 -34.84 20.37 -6.57
C TYR F 62 -35.48 20.31 -5.19
N LYS F 63 -36.69 19.79 -5.15
CA LYS F 63 -37.53 19.97 -3.96
C LYS F 63 -38.55 18.85 -3.94
N ILE F 64 -38.67 18.16 -2.81
CA ILE F 64 -39.82 17.26 -2.65
C ILE F 64 -41.08 18.10 -2.51
N GLU F 65 -42.09 17.79 -3.32
CA GLU F 65 -43.29 18.63 -3.32
C GLU F 65 -44.19 18.40 -2.10
N PRO F 66 -44.52 17.14 -1.65
CA PRO F 66 -45.33 17.05 -0.42
C PRO F 66 -44.55 17.30 0.88
N SER F 67 -43.31 16.81 0.98
CA SER F 67 -42.63 16.78 2.26
C SER F 67 -41.84 18.03 2.57
N GLN F 68 -41.62 18.90 1.57
CA GLN F 68 -40.80 20.11 1.67
C GLN F 68 -39.39 19.80 2.15
N ARG F 69 -38.85 18.69 1.67
CA ARG F 69 -37.42 18.43 1.68
C ARG F 69 -36.87 18.81 0.32
N LEU F 70 -35.57 19.09 0.25
CA LEU F 70 -35.00 19.59 -0.98
C LEU F 70 -33.65 18.92 -1.25
N ALA F 71 -33.34 18.77 -2.53
CA ALA F 71 -32.25 17.95 -3.00
C ALA F 71 -31.54 18.68 -4.13
N GLU F 72 -30.27 18.31 -4.35
CA GLU F 72 -29.37 19.06 -5.22
C GLU F 72 -28.71 18.12 -6.22
N VAL F 73 -28.45 18.62 -7.43
CA VAL F 73 -28.00 17.81 -8.57
C VAL F 73 -26.48 17.77 -8.62
N ILE F 74 -25.92 16.57 -8.78
CA ILE F 74 -24.50 16.42 -9.02
C ILE F 74 -24.17 15.95 -10.44
N ALA F 75 -25.03 15.16 -11.08
CA ALA F 75 -24.71 14.70 -12.42
C ALA F 75 -26.00 14.42 -13.17
N ILE F 76 -25.94 14.53 -14.49
CA ILE F 76 -27.12 14.20 -15.29
C ILE F 76 -26.76 13.05 -16.21
N ASP F 77 -27.76 12.24 -16.53
CA ASP F 77 -27.72 11.35 -17.67
C ASP F 77 -28.37 12.11 -18.83
N GLU F 78 -28.76 11.41 -19.89
CA GLU F 78 -29.50 12.05 -20.98
C GLU F 78 -30.86 12.53 -20.49
N ASP F 79 -31.62 11.65 -19.88
CA ASP F 79 -32.94 11.98 -19.38
C ASP F 79 -33.07 11.82 -17.89
N GLU F 80 -32.31 10.91 -17.28
CA GLU F 80 -32.27 10.77 -15.84
C GLU F 80 -31.21 11.70 -15.23
N VAL F 81 -31.30 11.89 -13.92
CA VAL F 81 -30.47 12.84 -13.18
C VAL F 81 -30.08 12.21 -11.85
N PHE F 82 -28.78 12.06 -11.61
CA PHE F 82 -28.25 11.72 -10.30
C PHE F 82 -28.17 12.96 -9.43
N LEU F 83 -28.99 12.99 -8.37
CA LEU F 83 -29.02 14.10 -7.43
C LEU F 83 -28.90 13.53 -6.02
N LEU F 84 -28.67 14.39 -5.03
CA LEU F 84 -28.54 13.86 -3.67
C LEU F 84 -29.20 14.81 -2.68
N PRO F 85 -29.86 14.28 -1.65
CA PRO F 85 -30.65 15.13 -0.77
C PRO F 85 -29.86 15.71 0.39
N PHE F 86 -30.38 16.81 0.93
CA PHE F 86 -29.94 17.29 2.23
C PHE F 86 -30.47 16.36 3.30
N GLU F 87 -31.78 16.32 3.48
CA GLU F 87 -32.40 15.73 4.66
C GLU F 87 -32.41 14.20 4.57
N HIS F 88 -33.23 13.58 5.40
CA HIS F 88 -33.19 12.13 5.53
C HIS F 88 -33.78 11.46 4.30
N VAL F 89 -33.65 10.13 4.27
CA VAL F 89 -33.99 9.31 3.12
C VAL F 89 -35.26 8.49 3.37
N SER F 90 -35.51 8.07 4.61
CA SER F 90 -36.57 7.14 4.97
C SER F 90 -37.96 7.74 4.69
N GLY F 91 -38.73 7.06 3.85
CA GLY F 91 -40.05 7.50 3.44
C GLY F 91 -40.21 7.71 1.96
N MET F 92 -39.15 7.62 1.17
CA MET F 92 -39.18 8.01 -0.23
C MET F 92 -39.43 6.79 -1.10
N TYR F 93 -40.45 6.89 -1.95
CA TYR F 93 -40.89 5.79 -2.81
C TYR F 93 -40.76 6.19 -4.28
N CYS F 94 -41.19 5.29 -5.16
CA CYS F 94 -41.06 5.49 -6.60
C CYS F 94 -42.22 6.32 -7.11
N GLY F 95 -41.98 7.59 -7.38
CA GLY F 95 -43.02 8.41 -7.97
C GLY F 95 -43.25 9.71 -7.25
N GLN F 96 -42.33 10.09 -6.37
CA GLN F 96 -42.45 11.35 -5.68
C GLN F 96 -42.11 12.51 -6.61
N TRP F 97 -42.84 13.60 -6.46
CA TRP F 97 -42.69 14.73 -7.37
C TRP F 97 -41.56 15.64 -6.90
N LEU F 98 -40.99 16.35 -7.86
CA LEU F 98 -39.89 17.27 -7.60
C LEU F 98 -40.25 18.64 -8.15
N SER F 99 -40.54 19.57 -7.24
CA SER F 99 -40.53 20.98 -7.59
C SER F 99 -39.12 21.35 -8.01
N TYR F 100 -39.01 22.07 -9.13
CA TYR F 100 -37.68 22.40 -9.62
C TYR F 100 -37.11 23.63 -8.95
N GLN F 101 -37.97 24.56 -8.56
CA GLN F 101 -37.73 25.60 -7.56
C GLN F 101 -36.68 26.64 -8.01
N GLY F 102 -36.14 26.50 -9.22
CA GLY F 102 -35.11 27.40 -9.69
C GLY F 102 -33.93 26.73 -10.38
N ASP F 103 -32.77 27.37 -10.34
CA ASP F 103 -31.60 26.94 -11.10
C ASP F 103 -30.34 26.83 -10.26
N GLU F 104 -30.12 27.76 -9.32
CA GLU F 104 -29.05 27.63 -8.34
C GLU F 104 -29.53 28.26 -7.04
N PHE F 105 -29.11 27.67 -5.93
CA PHE F 105 -29.61 28.13 -4.64
C PHE F 105 -28.87 29.38 -4.20
N LYS F 106 -29.65 30.39 -3.81
CA LYS F 106 -29.13 31.68 -3.43
C LYS F 106 -29.75 32.11 -2.12
N ILE F 107 -28.95 32.72 -1.29
CA ILE F 107 -29.35 33.03 0.08
C ILE F 107 -29.91 34.44 0.16
N ARG F 108 -30.95 34.60 0.97
CA ARG F 108 -31.58 35.91 1.15
C ARG F 108 -30.75 36.71 2.14
N VAL F 109 -30.11 37.76 1.65
CA VAL F 109 -29.13 38.52 2.42
C VAL F 109 -29.68 39.93 2.63
N GLY F 110 -29.56 40.43 3.85
CA GLY F 110 -29.96 41.79 4.14
C GLY F 110 -29.11 42.40 5.24
N ASP F 111 -29.40 43.66 5.54
CA ASP F 111 -28.77 44.32 6.67
C ASP F 111 -29.37 43.86 7.98
N ALA F 112 -30.55 43.25 7.95
CA ALA F 112 -31.23 42.81 9.16
C ALA F 112 -30.77 41.43 9.64
N LEU F 113 -29.69 40.88 9.07
CA LEU F 113 -29.13 39.64 9.59
C LEU F 113 -28.33 39.83 10.87
N LEU F 114 -28.02 41.07 11.23
CA LEU F 114 -27.12 41.33 12.35
C LEU F 114 -27.78 40.95 13.67
N GLY F 115 -27.02 40.24 14.50
CA GLY F 115 -27.56 39.77 15.76
C GLY F 115 -28.55 38.64 15.63
N ARG F 116 -28.51 37.89 14.53
CA ARG F 116 -29.48 36.84 14.28
C ARG F 116 -28.74 35.57 13.89
N LEU F 117 -29.14 34.45 14.51
CA LEU F 117 -28.62 33.14 14.16
C LEU F 117 -29.09 32.72 12.78
N ILE F 118 -28.30 31.86 12.13
CA ILE F 118 -28.55 31.48 10.75
C ILE F 118 -27.90 30.11 10.53
N ASP F 119 -28.53 29.29 9.67
CA ASP F 119 -28.09 27.95 9.39
C ASP F 119 -27.03 28.01 8.27
N GLY F 120 -26.65 26.89 7.69
CA GLY F 120 -25.61 26.88 6.68
C GLY F 120 -26.08 27.22 5.28
N ILE F 121 -27.38 27.23 5.03
CA ILE F 121 -27.89 27.61 3.72
C ILE F 121 -28.70 28.90 3.80
N GLY F 122 -28.61 29.63 4.91
CA GLY F 122 -29.20 30.93 5.03
C GLY F 122 -30.51 30.98 5.78
N ARG F 123 -31.17 29.85 5.98
CA ARG F 123 -32.42 29.85 6.72
C ARG F 123 -32.15 30.11 8.20
N PRO F 124 -33.09 30.74 8.92
CA PRO F 124 -32.85 31.05 10.33
C PRO F 124 -32.85 29.80 11.20
N MET F 125 -32.18 29.91 12.35
CA MET F 125 -32.02 28.76 13.22
C MET F 125 -33.30 28.48 14.00
N GLU F 126 -33.70 29.41 14.86
CA GLU F 126 -34.84 29.19 15.73
C GLU F 126 -36.10 29.81 15.14
N SER F 127 -37.25 29.29 15.59
CA SER F 127 -38.52 29.92 15.34
C SER F 127 -38.93 30.86 16.47
N ASN F 128 -38.01 31.15 17.38
CA ASN F 128 -38.31 31.98 18.53
C ASN F 128 -38.51 33.44 18.11
N ILE F 129 -37.80 33.88 17.09
CA ILE F 129 -37.97 35.20 16.51
C ILE F 129 -38.37 35.02 15.06
N VAL F 130 -39.38 35.79 14.62
CA VAL F 130 -39.77 35.74 13.21
C VAL F 130 -38.68 36.36 12.35
N ALA F 131 -38.66 35.95 11.09
CA ALA F 131 -37.61 36.39 10.19
C ALA F 131 -37.88 37.83 9.74
N PRO F 132 -36.85 38.67 9.68
CA PRO F 132 -37.04 40.07 9.29
C PRO F 132 -37.14 40.20 7.77
N TYR F 133 -37.14 41.45 7.31
CA TYR F 133 -37.14 41.73 5.88
C TYR F 133 -35.80 41.35 5.28
N LEU F 134 -35.84 40.63 4.16
CA LEU F 134 -34.65 40.19 3.44
C LEU F 134 -34.89 40.52 1.98
N PRO F 135 -34.74 41.79 1.57
CA PRO F 135 -35.20 42.19 0.24
C PRO F 135 -34.25 41.86 -0.89
N PHE F 136 -33.01 41.48 -0.60
CA PHE F 136 -32.00 41.22 -1.62
C PHE F 136 -31.57 39.76 -1.57
N GLU F 137 -31.27 39.22 -2.74
CA GLU F 137 -30.84 37.84 -2.88
C GLU F 137 -29.61 37.83 -3.78
N ARG F 138 -28.67 36.93 -3.50
CA ARG F 138 -27.50 36.78 -4.35
C ARG F 138 -26.94 35.37 -4.17
N SER F 139 -26.29 34.88 -5.22
CA SER F 139 -25.85 33.51 -5.30
C SER F 139 -24.62 33.27 -4.43
N LEU F 140 -24.37 31.99 -4.15
CA LEU F 140 -23.23 31.61 -3.33
C LEU F 140 -21.92 31.69 -4.10
N TYR F 141 -21.98 31.81 -5.43
CA TYR F 141 -20.82 31.66 -6.28
C TYR F 141 -20.59 32.94 -7.04
N ALA F 142 -19.34 33.42 -7.03
CA ALA F 142 -18.98 34.68 -7.65
C ALA F 142 -17.59 34.56 -8.24
N GLU F 143 -17.28 35.48 -9.14
CA GLU F 143 -16.01 35.45 -9.85
C GLU F 143 -15.01 36.34 -9.13
N PRO F 144 -13.87 35.82 -8.68
CA PRO F 144 -12.88 36.64 -7.99
C PRO F 144 -12.05 37.44 -8.98
N PRO F 145 -11.38 38.50 -8.51
CA PRO F 145 -10.32 39.10 -9.32
C PRO F 145 -9.11 38.20 -9.41
N ASP F 146 -8.29 38.44 -10.42
CA ASP F 146 -7.13 37.59 -10.67
C ASP F 146 -6.04 37.84 -9.62
N PRO F 147 -5.21 36.83 -9.33
CA PRO F 147 -4.13 37.03 -8.34
C PRO F 147 -2.99 37.90 -8.82
N LEU F 148 -2.95 38.29 -10.09
CA LEU F 148 -1.89 39.16 -10.58
C LEU F 148 -2.09 40.61 -10.19
N LEU F 149 -3.31 41.01 -9.82
CA LEU F 149 -3.62 42.39 -9.47
C LEU F 149 -3.76 42.57 -7.96
N ARG F 150 -2.92 41.91 -7.18
CA ARG F 150 -2.90 42.10 -5.73
C ARG F 150 -2.42 43.51 -5.39
N GLN F 151 -2.90 44.01 -4.26
CA GLN F 151 -2.75 45.41 -3.89
C GLN F 151 -1.72 45.58 -2.78
N VAL F 152 -1.25 46.81 -2.64
CA VAL F 152 -0.54 47.17 -1.42
C VAL F 152 -1.54 47.24 -0.28
N ILE F 153 -1.05 47.04 0.94
CA ILE F 153 -1.89 47.05 2.12
C ILE F 153 -1.36 48.07 3.12
N ASP F 154 -2.27 48.81 3.73
CA ASP F 154 -1.99 49.70 4.86
C ASP F 154 -3.25 49.67 5.72
N GLN F 155 -3.46 50.72 6.55
CA GLN F 155 -4.56 50.85 7.52
C GLN F 155 -4.50 49.70 8.52
N PRO F 156 -3.63 49.79 9.53
CA PRO F 156 -3.41 48.66 10.47
C PRO F 156 -4.69 48.19 11.16
N PHE F 157 -4.80 46.87 11.28
CA PHE F 157 -6.01 46.20 11.73
C PHE F 157 -5.80 45.82 13.19
N ILE F 158 -6.20 46.72 14.09
CA ILE F 158 -6.11 46.42 15.51
C ILE F 158 -7.13 45.35 15.86
N LEU F 159 -6.67 44.31 16.55
CA LEU F 159 -7.38 43.04 16.61
C LEU F 159 -7.60 42.53 18.03
N GLY F 160 -6.79 42.95 18.99
CA GLY F 160 -7.12 42.77 20.40
C GLY F 160 -6.05 42.20 21.30
N VAL F 161 -5.30 41.22 20.83
CA VAL F 161 -4.31 40.54 21.67
C VAL F 161 -2.96 41.22 21.50
N ARG F 162 -2.26 41.39 22.62
CA ARG F 162 -1.05 42.22 22.65
C ARG F 162 0.08 41.61 21.84
N ALA F 163 0.09 40.28 21.70
CA ALA F 163 1.19 39.56 21.07
C ALA F 163 1.28 39.92 19.59
N ILE F 164 0.23 39.66 18.82
CA ILE F 164 0.34 39.99 17.40
C ILE F 164 0.12 41.47 17.16
N ASP F 165 -0.80 42.12 17.88
CA ASP F 165 -1.04 43.54 17.64
C ASP F 165 0.09 44.44 18.13
N GLY F 166 1.09 43.88 18.82
CA GLY F 166 2.36 44.56 18.96
C GLY F 166 3.41 44.04 18.00
N LEU F 167 3.37 42.74 17.68
CA LEU F 167 4.50 42.12 16.99
C LEU F 167 4.19 41.56 15.61
N LEU F 168 2.97 41.11 15.34
CA LEU F 168 2.62 40.59 14.02
C LEU F 168 1.37 41.33 13.55
N THR F 169 1.54 42.57 13.11
CA THR F 169 0.41 43.48 13.02
C THR F 169 -0.18 43.40 11.61
N CYS F 170 -1.47 43.12 11.54
CA CYS F 170 -2.13 42.82 10.28
C CYS F 170 -2.88 44.04 9.75
N GLY F 171 -3.39 43.90 8.53
CA GLY F 171 -4.09 44.96 7.86
C GLY F 171 -5.51 44.59 7.50
N ILE F 172 -6.18 45.44 6.71
CA ILE F 172 -7.60 45.23 6.41
C ILE F 172 -7.77 44.09 5.42
N GLY F 173 -6.78 43.84 4.59
CA GLY F 173 -6.93 42.79 3.60
C GLY F 173 -6.21 41.50 3.91
N GLN F 174 -5.39 41.50 4.94
CA GLN F 174 -4.59 40.31 5.26
C GLN F 174 -5.48 39.22 5.82
N ARG F 175 -5.62 38.14 5.09
CA ARG F 175 -6.30 36.95 5.59
C ARG F 175 -5.30 36.07 6.33
N ILE F 176 -5.65 35.68 7.56
CA ILE F 176 -4.74 35.05 8.50
C ILE F 176 -5.20 33.63 8.75
N GLY F 177 -4.28 32.68 8.73
CA GLY F 177 -4.62 31.32 9.09
C GLY F 177 -4.04 30.88 10.42
N ILE F 178 -4.90 30.59 11.40
CA ILE F 178 -4.44 30.15 12.72
C ILE F 178 -4.29 28.64 12.72
N PHE F 179 -3.12 28.16 13.13
CA PHE F 179 -2.84 26.72 13.20
C PHE F 179 -2.79 26.31 14.65
N ALA F 180 -3.80 25.58 15.10
CA ALA F 180 -3.98 25.27 16.50
C ALA F 180 -4.52 23.87 16.66
N GLY F 181 -3.82 23.04 17.44
CA GLY F 181 -4.29 21.70 17.72
C GLY F 181 -5.41 21.63 18.74
N SER F 182 -5.40 20.60 19.57
CA SER F 182 -6.44 20.41 20.56
C SER F 182 -5.88 20.64 21.96
N GLY F 183 -6.73 21.11 22.87
CA GLY F 183 -6.29 21.42 24.21
C GLY F 183 -5.33 22.58 24.27
N VAL F 184 -5.63 23.65 23.55
CA VAL F 184 -4.67 24.72 23.29
C VAL F 184 -5.37 26.06 23.49
N GLY F 185 -6.69 26.03 23.57
CA GLY F 185 -7.44 27.25 23.78
C GLY F 185 -7.56 28.11 22.55
N LYS F 186 -8.20 27.57 21.51
CA LYS F 186 -8.45 28.33 20.29
C LYS F 186 -9.75 29.13 20.38
N SER F 187 -10.77 28.56 21.04
CA SER F 187 -12.07 29.21 21.09
C SER F 187 -12.06 30.46 21.94
N THR F 188 -11.31 30.45 23.04
CA THR F 188 -11.18 31.66 23.86
C THR F 188 -10.39 32.74 23.12
N LEU F 189 -9.40 32.33 22.32
CA LEU F 189 -8.66 33.31 21.52
C LEU F 189 -9.55 33.94 20.46
N LEU F 190 -10.31 33.13 19.72
CA LEU F 190 -11.24 33.65 18.74
C LEU F 190 -12.32 34.52 19.37
N GLY F 191 -12.75 34.18 20.58
CA GLY F 191 -13.75 34.99 21.24
C GLY F 191 -13.20 36.32 21.73
N MET F 192 -11.95 36.33 22.18
CA MET F 192 -11.38 37.58 22.64
C MET F 192 -10.83 38.43 21.50
N ILE F 193 -10.73 37.87 20.28
CA ILE F 193 -10.44 38.72 19.12
C ILE F 193 -11.66 38.96 18.26
N CYS F 194 -12.82 38.41 18.63
CA CYS F 194 -14.08 39.00 18.19
C CYS F 194 -14.41 40.24 18.99
N ASN F 195 -13.87 40.35 20.19
CA ASN F 195 -13.98 41.55 21.00
C ASN F 195 -12.79 42.44 20.71
N GLY F 196 -13.03 43.73 20.52
CA GLY F 196 -11.94 44.64 20.26
C GLY F 196 -11.35 44.57 18.87
N ALA F 197 -11.98 43.84 17.96
CA ALA F 197 -11.55 43.84 16.57
C ALA F 197 -12.07 45.08 15.86
N SER F 198 -11.25 45.62 14.95
CA SER F 198 -11.63 46.81 14.19
C SER F 198 -12.48 46.36 13.00
N ALA F 199 -13.73 46.03 13.30
CA ALA F 199 -14.66 45.58 12.27
C ALA F 199 -16.02 46.17 12.55
N ASP F 200 -16.62 46.79 11.54
CA ASP F 200 -17.99 47.27 11.69
C ASP F 200 -18.98 46.13 11.71
N ILE F 201 -18.76 45.12 10.86
CA ILE F 201 -19.56 43.90 10.83
C ILE F 201 -18.63 42.75 11.12
N ILE F 202 -19.09 41.79 11.91
CA ILE F 202 -18.27 40.68 12.38
C ILE F 202 -19.01 39.38 12.04
N VAL F 203 -18.68 38.80 10.90
CA VAL F 203 -19.30 37.56 10.44
C VAL F 203 -18.40 36.42 10.87
N LEU F 204 -18.96 35.41 11.52
CA LEU F 204 -18.19 34.27 11.96
C LEU F 204 -18.95 33.00 11.58
N ALA F 205 -18.24 32.04 10.99
CA ALA F 205 -18.85 30.80 10.54
C ALA F 205 -18.40 29.65 11.43
N LEU F 206 -19.36 29.00 12.07
CA LEU F 206 -19.11 27.78 12.83
C LEU F 206 -19.60 26.62 11.98
N ILE F 207 -18.73 25.68 11.70
CA ILE F 207 -18.96 24.70 10.66
C ILE F 207 -18.60 23.30 11.15
N GLY F 208 -19.60 22.40 11.12
CA GLY F 208 -19.41 21.01 11.46
C GLY F 208 -19.20 20.71 12.92
N GLU F 209 -19.24 21.70 13.80
CA GLU F 209 -18.75 21.52 15.16
C GLU F 209 -19.80 20.85 16.04
N ARG F 210 -19.56 20.84 17.35
CA ARG F 210 -20.27 20.02 18.31
C ARG F 210 -21.33 20.86 19.00
N GLY F 211 -22.47 20.22 19.33
CA GLY F 211 -23.64 20.92 19.80
C GLY F 211 -23.48 21.65 21.11
N ARG F 212 -22.48 21.27 21.90
CA ARG F 212 -22.19 22.01 23.12
C ARG F 212 -21.25 23.19 22.86
N GLU F 213 -20.43 23.11 21.82
CA GLU F 213 -19.40 24.13 21.61
C GLU F 213 -19.98 25.43 21.09
N VAL F 214 -21.13 25.38 20.43
CA VAL F 214 -21.77 26.61 19.98
C VAL F 214 -22.27 27.43 21.18
N ASN F 215 -22.81 26.77 22.21
CA ASN F 215 -23.22 27.51 23.40
C ASN F 215 -22.01 27.95 24.21
N GLU F 216 -20.98 27.10 24.32
CA GLU F 216 -19.76 27.48 25.04
C GLU F 216 -19.01 28.62 24.36
N PHE F 217 -19.22 28.83 23.06
CA PHE F 217 -18.63 29.97 22.38
C PHE F 217 -19.52 31.21 22.41
N LEU F 218 -20.84 31.05 22.28
CA LEU F 218 -21.74 32.20 22.34
C LEU F 218 -21.86 32.77 23.75
N ALA F 219 -21.49 32.00 24.78
CA ALA F 219 -21.55 32.54 26.13
C ALA F 219 -20.51 33.63 26.35
N LEU F 220 -19.31 33.47 25.77
CA LEU F 220 -18.21 34.38 26.01
C LEU F 220 -18.14 35.53 25.00
N LEU F 221 -19.22 35.80 24.28
CA LEU F 221 -19.39 36.99 23.46
C LEU F 221 -20.41 37.91 24.10
N PRO F 222 -20.08 39.16 24.39
CA PRO F 222 -21.05 40.06 25.03
C PRO F 222 -22.13 40.50 24.06
N GLN F 223 -23.14 41.17 24.62
CA GLN F 223 -24.22 41.72 23.81
C GLN F 223 -23.75 42.90 22.98
N SER F 224 -22.68 43.59 23.41
CA SER F 224 -22.05 44.62 22.60
C SER F 224 -21.47 44.08 21.31
N THR F 225 -21.11 42.80 21.29
CA THR F 225 -20.69 42.09 20.09
C THR F 225 -21.84 41.32 19.45
N LEU F 226 -22.66 40.63 20.24
CA LEU F 226 -23.73 39.82 19.71
C LEU F 226 -24.87 40.63 19.12
N SER F 227 -24.92 41.94 19.34
CA SER F 227 -25.83 42.81 18.61
C SER F 227 -25.23 43.27 17.29
N LYS F 228 -24.04 42.81 16.96
CA LYS F 228 -23.30 43.23 15.79
C LYS F 228 -22.91 42.08 14.87
N CYS F 229 -22.81 40.85 15.39
CA CYS F 229 -22.49 39.69 14.59
C CYS F 229 -23.65 39.25 13.71
N VAL F 230 -23.32 38.49 12.68
CA VAL F 230 -24.21 37.49 12.09
C VAL F 230 -23.40 36.21 11.95
N LEU F 231 -23.94 35.10 12.45
CA LEU F 231 -23.09 33.96 12.73
C LEU F 231 -23.74 32.67 12.26
N VAL F 232 -23.08 32.00 11.32
CA VAL F 232 -23.53 30.73 10.76
C VAL F 232 -23.07 29.62 11.67
N VAL F 233 -24.01 28.83 12.18
CA VAL F 233 -23.68 27.62 12.92
C VAL F 233 -24.28 26.43 12.18
N THR F 234 -23.54 25.33 12.19
CA THR F 234 -24.03 24.06 11.68
C THR F 234 -23.26 22.97 12.39
N THR F 235 -23.98 21.92 12.81
CA THR F 235 -23.42 20.91 13.69
C THR F 235 -23.09 19.65 12.90
N SER F 236 -22.50 18.67 13.59
CA SER F 236 -22.09 17.45 12.91
C SER F 236 -23.26 16.56 12.55
N ASP F 237 -24.40 16.74 13.20
CA ASP F 237 -25.63 16.08 12.78
C ASP F 237 -26.09 16.54 11.41
N ARG F 238 -25.75 17.76 11.02
CA ARG F 238 -26.22 18.34 9.79
C ARG F 238 -25.51 17.71 8.59
N PRO F 239 -26.17 17.60 7.45
CA PRO F 239 -25.62 16.88 6.31
C PRO F 239 -24.41 17.58 5.73
N ALA F 240 -23.61 16.80 4.99
CA ALA F 240 -22.33 17.27 4.47
C ALA F 240 -22.50 18.35 3.42
N LEU F 241 -23.66 18.36 2.76
CA LEU F 241 -23.88 19.30 1.67
C LEU F 241 -24.06 20.72 2.22
N GLU F 242 -24.90 20.88 3.23
CA GLU F 242 -24.97 22.20 3.85
C GLU F 242 -23.81 22.46 4.79
N ARG F 243 -23.14 21.42 5.30
CA ARG F 243 -21.92 21.66 6.04
C ARG F 243 -20.75 22.07 5.16
N MET F 244 -20.87 22.01 3.83
CA MET F 244 -19.91 22.74 3.01
C MET F 244 -20.49 24.00 2.41
N LYS F 245 -21.81 24.11 2.27
CA LYS F 245 -22.40 25.37 1.83
C LYS F 245 -22.43 26.44 2.91
N ALA F 246 -22.12 26.08 4.17
CA ALA F 246 -21.97 27.10 5.21
C ALA F 246 -20.79 28.02 4.92
N ALA F 247 -19.73 27.50 4.29
CA ALA F 247 -18.58 28.31 3.92
C ALA F 247 -18.95 29.36 2.89
N PHE F 248 -19.67 28.95 1.85
CA PHE F 248 -20.07 29.88 0.82
C PHE F 248 -21.14 30.84 1.31
N THR F 249 -22.00 30.40 2.24
CA THR F 249 -22.98 31.30 2.85
C THR F 249 -22.31 32.39 3.65
N ALA F 250 -21.29 32.04 4.44
CA ALA F 250 -20.57 33.03 5.22
C ALA F 250 -19.80 33.99 4.33
N THR F 251 -19.15 33.47 3.28
CA THR F 251 -18.40 34.35 2.38
C THR F 251 -19.34 35.26 1.59
N THR F 252 -20.51 34.76 1.19
CA THR F 252 -21.48 35.56 0.46
C THR F 252 -22.07 36.67 1.32
N ILE F 253 -22.43 36.36 2.57
CA ILE F 253 -22.97 37.39 3.46
C ILE F 253 -21.90 38.41 3.80
N ALA F 254 -20.67 37.96 4.02
CA ALA F 254 -19.61 38.89 4.35
C ALA F 254 -19.19 39.74 3.15
N GLU F 255 -19.38 39.24 1.93
CA GLU F 255 -19.11 40.08 0.77
C GLU F 255 -20.27 40.99 0.41
N TYR F 256 -21.49 40.65 0.80
CA TYR F 256 -22.57 41.63 0.69
C TYR F 256 -22.34 42.78 1.66
N PHE F 257 -21.97 42.46 2.90
CA PHE F 257 -21.62 43.53 3.84
C PHE F 257 -20.31 44.21 3.49
N ARG F 258 -19.49 43.62 2.62
CA ARG F 258 -18.35 44.34 2.07
C ARG F 258 -18.79 45.43 1.11
N ASP F 259 -19.87 45.21 0.37
CA ASP F 259 -20.29 46.12 -0.68
C ASP F 259 -20.99 47.36 -0.17
N GLN F 260 -21.42 47.39 1.10
CA GLN F 260 -22.12 48.55 1.63
C GLN F 260 -21.17 49.60 2.20
N GLY F 261 -19.91 49.62 1.79
CA GLY F 261 -18.96 50.59 2.29
C GLY F 261 -18.59 50.33 3.73
N LYS F 262 -18.29 49.07 4.04
CA LYS F 262 -17.93 48.66 5.39
C LYS F 262 -16.70 47.77 5.32
N ASN F 263 -15.92 47.76 6.39
CA ASN F 263 -14.93 46.71 6.60
C ASN F 263 -15.51 45.64 7.50
N VAL F 264 -15.26 44.39 7.14
CA VAL F 264 -15.93 43.26 7.77
C VAL F 264 -14.90 42.17 8.04
N LEU F 265 -14.98 41.54 9.20
CA LEU F 265 -14.14 40.40 9.55
C LEU F 265 -14.91 39.11 9.29
N LEU F 266 -14.22 38.13 8.74
CA LEU F 266 -14.80 36.83 8.40
C LEU F 266 -13.97 35.76 9.07
N MET F 267 -14.55 35.07 10.05
CA MET F 267 -13.92 33.90 10.63
C MET F 267 -14.49 32.61 10.04
N MET F 268 -13.66 31.58 10.06
CA MET F 268 -14.10 30.23 9.70
C MET F 268 -13.30 29.27 10.58
N ASP F 269 -13.96 28.67 11.56
CA ASP F 269 -13.22 27.75 12.43
C ASP F 269 -13.07 26.40 11.75
N SER F 270 -11.86 25.87 11.80
CA SER F 270 -11.53 24.51 11.38
C SER F 270 -11.91 24.29 9.91
N VAL F 271 -11.11 24.94 9.04
CA VAL F 271 -11.15 24.73 7.60
C VAL F 271 -11.06 23.26 7.24
N THR F 272 -10.32 22.47 8.04
CA THR F 272 -10.28 21.02 7.89
C THR F 272 -11.64 20.36 8.00
N ARG F 273 -12.57 20.94 8.76
CA ARG F 273 -13.92 20.39 8.76
C ARG F 273 -14.67 20.71 7.48
N TYR F 274 -14.41 21.88 6.88
CA TYR F 274 -14.90 22.14 5.54
C TYR F 274 -14.28 21.18 4.53
N ALA F 275 -13.01 20.81 4.73
CA ALA F 275 -12.34 19.87 3.85
C ALA F 275 -12.95 18.48 3.95
N ARG F 276 -13.25 18.01 5.16
CA ARG F 276 -13.84 16.68 5.27
C ARG F 276 -15.31 16.67 4.85
N ALA F 277 -16.01 17.80 4.99
CA ALA F 277 -17.38 17.88 4.48
C ALA F 277 -17.41 17.83 2.96
N ALA F 278 -16.55 18.62 2.31
CA ALA F 278 -16.48 18.60 0.86
C ALA F 278 -15.92 17.30 0.34
N ARG F 279 -15.08 16.62 1.14
CA ARG F 279 -14.64 15.28 0.79
C ARG F 279 -15.79 14.29 0.78
N ASP F 280 -16.67 14.35 1.79
CA ASP F 280 -17.82 13.44 1.79
C ASP F 280 -18.77 13.73 0.64
N VAL F 281 -18.95 15.01 0.29
CA VAL F 281 -19.80 15.35 -0.85
C VAL F 281 -19.17 14.86 -2.16
N GLY F 282 -17.86 15.00 -2.30
CA GLY F 282 -17.21 14.60 -3.53
C GLY F 282 -17.10 13.10 -3.70
N LEU F 283 -16.86 12.38 -2.62
CA LEU F 283 -16.74 10.92 -2.71
C LEU F 283 -18.09 10.25 -2.76
N ALA F 284 -19.11 10.83 -2.15
CA ALA F 284 -20.46 10.31 -2.33
C ALA F 284 -20.97 10.55 -3.75
N SER F 285 -20.49 11.61 -4.39
CA SER F 285 -20.81 11.85 -5.79
C SER F 285 -20.01 10.96 -6.73
N GLY F 286 -18.76 10.66 -6.37
CA GLY F 286 -17.93 9.73 -7.10
C GLY F 286 -16.76 10.38 -7.78
N GLU F 287 -15.58 10.28 -7.15
CA GLU F 287 -14.34 10.91 -7.55
C GLU F 287 -13.18 10.08 -7.03
N PRO F 288 -12.11 9.92 -7.81
CA PRO F 288 -10.94 9.22 -7.30
C PRO F 288 -10.08 10.11 -6.41
N ASP F 289 -9.66 9.56 -5.27
CA ASP F 289 -8.86 10.34 -4.34
C ASP F 289 -7.44 10.54 -4.86
N VAL F 290 -6.81 11.62 -4.42
CA VAL F 290 -5.55 12.09 -4.97
C VAL F 290 -4.43 12.03 -3.93
N ARG F 291 -4.61 12.72 -2.81
CA ARG F 291 -3.62 12.76 -1.74
C ARG F 291 -4.32 12.46 -0.43
N GLY F 292 -3.96 11.35 0.19
CA GLY F 292 -4.65 10.86 1.36
C GLY F 292 -5.93 10.16 0.96
N GLY F 293 -7.05 10.83 1.19
CA GLY F 293 -8.33 10.33 0.76
C GLY F 293 -9.16 11.42 0.14
N PHE F 294 -8.61 12.63 0.08
CA PHE F 294 -9.34 13.77 -0.44
C PHE F 294 -9.45 13.68 -1.96
N PRO F 295 -10.58 14.07 -2.53
CA PRO F 295 -10.71 14.16 -3.98
C PRO F 295 -9.94 15.35 -4.52
N PRO F 296 -9.82 15.51 -5.85
CA PRO F 296 -9.28 16.77 -6.37
C PRO F 296 -10.26 17.91 -6.33
N SER F 297 -11.56 17.65 -6.09
CA SER F 297 -12.54 18.72 -6.11
C SER F 297 -12.42 19.60 -4.88
N VAL F 298 -11.90 19.08 -3.76
CA VAL F 298 -11.71 19.93 -2.60
C VAL F 298 -10.51 20.86 -2.82
N PHE F 299 -9.51 20.40 -3.58
CA PHE F 299 -8.41 21.24 -4.03
C PHE F 299 -8.80 22.11 -5.21
N SER F 300 -9.95 21.85 -5.81
CA SER F 300 -10.51 22.76 -6.79
C SER F 300 -11.28 23.89 -6.11
N SER F 301 -11.99 23.56 -5.02
CA SER F 301 -12.86 24.55 -4.39
C SER F 301 -12.14 25.41 -3.36
N LEU F 302 -11.18 24.85 -2.62
CA LEU F 302 -10.58 25.55 -1.49
C LEU F 302 -9.73 26.78 -1.87
N PRO F 303 -8.90 26.76 -2.94
CA PRO F 303 -8.39 28.05 -3.44
C PRO F 303 -9.48 28.98 -3.91
N LYS F 304 -10.46 28.48 -4.66
CA LYS F 304 -11.61 29.28 -5.06
C LYS F 304 -12.49 29.67 -3.90
N LEU F 305 -12.35 29.04 -2.74
CA LEU F 305 -13.04 29.50 -1.55
C LEU F 305 -12.28 30.63 -0.86
N LEU F 306 -10.95 30.60 -0.82
CA LEU F 306 -10.29 31.51 0.13
C LEU F 306 -9.09 32.23 -0.47
N GLU F 307 -9.06 32.44 -1.79
CA GLU F 307 -8.21 33.50 -2.34
C GLU F 307 -9.04 34.68 -2.79
N ARG F 308 -10.36 34.55 -2.84
CA ARG F 308 -11.28 35.67 -2.83
C ARG F 308 -11.37 36.25 -1.43
N ALA F 309 -12.22 37.27 -1.27
CA ALA F 309 -12.53 37.94 0.00
C ALA F 309 -11.28 38.55 0.64
N GLY F 310 -10.76 39.57 -0.01
CA GLY F 310 -9.60 40.28 0.48
C GLY F 310 -9.75 41.80 0.55
N PRO F 311 -8.67 42.54 0.25
CA PRO F 311 -8.69 44.02 0.31
C PRO F 311 -9.38 44.68 -0.87
N ALA F 312 -10.69 44.77 -0.80
CA ALA F 312 -11.35 45.48 -1.88
C ALA F 312 -11.39 46.98 -1.58
N PRO F 313 -11.29 47.83 -2.61
CA PRO F 313 -11.21 49.28 -2.36
C PRO F 313 -12.52 49.93 -1.90
N LYS F 314 -13.66 49.28 -2.11
CA LYS F 314 -14.96 49.84 -1.73
C LYS F 314 -15.34 49.48 -0.29
N GLY F 315 -14.38 49.08 0.53
CA GLY F 315 -14.65 48.42 1.79
C GLY F 315 -14.07 47.02 1.65
N SER F 316 -13.50 46.47 2.72
CA SER F 316 -12.75 45.24 2.57
C SER F 316 -13.19 44.22 3.61
N ILE F 317 -12.55 43.05 3.54
CA ILE F 317 -12.97 41.88 4.30
C ILE F 317 -11.74 41.11 4.76
N THR F 318 -11.50 41.13 6.08
CA THR F 318 -10.33 40.53 6.70
C THR F 318 -10.71 39.15 7.22
N ALA F 319 -9.98 38.13 6.81
CA ALA F 319 -10.36 36.76 7.11
C ALA F 319 -9.43 36.14 8.14
N ILE F 320 -10.02 35.32 9.01
CA ILE F 320 -9.30 34.55 10.02
C ILE F 320 -9.80 33.12 9.90
N TYR F 321 -8.93 32.22 9.44
CA TYR F 321 -9.26 30.83 9.18
C TYR F 321 -8.51 29.98 10.18
N THR F 322 -9.14 28.95 10.72
CA THR F 322 -8.38 28.07 11.60
C THR F 322 -8.21 26.70 10.96
N VAL F 323 -7.09 26.05 11.26
CA VAL F 323 -6.73 24.74 10.72
C VAL F 323 -6.08 23.95 11.85
N LEU F 324 -6.57 22.75 12.13
CA LEU F 324 -5.98 22.04 13.25
C LEU F 324 -4.69 21.36 12.82
N LEU F 325 -3.86 21.05 13.82
CA LEU F 325 -2.62 20.31 13.57
C LEU F 325 -2.74 18.90 14.13
N PRO F 333 -2.12 17.08 5.32
CA PRO F 333 -2.13 17.01 3.86
C PRO F 333 -2.73 18.25 3.24
N ILE F 334 -3.24 19.16 4.08
CA ILE F 334 -3.73 20.45 3.63
C ILE F 334 -3.15 21.60 4.43
N GLY F 335 -2.31 21.34 5.43
CA GLY F 335 -1.80 22.42 6.27
C GLY F 335 -0.79 23.29 5.56
N ASP F 336 0.16 22.67 4.85
CA ASP F 336 1.07 23.42 3.98
C ASP F 336 0.31 24.07 2.85
N GLU F 337 -0.73 23.41 2.36
CA GLU F 337 -1.57 23.96 1.30
C GLU F 337 -2.31 25.21 1.76
N VAL F 338 -2.64 25.31 3.04
CA VAL F 338 -3.28 26.52 3.52
C VAL F 338 -2.25 27.59 3.84
N ARG F 339 -1.15 27.25 4.54
CA ARG F 339 -0.21 28.32 4.85
C ARG F 339 0.66 28.74 3.66
N SER F 340 0.54 28.09 2.50
CA SER F 340 1.13 28.59 1.28
C SER F 340 0.13 29.31 0.40
N ILE F 341 -1.11 29.48 0.86
CA ILE F 341 -2.16 30.06 0.04
C ILE F 341 -2.69 31.36 0.64
N LEU F 342 -2.42 31.65 1.91
CA LEU F 342 -2.79 32.93 2.49
C LEU F 342 -1.60 33.50 3.26
N ASP F 343 -1.66 34.79 3.55
CA ASP F 343 -0.50 35.55 4.00
C ASP F 343 -0.51 35.76 5.51
N GLY F 344 0.49 35.23 6.19
CA GLY F 344 0.67 35.49 7.60
C GLY F 344 -0.07 34.50 8.46
N HIS F 345 0.65 33.52 9.00
CA HIS F 345 0.04 32.42 9.73
C HIS F 345 0.45 32.47 11.20
N ILE F 346 -0.52 32.26 12.07
CA ILE F 346 -0.29 32.15 13.51
C ILE F 346 -0.33 30.67 13.85
N VAL F 347 0.63 30.21 14.64
CA VAL F 347 0.65 28.82 15.11
C VAL F 347 0.38 28.83 16.61
N LEU F 348 -0.39 27.86 17.07
CA LEU F 348 -0.63 27.63 18.49
C LEU F 348 -0.20 26.22 18.84
N THR F 349 0.63 26.08 19.86
CA THR F 349 1.10 24.77 20.31
C THR F 349 0.62 24.53 21.74
N ARG F 350 0.05 23.35 21.98
CA ARG F 350 -0.43 23.03 23.33
C ARG F 350 0.72 22.69 24.26
N GLU F 351 1.91 22.47 23.71
CA GLU F 351 3.13 22.44 24.52
C GLU F 351 3.40 23.81 25.15
N LEU F 352 3.00 24.88 24.49
CA LEU F 352 3.18 26.20 25.08
C LEU F 352 2.09 26.48 26.10
N ALA F 353 0.92 25.86 25.95
CA ALA F 353 -0.15 25.91 26.94
C ALA F 353 -0.03 24.83 28.00
N GLU F 354 1.08 24.09 28.00
CA GLU F 354 1.41 23.22 29.12
C GLU F 354 1.63 24.03 30.39
N GLU F 355 2.20 25.23 30.26
CA GLU F 355 2.21 26.21 31.32
C GLU F 355 0.90 26.99 31.30
N ASN F 356 0.72 27.88 32.28
CA ASN F 356 -0.42 28.78 32.25
C ASN F 356 0.00 30.05 31.49
N HIS F 357 0.18 29.88 30.18
CA HIS F 357 0.49 30.98 29.30
C HIS F 357 -0.60 31.05 28.23
N PHE F 358 -1.71 31.74 28.56
CA PHE F 358 -2.77 31.93 27.59
C PHE F 358 -2.80 33.39 27.15
N PRO F 359 -2.77 33.70 25.84
CA PRO F 359 -2.88 32.85 24.65
C PRO F 359 -1.69 31.94 24.37
N ALA F 360 -1.98 30.75 23.84
CA ALA F 360 -0.97 29.73 23.60
C ALA F 360 -0.22 29.97 22.30
N ILE F 361 0.34 31.14 22.16
CA ILE F 361 0.96 31.59 20.93
C ILE F 361 2.48 31.46 21.08
N ASP F 362 3.14 31.04 20.02
CA ASP F 362 4.59 31.06 19.97
C ASP F 362 5.02 32.06 18.92
N ILE F 363 5.76 33.08 19.36
CA ILE F 363 6.16 34.16 18.47
C ILE F 363 7.30 33.71 17.57
N GLY F 364 8.06 32.70 17.99
CA GLY F 364 9.27 32.34 17.27
C GLY F 364 9.02 31.70 15.92
N LEU F 365 7.86 31.06 15.73
CA LEU F 365 7.57 30.41 14.45
C LEU F 365 6.21 30.80 13.88
N SER F 366 5.57 31.83 14.41
CA SER F 366 4.41 32.44 13.79
C SER F 366 4.84 33.71 13.06
N ALA F 367 4.25 33.97 11.91
CA ALA F 367 4.72 35.01 11.01
C ALA F 367 3.56 35.85 10.50
N SER F 368 3.91 37.04 10.03
CA SER F 368 2.96 37.94 9.36
C SER F 368 3.69 38.60 8.20
N ARG F 369 3.26 38.31 6.97
CA ARG F 369 4.05 38.67 5.80
C ARG F 369 4.01 40.16 5.52
N VAL F 370 2.92 40.83 5.84
CA VAL F 370 2.72 42.23 5.47
C VAL F 370 2.62 43.06 6.75
N MET F 371 3.78 43.52 7.23
CA MET F 371 3.87 44.59 8.22
C MET F 371 4.63 45.79 7.69
N HIS F 372 5.67 45.56 6.90
CA HIS F 372 6.44 46.63 6.28
C HIS F 372 5.59 47.45 5.32
N ASN F 373 4.61 46.82 4.66
CA ASN F 373 3.63 47.57 3.91
C ASN F 373 2.68 48.31 4.84
N VAL F 374 2.47 47.79 6.06
CA VAL F 374 1.44 48.33 6.94
C VAL F 374 2.04 49.25 8.00
N VAL F 375 2.93 48.74 8.84
CA VAL F 375 3.45 49.50 9.97
C VAL F 375 4.83 50.01 9.57
N THR F 376 5.34 50.97 10.33
CA THR F 376 6.59 51.65 9.99
C THR F 376 7.80 50.74 10.25
N SER F 377 8.97 51.25 9.87
CA SER F 377 10.21 50.49 10.01
C SER F 377 10.73 50.48 11.43
N GLU F 378 10.44 51.54 12.20
CA GLU F 378 10.87 51.61 13.59
C GLU F 378 10.18 50.55 14.45
N HIS F 379 8.84 50.49 14.37
CA HIS F 379 8.09 49.49 15.10
C HIS F 379 8.38 48.08 14.58
N LEU F 380 8.67 47.95 13.28
CA LEU F 380 9.04 46.65 12.73
C LEU F 380 10.35 46.16 13.30
N ARG F 381 11.34 47.05 13.41
CA ARG F 381 12.63 46.62 13.95
C ARG F 381 12.56 46.39 15.45
N ALA F 382 11.71 47.15 16.17
CA ALA F 382 11.52 46.90 17.59
C ALA F 382 10.86 45.54 17.84
N ALA F 383 9.83 45.22 17.05
CA ALA F 383 9.19 43.91 17.15
C ALA F 383 10.13 42.78 16.72
N ALA F 384 11.02 43.06 15.76
CA ALA F 384 11.98 42.05 15.34
C ALA F 384 13.01 41.77 16.43
N GLU F 385 13.46 42.81 17.13
CA GLU F 385 14.43 42.57 18.19
C GLU F 385 13.76 41.94 19.40
N CYS F 386 12.45 42.16 19.59
CA CYS F 386 11.74 41.40 20.61
C CYS F 386 11.58 39.93 20.23
N LYS F 387 11.29 39.63 18.95
CA LYS F 387 11.19 38.24 18.53
C LYS F 387 12.51 37.50 18.71
N LYS F 388 13.60 38.13 18.31
CA LYS F 388 14.90 37.50 18.52
C LYS F 388 15.46 37.72 19.93
N LEU F 389 14.75 38.46 20.77
CA LEU F 389 15.03 38.53 22.21
C LEU F 389 14.41 37.35 22.95
N ILE F 390 13.18 37.00 22.60
CA ILE F 390 12.58 35.77 23.12
C ILE F 390 13.28 34.55 22.56
N ALA F 391 13.66 34.58 21.27
CA ALA F 391 14.09 33.37 20.58
C ALA F 391 15.48 32.92 21.02
N THR F 392 16.20 33.77 21.76
CA THR F 392 17.47 33.33 22.33
C THR F 392 17.35 32.89 23.78
N TYR F 393 16.17 33.05 24.39
CA TYR F 393 16.01 32.65 25.78
C TYR F 393 15.93 31.14 25.94
N LYS F 394 15.29 30.44 25.00
CA LYS F 394 15.38 28.98 24.99
C LYS F 394 16.67 28.51 24.32
N ASN F 395 17.42 29.43 23.72
CA ASN F 395 18.78 29.17 23.28
C ASN F 395 19.80 29.47 24.38
N VAL F 396 19.35 30.02 25.51
CA VAL F 396 20.21 30.15 26.67
C VAL F 396 19.70 29.33 27.86
N GLU F 397 18.44 28.87 27.83
CA GLU F 397 17.91 28.06 28.91
C GLU F 397 18.57 26.69 28.97
N LEU F 398 18.90 26.10 27.83
CA LEU F 398 19.50 24.77 27.80
C LEU F 398 20.93 24.75 28.33
N LEU F 399 21.58 25.91 28.45
CA LEU F 399 22.90 26.00 29.08
C LEU F 399 22.83 26.56 30.49
N ILE F 400 21.65 26.99 30.95
CA ILE F 400 21.42 27.15 32.39
C ILE F 400 21.48 25.78 33.06
N ARG F 401 21.02 24.75 32.36
CA ARG F 401 20.91 23.41 32.92
C ARG F 401 22.27 22.80 33.24
N ILE F 402 23.14 22.69 32.23
CA ILE F 402 24.48 22.17 32.48
C ILE F 402 25.32 23.27 33.13
N GLY F 403 26.28 22.88 33.95
CA GLY F 403 27.04 23.84 34.73
C GLY F 403 28.14 24.55 33.98
N GLU F 404 27.78 25.38 33.00
CA GLU F 404 28.77 26.17 32.29
C GLU F 404 28.28 27.58 31.99
N TYR F 405 27.24 28.07 32.68
CA TYR F 405 26.62 29.35 32.37
C TYR F 405 27.56 30.51 32.70
N THR F 406 27.95 31.25 31.67
CA THR F 406 28.95 32.30 31.78
C THR F 406 28.36 33.63 31.33
N MET F 407 28.99 34.70 31.79
CA MET F 407 28.75 36.07 31.36
C MET F 407 29.88 36.51 30.44
N GLY F 408 29.94 37.81 30.17
CA GLY F 408 31.01 38.37 29.37
C GLY F 408 30.50 38.81 28.03
N GLN F 409 29.67 37.96 27.41
CA GLN F 409 28.90 38.33 26.24
C GLN F 409 27.67 37.44 26.18
N ASP F 410 26.50 38.07 26.24
CA ASP F 410 25.22 37.45 25.90
C ASP F 410 24.32 38.51 25.28
N PRO F 411 24.73 39.12 24.15
CA PRO F 411 24.20 40.44 23.78
C PRO F 411 22.72 40.46 23.42
N GLU F 412 22.16 39.32 23.01
CA GLU F 412 20.72 39.16 22.88
C GLU F 412 20.10 38.51 24.09
N ALA F 413 20.91 37.85 24.93
CA ALA F 413 20.42 37.04 26.03
C ALA F 413 20.61 37.67 27.41
N ASP F 414 21.58 38.56 27.58
CA ASP F 414 21.77 39.17 28.89
C ASP F 414 20.70 40.20 29.19
N LYS F 415 20.30 40.96 28.18
CA LYS F 415 19.20 41.92 28.33
C LYS F 415 17.85 41.21 28.39
N ALA F 416 17.77 39.98 27.86
CA ALA F 416 16.52 39.23 27.92
C ALA F 416 16.25 38.71 29.33
N ILE F 417 17.28 38.17 29.99
CA ILE F 417 17.08 37.52 31.29
C ILE F 417 16.76 38.57 32.36
N LYS F 418 17.38 39.75 32.27
CA LYS F 418 17.03 40.80 33.21
C LYS F 418 15.65 41.40 32.90
N ASN F 419 15.37 41.68 31.64
CA ASN F 419 14.08 42.24 31.25
C ASN F 419 13.19 41.16 30.63
N ARG F 420 12.99 40.08 31.38
CA ARG F 420 12.04 39.02 31.01
C ARG F 420 10.65 39.26 31.60
N LYS F 421 10.56 39.98 32.72
CA LYS F 421 9.27 40.15 33.39
C LYS F 421 8.32 41.04 32.59
N LEU F 422 8.85 42.09 31.96
CA LEU F 422 8.02 42.93 31.10
C LEU F 422 7.62 42.19 29.83
N ILE F 423 8.49 41.29 29.34
CA ILE F 423 8.15 40.41 28.23
C ILE F 423 6.95 39.53 28.59
N GLN F 424 7.03 38.82 29.70
CA GLN F 424 6.00 37.88 30.07
C GLN F 424 4.80 38.54 30.75
N ASN F 425 4.84 39.85 30.96
CA ASN F 425 3.62 40.61 31.24
C ASN F 425 3.08 41.29 29.98
N PHE F 426 3.87 41.33 28.92
CA PHE F 426 3.45 41.93 27.66
C PHE F 426 2.71 40.95 26.77
N ILE F 427 3.25 39.76 26.56
CA ILE F 427 2.62 38.78 25.68
C ILE F 427 1.78 37.81 26.49
N GLN F 428 1.38 38.22 27.70
CA GLN F 428 0.50 37.42 28.54
C GLN F 428 -0.50 38.33 29.23
N GLN F 429 -1.75 38.27 28.77
CA GLN F 429 -2.84 39.04 29.34
C GLN F 429 -4.02 38.12 29.60
N SER F 430 -5.09 38.67 30.16
CA SER F 430 -6.20 37.87 30.66
C SER F 430 -7.14 37.49 29.51
N THR F 431 -8.33 37.01 29.87
CA THR F 431 -9.35 36.72 28.87
C THR F 431 -10.15 37.94 28.47
N LYS F 432 -10.18 38.97 29.31
CA LYS F 432 -10.88 40.22 29.02
C LYS F 432 -9.97 41.40 29.35
N ASP F 433 -8.77 41.38 28.79
CA ASP F 433 -7.88 42.54 28.78
C ASP F 433 -7.75 42.96 27.31
N ILE F 434 -8.66 43.81 26.87
CA ILE F 434 -8.62 44.35 25.52
C ILE F 434 -7.79 45.62 25.53
N SER F 435 -6.72 45.63 24.76
CA SER F 435 -5.73 46.70 24.81
C SER F 435 -5.84 47.62 23.61
N SER F 436 -5.72 48.92 23.86
CA SER F 436 -5.79 49.91 22.81
C SER F 436 -4.52 49.87 21.95
N TYR F 437 -4.63 50.40 20.73
CA TYR F 437 -3.49 50.35 19.83
C TYR F 437 -2.40 51.34 20.22
N GLU F 438 -2.79 52.45 20.84
CA GLU F 438 -1.80 53.45 21.23
C GLU F 438 -1.02 53.03 22.46
N LYS F 439 -1.53 52.11 23.27
CA LYS F 439 -0.80 51.66 24.45
C LYS F 439 -0.03 50.37 24.24
N THR F 440 -0.41 49.55 23.24
CA THR F 440 0.40 48.42 22.85
C THR F 440 1.75 48.85 22.33
N ILE F 441 1.77 49.91 21.50
CA ILE F 441 3.02 50.37 20.92
C ILE F 441 3.90 51.05 21.97
N GLU F 442 3.31 51.76 22.93
CA GLU F 442 4.10 52.37 23.99
C GLU F 442 4.62 51.31 24.97
N SER F 443 3.79 50.32 25.27
CA SER F 443 4.21 49.21 26.11
C SER F 443 5.34 48.44 25.47
N LEU F 444 5.27 48.25 24.15
CA LEU F 444 6.38 47.64 23.42
C LEU F 444 7.60 48.56 23.39
N PHE F 445 7.38 49.88 23.44
CA PHE F 445 8.52 50.80 23.43
C PHE F 445 9.26 50.81 24.75
N LYS F 446 8.60 50.50 25.87
CA LYS F 446 9.39 50.29 27.09
C LYS F 446 9.62 48.81 27.38
N VAL F 447 9.18 47.93 26.49
CA VAL F 447 9.67 46.55 26.46
C VAL F 447 11.00 46.45 25.74
N VAL F 448 11.18 47.19 24.64
CA VAL F 448 12.47 47.21 23.96
C VAL F 448 13.52 48.01 24.74
N ALA F 449 13.09 48.82 25.70
CA ALA F 449 14.02 49.51 26.58
C ALA F 449 14.13 48.77 27.89
#